data_2FX8
#
_entry.id   2FX8
#
_cell.length_a   53.454
_cell.length_b   113.253
_cell.length_c   149.961
_cell.angle_alpha   90.00
_cell.angle_beta   94.15
_cell.angle_gamma   90.00
#
_symmetry.space_group_name_H-M   'P 1 21 1'
#
loop_
_entity.id
_entity.type
_entity.pdbx_description
1 polymer 'Fab 4E10'
2 polymer 'Fab 4E10'
3 polymer 'Fragment of HIV glycoprotein (GP41)'
4 water water
#
loop_
_entity_poly.entity_id
_entity_poly.type
_entity_poly.pdbx_seq_one_letter_code
_entity_poly.pdbx_strand_id
1 'polypeptide(L)'
;EIVLTQSPGTQSLSPGERATLSCRASQSVGNNKLAWYQQRPGQAPRLLIYGASSRPSGVADRFSGSGSGTDFTLTISRLE
PEDFAVYYCQQYGQSLSTFGQGTKVEVKRTVAAPSVFIFPPSDEQLKSGTASVVCLLNNFYPREAKVQWKVDNALQSGNS
QESVTEQDSKDSTYSLSSTLTLSKADYEKHKVYACEVTHQGLSSPVTKSFNRGE
;
L,M,N,O
2 'polypeptide(L)'
;QVQLVQSGAEVKRPGSSVTVSCKASGGSFSTYALSWVRQAPGRGLEWMGGVIPLLTITNYAPRFQGRITITADRSTSTAY
LELNSLRPEDTAVYYCAREGTTGWGWLGKPIGAFAHWGQGTLVTVSSASTKGPSVFPLAPSSKSTSGGTAALGCLVKDYF
PEPVTVSWNSGALTSGVHTFPAVLQSSGLYSLSSVVTVPSSSLGTQTYICNVNHKPSNTKVDKKVEP
;
H,I,J,K
3 'polypeptide(L)' NWFDITN(AIB)LWRR P,Q,R,S
#
# COMPACT_ATOMS: atom_id res chain seq x y z
N GLU A 1 24.54 7.63 -31.06
CA GLU A 1 25.81 7.55 -30.27
C GLU A 1 26.46 8.91 -30.34
N ILE A 2 26.09 9.78 -29.42
CA ILE A 2 26.62 11.14 -29.38
C ILE A 2 28.10 11.21 -29.02
N VAL A 3 28.84 11.95 -29.85
CA VAL A 3 30.27 12.14 -29.67
C VAL A 3 30.52 13.56 -29.23
N LEU A 4 31.25 13.72 -28.13
CA LEU A 4 31.56 15.04 -27.62
C LEU A 4 33.03 15.31 -27.92
N THR A 5 33.31 16.43 -28.58
CA THR A 5 34.68 16.78 -28.91
C THR A 5 35.08 18.04 -28.16
N GLN A 6 36.05 17.90 -27.27
CA GLN A 6 36.55 19.02 -26.50
C GLN A 6 37.84 19.50 -27.18
N SER A 7 37.90 20.79 -27.48
CA SER A 7 39.09 21.34 -28.14
C SER A 7 39.36 22.71 -27.54
N PRO A 8 40.64 23.04 -27.33
CA PRO A 8 41.80 22.19 -27.61
C PRO A 8 41.96 21.17 -26.49
N GLY A 9 42.92 20.26 -26.66
CA GLY A 9 43.17 19.26 -25.65
C GLY A 9 43.87 19.86 -24.44
N THR A 10 44.74 20.83 -24.71
CA THR A 10 45.49 21.51 -23.66
C THR A 10 45.35 23.01 -23.78
N GLN A 11 45.17 23.67 -22.63
CA GLN A 11 45.06 25.13 -22.57
C GLN A 11 46.14 25.57 -21.58
N SER A 12 46.98 26.52 -21.99
CA SER A 12 48.09 27.02 -21.16
C SER A 12 47.83 28.40 -20.59
N LEU A 13 47.48 28.46 -19.31
CA LEU A 13 47.17 29.72 -18.66
C LEU A 13 47.90 29.89 -17.33
N SER A 14 47.43 30.83 -16.52
CA SER A 14 48.04 31.08 -15.22
C SER A 14 46.99 31.52 -14.21
N PRO A 15 47.33 31.44 -12.91
CA PRO A 15 46.36 31.84 -11.88
C PRO A 15 45.94 33.28 -12.15
N GLY A 16 44.65 33.58 -11.99
CA GLY A 16 44.16 34.92 -12.23
C GLY A 16 43.57 35.11 -13.62
N GLU A 17 43.90 34.23 -14.55
CA GLU A 17 43.35 34.36 -15.89
C GLU A 17 42.00 33.68 -16.07
N ARG A 18 41.34 34.03 -17.16
CA ARG A 18 40.02 33.51 -17.52
C ARG A 18 40.20 32.33 -18.47
N ALA A 19 39.45 31.26 -18.23
CA ALA A 19 39.55 30.08 -19.08
C ALA A 19 38.20 29.76 -19.70
N THR A 20 38.25 29.33 -20.96
CA THR A 20 37.08 28.97 -21.73
C THR A 20 37.31 27.61 -22.37
N LEU A 21 36.48 26.63 -22.03
CA LEU A 21 36.61 25.28 -22.56
C LEU A 21 35.36 24.93 -23.37
N SER A 22 35.55 24.40 -24.57
CA SER A 22 34.40 24.05 -25.40
C SER A 22 34.18 22.56 -25.55
N CYS A 23 32.92 22.19 -25.80
CA CYS A 23 32.53 20.80 -26.00
C CYS A 23 31.53 20.86 -27.16
N ARG A 24 31.79 20.09 -28.20
CA ARG A 24 30.90 20.06 -29.36
C ARG A 24 30.33 18.67 -29.49
N ALA A 25 29.01 18.57 -29.65
CA ALA A 25 28.35 17.28 -29.78
C ALA A 25 28.00 16.97 -31.23
N SER A 26 28.30 15.74 -31.66
CA SER A 26 28.04 15.32 -33.05
C SER A 26 26.58 15.44 -33.46
N GLN A 27 25.71 15.69 -32.48
CA GLN A 27 24.29 15.89 -32.72
C GLN A 27 23.73 16.59 -31.50
N SER A 28 22.61 17.29 -31.68
CA SER A 28 22.01 18.04 -30.61
C SER A 28 21.82 17.23 -29.33
N VAL A 29 22.04 17.88 -28.18
CA VAL A 29 21.89 17.20 -26.90
C VAL A 29 20.54 17.49 -26.26
N GLY A 30 19.76 16.44 -26.08
CA GLY A 30 18.43 16.56 -25.53
C GLY A 30 18.30 17.27 -24.19
N ASN A 31 17.43 18.27 -24.18
CA ASN A 31 17.15 19.07 -22.99
C ASN A 31 18.38 19.70 -22.37
N ASN A 32 19.39 19.93 -23.19
CA ASN A 32 20.63 20.54 -22.72
C ASN A 32 21.23 19.83 -21.53
N LYS A 33 21.14 18.49 -21.55
CA LYS A 33 21.67 17.68 -20.47
C LYS A 33 23.15 17.40 -20.66
N LEU A 34 23.94 18.42 -20.37
CA LEU A 34 25.39 18.34 -20.48
C LEU A 34 25.99 18.71 -19.15
N ALA A 35 26.94 17.93 -18.69
CA ALA A 35 27.59 18.19 -17.41
C ALA A 35 29.10 18.36 -17.57
N TRP A 36 29.72 19.07 -16.62
CA TRP A 36 31.16 19.27 -16.65
C TRP A 36 31.78 18.74 -15.35
N TYR A 37 32.90 18.05 -15.49
CA TYR A 37 33.61 17.50 -14.35
C TYR A 37 35.06 17.94 -14.34
N GLN A 38 35.59 18.09 -13.14
CA GLN A 38 36.99 18.43 -12.95
C GLN A 38 37.62 17.19 -12.34
N GLN A 39 38.80 16.83 -12.82
CA GLN A 39 39.48 15.69 -12.27
C GLN A 39 40.95 16.00 -12.09
N ARG A 40 41.45 15.70 -10.91
CA ARG A 40 42.84 15.90 -10.57
C ARG A 40 43.44 14.49 -10.61
N PRO A 41 44.74 14.38 -10.91
CA PRO A 41 45.43 13.09 -10.99
C PRO A 41 45.17 12.16 -9.81
N GLY A 42 44.86 10.90 -10.14
CA GLY A 42 44.61 9.91 -9.11
C GLY A 42 43.39 10.17 -8.24
N GLN A 43 42.60 11.18 -8.58
CA GLN A 43 41.41 11.50 -7.81
C GLN A 43 40.15 11.25 -8.61
N ALA A 44 39.04 11.12 -7.89
CA ALA A 44 37.74 10.89 -8.50
C ALA A 44 37.22 12.20 -9.08
N PRO A 45 36.50 12.14 -10.20
CA PRO A 45 35.97 13.36 -10.81
C PRO A 45 35.05 14.11 -9.84
N ARG A 46 34.91 15.41 -10.06
CA ARG A 46 34.05 16.26 -9.24
C ARG A 46 33.14 17.03 -10.19
N LEU A 47 31.84 17.00 -9.91
CA LEU A 47 30.82 17.68 -10.71
C LEU A 47 30.90 19.19 -10.56
N LEU A 48 30.89 19.91 -11.68
CA LEU A 48 30.96 21.37 -11.62
C LEU A 48 29.68 22.03 -12.08
N ILE A 49 29.19 21.55 -13.22
CA ILE A 49 28.00 22.08 -13.85
C ILE A 49 27.11 20.96 -14.38
N TYR A 50 25.80 21.17 -14.33
CA TYR A 50 24.86 20.19 -14.86
C TYR A 50 23.74 20.95 -15.55
N GLY A 51 23.06 20.30 -16.48
CA GLY A 51 22.01 21.00 -17.20
C GLY A 51 22.62 22.11 -18.02
N ALA A 52 23.89 21.96 -18.38
CA ALA A 52 24.62 22.93 -19.17
C ALA A 52 25.00 24.23 -18.47
N SER A 53 24.12 24.73 -17.60
CA SER A 53 24.40 25.99 -16.93
C SER A 53 24.10 26.04 -15.44
N SER A 54 23.68 24.92 -14.86
CA SER A 54 23.38 24.91 -13.44
C SER A 54 24.61 24.51 -12.64
N ARG A 55 24.81 25.16 -11.50
CA ARG A 55 25.97 24.90 -10.66
C ARG A 55 25.50 24.46 -9.29
N PRO A 56 25.86 23.24 -8.87
CA PRO A 56 25.44 22.77 -7.55
C PRO A 56 26.05 23.54 -6.40
N SER A 57 25.42 23.44 -5.24
CA SER A 57 25.93 24.12 -4.06
C SER A 57 27.25 23.46 -3.73
N GLY A 58 28.22 24.24 -3.28
CA GLY A 58 29.51 23.68 -2.95
C GLY A 58 30.55 23.98 -4.01
N VAL A 59 30.09 24.24 -5.23
CA VAL A 59 31.02 24.55 -6.33
C VAL A 59 31.28 26.06 -6.36
N ALA A 60 32.57 26.42 -6.37
CA ALA A 60 32.98 27.83 -6.40
C ALA A 60 32.20 28.60 -7.44
N ASP A 61 31.81 29.82 -7.12
CA ASP A 61 31.04 30.62 -8.07
C ASP A 61 31.83 31.06 -9.30
N ARG A 62 33.14 30.81 -9.31
CA ARG A 62 33.95 31.20 -10.45
C ARG A 62 33.74 30.28 -11.63
N PHE A 63 33.04 29.16 -11.38
CA PHE A 63 32.75 28.20 -12.42
C PHE A 63 31.37 28.50 -13.02
N SER A 64 31.31 28.58 -14.34
CA SER A 64 30.09 28.88 -15.04
C SER A 64 29.99 28.08 -16.33
N GLY A 65 28.76 27.75 -16.72
CA GLY A 65 28.54 26.99 -17.93
C GLY A 65 27.44 27.61 -18.77
N SER A 66 27.61 27.57 -20.09
CA SER A 66 26.60 28.14 -20.98
C SER A 66 26.49 27.29 -22.23
N GLY A 67 25.62 27.70 -23.13
CA GLY A 67 25.43 26.95 -24.36
C GLY A 67 24.17 26.12 -24.42
N SER A 68 23.94 25.53 -25.57
CA SER A 68 22.77 24.70 -25.80
C SER A 68 22.92 24.09 -27.20
N GLY A 69 22.13 23.06 -27.48
CA GLY A 69 22.19 22.42 -28.78
C GLY A 69 23.37 21.47 -28.97
N THR A 70 24.38 21.94 -29.70
CA THR A 70 25.55 21.13 -29.99
C THR A 70 26.86 21.80 -29.57
N ASP A 71 26.77 23.00 -29.02
CA ASP A 71 27.97 23.70 -28.63
C ASP A 71 27.86 24.23 -27.20
N PHE A 72 28.71 23.72 -26.33
CA PHE A 72 28.67 24.14 -24.93
C PHE A 72 30.01 24.67 -24.46
N THR A 73 29.98 25.52 -23.43
CA THR A 73 31.19 26.10 -22.91
C THR A 73 31.25 26.15 -21.38
N LEU A 74 32.46 25.93 -20.86
CA LEU A 74 32.70 26.00 -19.42
C LEU A 74 33.61 27.19 -19.24
N THR A 75 33.21 28.13 -18.38
CA THR A 75 34.02 29.31 -18.12
C THR A 75 34.43 29.36 -16.66
N ILE A 76 35.63 29.88 -16.44
CA ILE A 76 36.18 30.06 -15.11
C ILE A 76 36.65 31.50 -15.14
N SER A 77 35.88 32.40 -14.54
CA SER A 77 36.22 33.83 -14.54
C SER A 77 37.69 34.09 -14.23
N ARG A 78 38.19 33.51 -13.16
CA ARG A 78 39.59 33.68 -12.81
C ARG A 78 40.13 32.42 -12.17
N LEU A 79 41.20 31.89 -12.73
CA LEU A 79 41.83 30.66 -12.27
C LEU A 79 42.58 30.74 -10.93
N GLU A 80 42.39 29.72 -10.11
CA GLU A 80 43.08 29.62 -8.83
C GLU A 80 44.02 28.43 -9.01
N PRO A 81 45.10 28.36 -8.22
CA PRO A 81 46.09 27.26 -8.34
C PRO A 81 45.53 25.84 -8.45
N GLU A 82 44.49 25.52 -7.70
CA GLU A 82 43.95 24.17 -7.74
C GLU A 82 43.09 23.90 -8.96
N ASP A 83 42.80 24.94 -9.74
CA ASP A 83 41.95 24.78 -10.91
C ASP A 83 42.66 24.19 -12.11
N PHE A 84 43.97 24.02 -12.01
CA PHE A 84 44.71 23.43 -13.12
C PHE A 84 44.59 21.94 -13.04
N ALA A 85 43.76 21.40 -13.92
CA ALA A 85 43.50 19.99 -13.95
C ALA A 85 42.84 19.66 -15.26
N VAL A 86 42.24 18.48 -15.34
CA VAL A 86 41.56 18.03 -16.53
C VAL A 86 40.05 18.20 -16.38
N TYR A 87 39.43 18.75 -17.41
CA TYR A 87 38.01 18.97 -17.37
C TYR A 87 37.33 18.10 -18.42
N TYR A 88 36.26 17.43 -18.02
CA TYR A 88 35.51 16.55 -18.90
C TYR A 88 34.06 16.96 -19.04
N CYS A 89 33.52 16.88 -20.26
CA CYS A 89 32.09 17.18 -20.45
C CYS A 89 31.37 15.85 -20.62
N GLN A 90 30.07 15.83 -20.32
CA GLN A 90 29.30 14.61 -20.42
C GLN A 90 27.86 14.93 -20.81
N GLN A 91 27.32 14.15 -21.72
CA GLN A 91 25.94 14.35 -22.13
C GLN A 91 25.15 13.16 -21.63
N TYR A 92 23.98 13.44 -21.08
CA TYR A 92 23.09 12.39 -20.58
C TYR A 92 21.71 12.71 -21.13
N GLY A 93 21.70 13.21 -22.37
CA GLY A 93 20.46 13.54 -23.05
C GLY A 93 19.88 12.33 -23.76
N GLN A 94 20.55 11.19 -23.60
CA GLN A 94 20.10 9.94 -24.19
C GLN A 94 20.55 8.86 -23.21
N SER A 95 19.88 7.71 -23.24
CA SER A 95 20.23 6.62 -22.35
C SER A 95 21.72 6.28 -22.46
N LEU A 96 22.26 6.35 -23.66
CA LEU A 96 23.67 6.06 -23.83
C LEU A 96 24.44 7.33 -23.48
N SER A 97 24.91 7.43 -22.25
CA SER A 97 25.66 8.60 -21.82
C SER A 97 27.08 8.50 -22.35
N THR A 98 27.69 9.62 -22.67
CA THR A 98 29.07 9.65 -23.18
C THR A 98 29.88 10.85 -22.64
N PHE A 99 31.20 10.67 -22.56
CA PHE A 99 32.11 11.70 -22.06
C PHE A 99 33.00 12.23 -23.17
N GLY A 100 33.43 13.49 -23.03
CA GLY A 100 34.36 14.07 -24.00
C GLY A 100 35.70 13.48 -23.60
N GLN A 101 36.72 13.66 -24.42
CA GLN A 101 38.04 13.09 -24.12
C GLN A 101 38.81 13.89 -23.08
N GLY A 102 38.26 15.03 -22.70
CA GLY A 102 38.93 15.84 -21.69
C GLY A 102 39.87 16.91 -22.20
N THR A 103 39.92 18.03 -21.48
CA THR A 103 40.79 19.13 -21.83
C THR A 103 41.67 19.43 -20.64
N LYS A 104 42.98 19.44 -20.86
CA LYS A 104 43.89 19.74 -19.77
C LYS A 104 44.15 21.22 -19.65
N VAL A 105 44.06 21.75 -18.43
CA VAL A 105 44.35 23.13 -18.19
C VAL A 105 45.62 23.17 -17.36
N GLU A 106 46.72 23.50 -18.02
CA GLU A 106 48.02 23.57 -17.36
C GLU A 106 48.46 25.01 -17.17
N VAL A 107 49.55 25.18 -16.42
CA VAL A 107 50.10 26.50 -16.15
C VAL A 107 51.16 26.84 -17.19
N LYS A 108 51.01 28.00 -17.83
CA LYS A 108 51.98 28.45 -18.82
C LYS A 108 53.06 29.21 -18.08
N ARG A 109 54.32 28.89 -18.35
CA ARG A 109 55.43 29.56 -17.68
C ARG A 109 56.55 29.79 -18.70
N THR A 110 57.64 30.41 -18.29
CA THR A 110 58.74 30.67 -19.21
C THR A 110 59.35 29.38 -19.71
N VAL A 111 59.84 29.39 -20.94
CA VAL A 111 60.45 28.21 -21.51
C VAL A 111 61.64 27.83 -20.62
N ALA A 112 61.81 26.54 -20.38
CA ALA A 112 62.93 26.10 -19.58
C ALA A 112 63.50 24.84 -20.22
N ALA A 113 64.70 24.95 -20.79
CA ALA A 113 65.32 23.80 -21.42
C ALA A 113 65.55 22.76 -20.33
N PRO A 114 65.40 21.48 -20.68
CA PRO A 114 65.60 20.41 -19.69
C PRO A 114 67.07 20.10 -19.40
N SER A 115 67.33 19.63 -18.17
CA SER A 115 68.66 19.21 -17.80
C SER A 115 68.60 17.74 -18.21
N VAL A 116 69.58 17.29 -18.99
CA VAL A 116 69.59 15.92 -19.47
C VAL A 116 70.65 15.02 -18.83
N PHE A 117 70.20 13.86 -18.37
CA PHE A 117 71.07 12.88 -17.73
C PHE A 117 70.85 11.53 -18.38
N ILE A 118 71.92 10.76 -18.52
CA ILE A 118 71.84 9.43 -19.08
C ILE A 118 72.48 8.45 -18.10
N PHE A 119 71.84 7.30 -17.88
CA PHE A 119 72.36 6.31 -16.94
C PHE A 119 72.60 4.96 -17.60
N PRO A 120 73.84 4.43 -17.51
CA PRO A 120 74.10 3.13 -18.12
C PRO A 120 73.43 2.07 -17.24
N PRO A 121 73.35 0.82 -17.72
CA PRO A 121 72.71 -0.21 -16.89
C PRO A 121 73.62 -0.58 -15.72
N SER A 122 73.02 -0.96 -14.59
CA SER A 122 73.81 -1.34 -13.44
C SER A 122 74.42 -2.72 -13.68
N ASP A 123 75.54 -2.99 -13.02
CA ASP A 123 76.21 -4.27 -13.15
C ASP A 123 75.24 -5.37 -12.71
N GLU A 124 74.52 -5.10 -11.61
CA GLU A 124 73.58 -6.05 -11.07
C GLU A 124 72.52 -6.47 -12.12
N GLN A 125 71.92 -5.51 -12.80
CA GLN A 125 70.93 -5.87 -13.83
C GLN A 125 71.58 -6.71 -14.92
N LEU A 126 72.78 -6.31 -15.34
CA LEU A 126 73.51 -7.01 -16.40
C LEU A 126 73.74 -8.48 -16.07
N LYS A 127 74.04 -8.76 -14.80
CA LYS A 127 74.27 -10.13 -14.37
C LYS A 127 73.13 -11.08 -14.77
N SER A 128 71.93 -10.55 -14.91
CA SER A 128 70.78 -11.35 -15.30
C SER A 128 70.50 -11.35 -16.81
N GLY A 129 71.45 -10.86 -17.60
CA GLY A 129 71.26 -10.86 -19.04
C GLY A 129 70.36 -9.78 -19.64
N THR A 130 70.16 -8.68 -18.92
CA THR A 130 69.33 -7.59 -19.40
C THR A 130 70.00 -6.23 -19.12
N ALA A 131 69.90 -5.31 -20.07
CA ALA A 131 70.51 -3.98 -19.94
C ALA A 131 69.51 -2.87 -20.22
N SER A 132 69.16 -2.12 -19.19
CA SER A 132 68.24 -1.00 -19.33
C SER A 132 69.04 0.30 -19.33
N VAL A 133 68.77 1.15 -20.30
CA VAL A 133 69.46 2.43 -20.36
C VAL A 133 68.39 3.47 -20.12
N VAL A 134 68.65 4.38 -19.21
CA VAL A 134 67.69 5.39 -18.87
C VAL A 134 68.13 6.82 -19.16
N CYS A 135 67.23 7.57 -19.80
CA CYS A 135 67.49 8.96 -20.13
C CYS A 135 66.49 9.80 -19.33
N LEU A 136 67.00 10.86 -18.72
CA LEU A 136 66.17 11.74 -17.90
C LEU A 136 66.18 13.18 -18.38
N LEU A 137 64.98 13.73 -18.55
CA LEU A 137 64.80 15.12 -18.95
C LEU A 137 64.18 15.77 -17.72
N ASN A 138 64.97 16.56 -17.00
CA ASN A 138 64.50 17.20 -15.77
C ASN A 138 64.05 18.66 -15.86
N ASN A 139 62.90 18.92 -15.22
CA ASN A 139 62.25 20.23 -15.13
C ASN A 139 62.22 21.09 -16.38
N PHE A 140 61.44 20.69 -17.37
CA PHE A 140 61.36 21.45 -18.61
C PHE A 140 59.96 21.98 -18.89
N TYR A 141 59.88 22.99 -19.74
CA TYR A 141 58.62 23.59 -20.16
C TYR A 141 58.85 24.29 -21.50
N PRO A 142 57.91 24.14 -22.46
CA PRO A 142 56.65 23.37 -22.42
C PRO A 142 56.83 21.85 -22.37
N ARG A 143 55.71 21.14 -22.24
CA ARG A 143 55.76 19.69 -22.14
C ARG A 143 56.19 18.93 -23.39
N GLU A 144 56.00 19.51 -24.56
CA GLU A 144 56.40 18.87 -25.80
C GLU A 144 57.90 18.64 -25.78
N ALA A 145 58.33 17.40 -26.00
CA ALA A 145 59.74 17.06 -25.98
C ALA A 145 59.97 15.74 -26.69
N LYS A 146 60.97 15.70 -27.55
CA LYS A 146 61.28 14.47 -28.27
C LYS A 146 62.61 13.89 -27.82
N VAL A 147 62.62 12.59 -27.61
CA VAL A 147 63.81 11.88 -27.19
C VAL A 147 64.02 10.68 -28.12
N GLN A 148 65.19 10.62 -28.72
CA GLN A 148 65.53 9.51 -29.62
C GLN A 148 66.76 8.79 -29.12
N TRP A 149 66.70 7.47 -29.14
CA TRP A 149 67.84 6.68 -28.71
C TRP A 149 68.66 6.27 -29.92
N LYS A 150 69.97 6.42 -29.82
CA LYS A 150 70.87 6.04 -30.89
C LYS A 150 71.98 5.18 -30.33
N VAL A 151 72.14 4.00 -30.90
CA VAL A 151 73.16 3.06 -30.47
C VAL A 151 74.17 2.95 -31.62
N ASP A 152 75.38 3.46 -31.37
CA ASP A 152 76.43 3.50 -32.39
C ASP A 152 75.89 4.19 -33.65
N ASN A 153 75.16 5.28 -33.40
CA ASN A 153 74.54 6.09 -34.42
C ASN A 153 73.48 5.39 -35.26
N ALA A 154 72.67 4.59 -34.57
CA ALA A 154 71.58 3.87 -35.20
C ALA A 154 70.33 4.23 -34.42
N LEU A 155 69.39 4.88 -35.08
CA LEU A 155 68.15 5.27 -34.42
C LEU A 155 67.47 4.00 -33.95
N GLN A 156 66.99 4.02 -32.71
CA GLN A 156 66.32 2.85 -32.16
C GLN A 156 64.82 2.97 -32.30
N SER A 157 64.15 1.82 -32.36
CA SER A 157 62.71 1.82 -32.47
C SER A 157 62.12 0.55 -31.89
N GLY A 158 60.99 0.70 -31.22
CA GLY A 158 60.33 -0.45 -30.62
C GLY A 158 60.93 -1.00 -29.34
N ASN A 159 62.10 -0.52 -28.95
CA ASN A 159 62.73 -1.04 -27.74
C ASN A 159 62.86 -0.06 -26.57
N SER A 160 61.97 0.93 -26.51
CA SER A 160 61.99 1.88 -25.41
C SER A 160 60.61 2.43 -25.05
N GLN A 161 60.47 2.92 -23.83
CA GLN A 161 59.20 3.49 -23.37
C GLN A 161 59.51 4.70 -22.51
N GLU A 162 58.58 5.65 -22.46
CA GLU A 162 58.81 6.82 -21.62
C GLU A 162 57.62 7.20 -20.76
N SER A 163 57.90 7.91 -19.68
CA SER A 163 56.88 8.35 -18.74
C SER A 163 57.14 9.83 -18.41
N VAL A 164 56.08 10.58 -18.16
CA VAL A 164 56.18 12.01 -17.84
C VAL A 164 55.43 12.32 -16.55
N THR A 165 56.07 13.04 -15.64
CA THR A 165 55.42 13.39 -14.37
C THR A 165 54.34 14.43 -14.66
N GLU A 166 53.50 14.69 -13.66
CA GLU A 166 52.46 15.71 -13.77
C GLU A 166 53.18 17.04 -13.55
N GLN A 167 52.62 18.14 -14.06
CA GLN A 167 53.26 19.43 -13.89
C GLN A 167 53.50 19.74 -12.42
N ASP A 168 54.75 20.13 -12.12
CA ASP A 168 55.12 20.45 -10.76
C ASP A 168 54.29 21.60 -10.19
N SER A 169 53.80 21.42 -8.97
CA SER A 169 52.98 22.43 -8.33
C SER A 169 53.73 23.72 -7.99
N LYS A 170 55.06 23.64 -7.86
CA LYS A 170 55.87 24.81 -7.53
C LYS A 170 56.56 25.49 -8.70
N ASP A 171 57.31 24.76 -9.51
CA ASP A 171 58.00 25.38 -10.64
C ASP A 171 57.30 25.22 -11.99
N SER A 172 56.15 24.57 -11.99
CA SER A 172 55.36 24.38 -13.21
C SER A 172 56.10 23.70 -14.34
N THR A 173 57.04 22.83 -14.01
CA THR A 173 57.78 22.14 -15.04
C THR A 173 57.36 20.69 -15.10
N TYR A 174 57.89 19.99 -16.10
CA TYR A 174 57.63 18.58 -16.34
C TYR A 174 58.98 17.87 -16.41
N SER A 175 58.98 16.59 -16.11
CA SER A 175 60.18 15.78 -16.19
C SER A 175 59.79 14.56 -17.00
N LEU A 176 60.72 14.02 -17.76
CA LEU A 176 60.43 12.86 -18.55
C LEU A 176 61.54 11.83 -18.36
N SER A 177 61.13 10.57 -18.32
CA SER A 177 62.05 9.47 -18.15
C SER A 177 61.86 8.50 -19.31
N SER A 178 62.94 8.18 -20.00
CA SER A 178 62.85 7.24 -21.11
C SER A 178 63.77 6.06 -20.87
N THR A 179 63.23 4.85 -20.95
CA THR A 179 64.06 3.67 -20.74
C THR A 179 64.19 2.83 -22.00
N LEU A 180 65.44 2.53 -22.34
CA LEU A 180 65.78 1.71 -23.51
C LEU A 180 66.21 0.36 -22.98
N THR A 181 65.49 -0.67 -23.36
CA THR A 181 65.77 -2.02 -22.91
C THR A 181 66.20 -3.00 -23.99
N LEU A 182 67.43 -3.48 -23.85
CA LEU A 182 68.00 -4.44 -24.76
C LEU A 182 68.39 -5.66 -23.95
N SER A 183 68.67 -6.76 -24.64
CA SER A 183 69.14 -7.96 -23.97
C SER A 183 70.64 -7.71 -23.78
N LYS A 184 71.25 -8.31 -22.76
CA LYS A 184 72.68 -8.11 -22.55
C LYS A 184 73.49 -8.47 -23.80
N ALA A 185 73.01 -9.46 -24.55
CA ALA A 185 73.69 -9.92 -25.76
C ALA A 185 73.76 -8.82 -26.82
N ASP A 186 72.62 -8.19 -27.11
CA ASP A 186 72.60 -7.12 -28.10
C ASP A 186 73.35 -5.93 -27.51
N TYR A 187 73.13 -5.68 -26.24
CA TYR A 187 73.79 -4.57 -25.56
C TYR A 187 75.31 -4.60 -25.71
N GLU A 188 75.88 -5.80 -25.65
CA GLU A 188 77.33 -5.95 -25.76
C GLU A 188 77.90 -5.87 -27.17
N LYS A 189 77.02 -5.76 -28.16
CA LYS A 189 77.46 -5.67 -29.56
C LYS A 189 77.75 -4.23 -29.98
N HIS A 190 77.37 -3.27 -29.15
CA HIS A 190 77.55 -1.86 -29.47
C HIS A 190 78.37 -1.11 -28.44
N LYS A 191 79.01 -0.04 -28.88
CA LYS A 191 79.87 0.76 -28.02
C LYS A 191 79.29 2.07 -27.51
N VAL A 192 78.70 2.84 -28.41
CA VAL A 192 78.16 4.15 -28.05
C VAL A 192 76.65 4.25 -27.90
N TYR A 193 76.23 4.56 -26.68
CA TYR A 193 74.81 4.71 -26.36
C TYR A 193 74.50 6.18 -26.15
N ALA A 194 73.59 6.71 -26.97
CA ALA A 194 73.24 8.12 -26.92
C ALA A 194 71.75 8.42 -26.82
N CYS A 195 71.45 9.52 -26.16
CA CYS A 195 70.09 10.01 -25.98
C CYS A 195 70.00 11.40 -26.60
N GLU A 196 69.26 11.54 -27.69
CA GLU A 196 69.15 12.83 -28.33
C GLU A 196 67.83 13.49 -27.96
N VAL A 197 67.91 14.67 -27.35
CA VAL A 197 66.75 15.42 -26.90
C VAL A 197 66.46 16.69 -27.69
N THR A 198 65.21 16.81 -28.14
CA THR A 198 64.78 17.98 -28.91
C THR A 198 63.71 18.70 -28.11
N HIS A 199 63.95 19.98 -27.82
CA HIS A 199 63.00 20.80 -27.05
C HIS A 199 63.04 22.26 -27.48
N GLN A 200 61.90 22.94 -27.34
CA GLN A 200 61.76 24.34 -27.72
C GLN A 200 62.74 25.26 -27.00
N GLY A 201 63.11 24.89 -25.78
CA GLY A 201 64.05 25.69 -25.03
C GLY A 201 65.49 25.40 -25.38
N LEU A 202 65.71 24.59 -26.43
CA LEU A 202 67.07 24.25 -26.85
C LEU A 202 67.34 24.73 -28.26
N SER A 203 68.36 25.57 -28.42
CA SER A 203 68.70 26.10 -29.73
C SER A 203 68.94 24.98 -30.73
N SER A 204 69.56 23.91 -30.25
CA SER A 204 69.87 22.75 -31.08
C SER A 204 69.71 21.50 -30.23
N PRO A 205 69.33 20.36 -30.83
CA PRO A 205 69.15 19.12 -30.08
C PRO A 205 70.35 18.84 -29.19
N VAL A 206 70.09 18.36 -27.98
CA VAL A 206 71.13 18.04 -27.02
C VAL A 206 71.33 16.53 -26.99
N THR A 207 72.58 16.10 -26.85
CA THR A 207 72.89 14.67 -26.82
C THR A 207 73.70 14.28 -25.58
N LYS A 208 73.30 13.17 -24.98
CA LYS A 208 73.98 12.62 -23.82
C LYS A 208 74.28 11.19 -24.15
N SER A 209 75.55 10.81 -24.02
CA SER A 209 75.94 9.46 -24.33
C SER A 209 77.08 8.97 -23.47
N PHE A 210 77.33 7.67 -23.55
CA PHE A 210 78.43 7.06 -22.84
C PHE A 210 78.90 5.88 -23.68
N ASN A 211 80.13 5.43 -23.45
CA ASN A 211 80.67 4.30 -24.18
C ASN A 211 80.61 3.11 -23.23
N ARG A 212 80.00 2.02 -23.66
CA ARG A 212 79.90 0.83 -22.83
C ARG A 212 81.27 0.50 -22.23
N GLY A 213 81.35 0.57 -20.90
CA GLY A 213 82.60 0.30 -20.23
C GLY A 213 83.45 1.57 -20.12
N GLU A 214 83.24 2.33 -19.05
CA GLU A 214 83.97 3.57 -18.82
C GLU A 214 84.08 3.93 -17.34
N GLN B 1 24.55 14.35 3.11
CA GLN B 1 25.94 14.17 2.61
C GLN B 1 26.08 12.71 2.19
N VAL B 2 26.24 12.49 0.89
CA VAL B 2 26.34 11.15 0.37
C VAL B 2 27.77 10.65 0.18
N GLN B 3 28.11 9.55 0.85
CA GLN B 3 29.43 8.97 0.69
C GLN B 3 29.32 7.56 0.11
N LEU B 4 30.09 7.31 -0.93
CA LEU B 4 30.09 6.00 -1.56
C LEU B 4 31.44 5.33 -1.31
N VAL B 5 31.41 4.15 -0.73
CA VAL B 5 32.64 3.40 -0.45
C VAL B 5 32.67 2.14 -1.29
N GLN B 6 33.75 1.95 -2.04
CA GLN B 6 33.89 0.78 -2.89
C GLN B 6 34.79 -0.29 -2.32
N SER B 7 34.71 -1.48 -2.89
CA SER B 7 35.53 -2.62 -2.50
C SER B 7 36.95 -2.41 -3.04
N GLY B 8 37.89 -3.16 -2.49
CA GLY B 8 39.30 -3.03 -2.87
C GLY B 8 39.79 -3.54 -4.21
N ALA B 9 41.01 -3.13 -4.55
CA ALA B 9 41.66 -3.51 -5.80
C ALA B 9 41.55 -5.01 -6.05
N GLU B 10 41.44 -5.37 -7.32
CA GLU B 10 41.33 -6.77 -7.70
C GLU B 10 42.27 -7.10 -8.85
N VAL B 11 42.71 -8.36 -8.90
CA VAL B 11 43.58 -8.84 -9.97
C VAL B 11 42.87 -10.05 -10.57
N LYS B 12 42.44 -9.93 -11.82
CA LYS B 12 41.72 -11.00 -12.51
C LYS B 12 42.44 -11.51 -13.74
N ARG B 13 42.30 -12.82 -13.99
CA ARG B 13 42.90 -13.47 -15.15
C ARG B 13 41.99 -13.24 -16.34
N PRO B 14 42.56 -13.10 -17.55
CA PRO B 14 41.71 -12.88 -18.72
C PRO B 14 40.65 -13.98 -18.78
N GLY B 15 39.43 -13.61 -19.17
CA GLY B 15 38.36 -14.58 -19.27
C GLY B 15 37.54 -14.71 -18.00
N SER B 16 38.09 -14.30 -16.86
CA SER B 16 37.35 -14.42 -15.60
C SER B 16 36.29 -13.35 -15.48
N SER B 17 35.69 -13.25 -14.29
CA SER B 17 34.66 -12.26 -14.00
C SER B 17 35.01 -11.52 -12.72
N VAL B 18 34.63 -10.26 -12.63
CA VAL B 18 34.89 -9.46 -11.43
C VAL B 18 33.62 -8.76 -10.93
N THR B 19 33.51 -8.66 -9.61
CA THR B 19 32.38 -7.99 -9.01
C THR B 19 32.89 -6.91 -8.07
N VAL B 20 32.42 -5.69 -8.28
CA VAL B 20 32.82 -4.55 -7.46
C VAL B 20 31.58 -4.05 -6.71
N SER B 21 31.73 -3.77 -5.42
CA SER B 21 30.60 -3.28 -4.66
C SER B 21 30.78 -1.81 -4.37
N CYS B 22 29.67 -1.16 -4.07
CA CYS B 22 29.64 0.27 -3.78
C CYS B 22 28.59 0.44 -2.69
N LYS B 23 29.05 0.80 -1.50
CA LYS B 23 28.16 0.99 -0.35
C LYS B 23 27.85 2.47 -0.16
N ALA B 24 26.56 2.81 -0.12
CA ALA B 24 26.17 4.19 0.06
C ALA B 24 25.65 4.47 1.46
N SER B 25 25.91 5.68 1.94
CA SER B 25 25.43 6.14 3.22
C SER B 25 25.01 7.59 2.99
N GLY B 26 23.86 7.97 3.53
CA GLY B 26 23.37 9.33 3.35
C GLY B 26 22.38 9.45 2.19
N GLY B 27 21.42 10.36 2.33
CA GLY B 27 20.42 10.54 1.29
C GLY B 27 19.56 9.31 1.08
N SER B 28 18.86 9.26 -0.06
CA SER B 28 18.00 8.13 -0.40
C SER B 28 18.69 7.26 -1.44
N PHE B 29 18.78 5.96 -1.17
CA PHE B 29 19.44 5.02 -2.08
C PHE B 29 18.61 4.50 -3.25
N SER B 30 17.43 3.96 -2.95
CA SER B 30 16.58 3.36 -3.98
C SER B 30 15.94 4.26 -5.02
N THR B 31 15.83 5.56 -4.76
CA THR B 31 15.19 6.43 -5.73
C THR B 31 16.12 7.26 -6.60
N TYR B 32 17.43 7.07 -6.48
CA TYR B 32 18.38 7.82 -7.31
C TYR B 32 19.23 6.91 -8.18
N ALA B 33 19.48 7.34 -9.41
CA ALA B 33 20.26 6.54 -10.36
C ALA B 33 21.73 6.40 -9.99
N LEU B 34 22.19 5.16 -9.96
CA LEU B 34 23.59 4.84 -9.62
C LEU B 34 24.29 4.24 -10.86
N SER B 35 25.33 4.92 -11.35
CA SER B 35 26.06 4.46 -12.53
C SER B 35 27.49 4.02 -12.21
N TRP B 36 28.09 3.31 -13.18
CA TRP B 36 29.47 2.85 -13.08
C TRP B 36 30.24 3.46 -14.24
N VAL B 37 31.37 4.09 -13.90
CA VAL B 37 32.22 4.75 -14.87
C VAL B 37 33.62 4.23 -14.68
N ARG B 38 34.30 3.91 -15.79
CA ARG B 38 35.65 3.42 -15.66
C ARG B 38 36.66 4.34 -16.32
N GLN B 39 37.93 4.04 -16.13
CA GLN B 39 39.00 4.85 -16.69
C GLN B 39 40.29 4.04 -16.76
N ALA B 40 40.72 3.76 -17.99
CA ALA B 40 41.96 3.02 -18.20
C ALA B 40 43.12 3.96 -17.86
N PRO B 41 44.30 3.42 -17.51
CA PRO B 41 45.44 4.28 -17.17
C PRO B 41 45.76 5.29 -18.28
N GLY B 42 45.78 6.57 -17.94
CA GLY B 42 46.08 7.60 -18.93
C GLY B 42 44.98 7.92 -19.93
N ARG B 43 43.82 7.26 -19.81
CA ARG B 43 42.72 7.50 -20.74
C ARG B 43 41.63 8.34 -20.09
N GLY B 44 40.52 8.54 -20.79
CA GLY B 44 39.42 9.33 -20.25
C GLY B 44 38.32 8.52 -19.56
N LEU B 45 37.26 9.20 -19.16
CA LEU B 45 36.14 8.56 -18.50
C LEU B 45 35.23 7.87 -19.52
N GLU B 46 34.58 6.80 -19.09
CA GLU B 46 33.70 6.06 -19.98
C GLU B 46 32.54 5.48 -19.17
N TRP B 47 31.34 6.01 -19.41
CA TRP B 47 30.14 5.56 -18.73
C TRP B 47 29.83 4.13 -19.18
N MET B 48 29.61 3.24 -18.24
CA MET B 48 29.34 1.86 -18.58
C MET B 48 27.87 1.49 -18.48
N GLY B 49 27.22 2.02 -17.44
CA GLY B 49 25.82 1.72 -17.23
C GLY B 49 25.43 2.07 -15.80
N GLY B 50 24.16 1.89 -15.48
CA GLY B 50 23.71 2.20 -14.14
C GLY B 50 22.40 1.49 -13.85
N VAL B 51 21.89 1.70 -12.66
CA VAL B 51 20.62 1.08 -12.28
C VAL B 51 19.81 1.98 -11.34
N ILE B 52 18.50 1.83 -11.40
CA ILE B 52 17.61 2.55 -10.52
C ILE B 52 17.08 1.47 -9.56
N PRO B 53 17.70 1.34 -8.38
CA PRO B 53 17.34 0.35 -7.36
C PRO B 53 15.86 0.02 -7.20
N LEU B 54 15.05 1.02 -6.87
CA LEU B 54 13.63 0.80 -6.64
C LEU B 54 12.91 0.07 -7.77
N LEU B 55 13.15 0.51 -8.99
CA LEU B 55 12.49 -0.08 -10.16
C LEU B 55 13.30 -1.20 -10.79
N THR B 56 14.54 -1.36 -10.33
CA THR B 56 15.47 -2.35 -10.85
C THR B 56 15.71 -2.16 -12.34
N ILE B 57 15.36 -1.00 -12.86
CA ILE B 57 15.56 -0.71 -14.27
C ILE B 57 17.02 -0.39 -14.54
N THR B 58 17.68 -1.24 -15.30
CA THR B 58 19.08 -1.04 -15.64
C THR B 58 19.20 -0.39 -17.02
N ASN B 59 20.39 0.14 -17.29
CA ASN B 59 20.71 0.80 -18.55
C ASN B 59 22.21 0.56 -18.76
N TYR B 60 22.57 -0.19 -19.80
CA TYR B 60 23.96 -0.50 -20.10
C TYR B 60 24.40 0.08 -21.45
N ALA B 61 25.67 0.48 -21.55
CA ALA B 61 26.20 0.99 -22.80
C ALA B 61 26.30 -0.20 -23.74
N PRO B 62 26.00 0.00 -25.03
CA PRO B 62 26.04 -1.06 -26.05
C PRO B 62 27.32 -1.92 -26.12
N ARG B 63 28.48 -1.31 -25.90
CA ARG B 63 29.71 -2.09 -26.01
C ARG B 63 29.98 -2.98 -24.80
N PHE B 64 29.08 -2.97 -23.83
CA PHE B 64 29.26 -3.81 -22.66
C PHE B 64 28.07 -4.76 -22.50
N GLN B 65 27.08 -4.60 -23.37
CA GLN B 65 25.89 -5.43 -23.32
C GLN B 65 26.17 -6.94 -23.42
N GLY B 66 25.64 -7.70 -22.47
CA GLY B 66 25.84 -9.14 -22.47
C GLY B 66 27.16 -9.57 -21.86
N ARG B 67 27.78 -8.68 -21.10
CA ARG B 67 29.06 -8.98 -20.46
C ARG B 67 29.04 -8.28 -19.10
N ILE B 68 28.06 -7.40 -18.93
CA ILE B 68 27.92 -6.62 -17.72
C ILE B 68 26.60 -6.84 -16.98
N THR B 69 26.65 -6.71 -15.66
CA THR B 69 25.46 -6.89 -14.82
C THR B 69 25.54 -5.96 -13.62
N ILE B 70 24.58 -5.05 -13.50
CA ILE B 70 24.55 -4.12 -12.37
C ILE B 70 23.28 -4.39 -11.59
N THR B 71 23.41 -4.50 -10.27
CA THR B 71 22.27 -4.75 -9.39
C THR B 71 22.40 -3.89 -8.13
N ALA B 72 21.34 -3.88 -7.31
CA ALA B 72 21.35 -3.08 -6.10
C ALA B 72 20.67 -3.79 -4.94
N ASP B 73 21.30 -3.76 -3.78
CA ASP B 73 20.74 -4.39 -2.60
C ASP B 73 20.24 -3.26 -1.72
N ARG B 74 18.93 -3.03 -1.79
CA ARG B 74 18.31 -1.96 -1.03
C ARG B 74 18.40 -2.18 0.47
N SER B 75 18.56 -3.43 0.87
CA SER B 75 18.67 -3.75 2.30
C SER B 75 19.99 -3.21 2.85
N THR B 76 21.00 -3.15 1.99
CA THR B 76 22.32 -2.69 2.41
C THR B 76 22.78 -1.42 1.72
N SER B 77 21.91 -0.81 0.92
CA SER B 77 22.27 0.40 0.18
C SER B 77 23.56 0.14 -0.61
N THR B 78 23.71 -1.09 -1.08
CA THR B 78 24.89 -1.47 -1.83
C THR B 78 24.54 -1.79 -3.27
N ALA B 79 25.36 -1.27 -4.19
CA ALA B 79 25.18 -1.50 -5.61
C ALA B 79 26.36 -2.36 -6.09
N TYR B 80 26.13 -3.15 -7.12
CA TYR B 80 27.19 -4.03 -7.64
C TYR B 80 27.38 -4.00 -9.15
N LEU B 81 28.63 -4.13 -9.57
CA LEU B 81 29.00 -4.20 -10.97
C LEU B 81 29.67 -5.57 -11.16
N GLU B 82 29.18 -6.32 -12.13
CA GLU B 82 29.74 -7.64 -12.43
C GLU B 82 30.08 -7.59 -13.91
N LEU B 83 31.35 -7.75 -14.23
CA LEU B 83 31.80 -7.72 -15.62
C LEU B 83 32.46 -9.05 -15.94
N ASN B 84 31.87 -9.78 -16.89
CA ASN B 84 32.36 -11.09 -17.27
C ASN B 84 33.29 -11.07 -18.48
N SER B 85 33.82 -12.23 -18.84
CA SER B 85 34.70 -12.37 -19.97
C SER B 85 35.73 -11.26 -20.02
N LEU B 86 36.39 -11.02 -18.88
CA LEU B 86 37.41 -9.98 -18.77
C LEU B 86 38.56 -10.11 -19.77
N ARG B 87 38.99 -8.97 -20.30
CA ARG B 87 40.11 -8.90 -21.25
C ARG B 87 41.13 -7.94 -20.67
N PRO B 88 42.40 -8.03 -21.10
CA PRO B 88 43.45 -7.13 -20.60
C PRO B 88 43.05 -5.67 -20.73
N GLU B 89 42.31 -5.35 -21.80
CA GLU B 89 41.88 -3.99 -22.06
C GLU B 89 40.91 -3.47 -21.02
N ASP B 90 40.36 -4.36 -20.21
CA ASP B 90 39.41 -3.97 -19.17
C ASP B 90 40.13 -3.41 -17.94
N THR B 91 41.46 -3.50 -17.94
CA THR B 91 42.25 -2.99 -16.81
C THR B 91 41.90 -1.52 -16.64
N ALA B 92 41.44 -1.14 -15.46
CA ALA B 92 41.04 0.24 -15.23
C ALA B 92 40.61 0.53 -13.80
N VAL B 93 40.40 1.80 -13.51
CA VAL B 93 39.89 2.18 -12.21
C VAL B 93 38.38 2.30 -12.45
N TYR B 94 37.59 1.55 -11.68
CA TYR B 94 36.14 1.60 -11.83
C TYR B 94 35.52 2.44 -10.72
N TYR B 95 34.62 3.33 -11.10
CA TYR B 95 33.96 4.21 -10.13
C TYR B 95 32.45 4.05 -10.16
N CYS B 96 31.81 4.09 -8.99
CA CYS B 96 30.36 4.10 -8.97
C CYS B 96 30.05 5.57 -8.75
N ALA B 97 28.91 6.02 -9.23
CA ALA B 97 28.57 7.43 -9.06
C ALA B 97 27.08 7.58 -9.01
N ARG B 98 26.60 8.30 -8.01
CA ARG B 98 25.17 8.52 -7.88
C ARG B 98 24.86 9.92 -8.38
N GLU B 99 23.69 10.07 -8.99
CA GLU B 99 23.26 11.37 -9.50
C GLU B 99 23.02 12.27 -8.30
N GLY B 100 23.15 13.58 -8.52
CA GLY B 100 22.94 14.53 -7.44
C GLY B 100 21.50 15.04 -7.40
N THR B 101 21.23 15.89 -6.42
CA THR B 101 19.91 16.48 -6.23
C THR B 101 20.01 18.01 -6.30
N THR B 102 18.92 18.66 -6.70
CA THR B 102 18.88 20.11 -6.83
C THR B 102 18.96 20.83 -5.49
N GLY B 103 19.60 22.00 -5.51
CA GLY B 103 19.75 22.78 -4.30
C GLY B 103 20.58 22.08 -3.23
N TRP B 104 20.29 22.38 -1.97
CA TRP B 104 20.99 21.76 -0.85
C TRP B 104 20.39 20.39 -0.59
N GLY B 105 20.74 19.81 0.56
CA GLY B 105 20.22 18.50 0.90
C GLY B 105 20.50 17.48 -0.19
N TRP B 106 19.98 16.27 0.01
CA TRP B 106 20.18 15.19 -0.94
C TRP B 106 18.87 14.43 -1.14
N LEU B 107 17.77 15.17 -1.12
CA LEU B 107 16.44 14.60 -1.28
C LEU B 107 15.61 15.34 -2.30
N GLY B 108 16.17 16.41 -2.85
CA GLY B 108 15.46 17.19 -3.84
C GLY B 108 15.29 16.49 -5.17
N LYS B 109 14.92 17.26 -6.18
CA LYS B 109 14.75 16.73 -7.52
C LYS B 109 16.09 16.19 -8.04
N PRO B 110 16.09 14.98 -8.62
CA PRO B 110 17.36 14.45 -9.13
C PRO B 110 17.85 15.34 -10.28
N ILE B 111 19.14 15.23 -10.62
CA ILE B 111 19.71 16.05 -11.68
C ILE B 111 20.40 15.27 -12.78
N GLY B 112 20.43 13.95 -12.67
CA GLY B 112 21.06 13.15 -13.71
C GLY B 112 22.58 13.14 -13.65
N ALA B 113 23.20 14.32 -13.59
CA ALA B 113 24.66 14.39 -13.51
C ALA B 113 25.15 13.71 -12.23
N PHE B 114 26.41 13.29 -12.26
CA PHE B 114 27.02 12.56 -11.15
C PHE B 114 27.71 13.47 -10.12
N ALA B 115 27.01 13.73 -9.03
CA ALA B 115 27.52 14.58 -7.96
C ALA B 115 28.29 13.80 -6.91
N HIS B 116 27.99 12.52 -6.79
CA HIS B 116 28.64 11.68 -5.79
C HIS B 116 29.37 10.50 -6.41
N TRP B 117 30.65 10.39 -6.04
CA TRP B 117 31.52 9.34 -6.56
C TRP B 117 32.20 8.55 -5.46
N GLY B 118 32.52 7.30 -5.77
CA GLY B 118 33.24 6.46 -4.83
C GLY B 118 34.73 6.71 -5.04
N GLN B 119 35.57 6.19 -4.15
CA GLN B 119 37.01 6.41 -4.25
C GLN B 119 37.61 5.72 -5.47
N GLY B 120 36.87 4.79 -6.05
CA GLY B 120 37.36 4.07 -7.20
C GLY B 120 38.00 2.74 -6.82
N THR B 121 37.93 1.78 -7.73
CA THR B 121 38.51 0.45 -7.53
C THR B 121 39.36 0.07 -8.74
N LEU B 122 40.66 -0.15 -8.53
CA LEU B 122 41.56 -0.54 -9.62
C LEU B 122 41.37 -2.00 -9.94
N VAL B 123 41.00 -2.32 -11.18
CA VAL B 123 40.83 -3.72 -11.56
C VAL B 123 41.81 -4.11 -12.68
N THR B 124 42.80 -4.92 -12.30
CA THR B 124 43.83 -5.37 -13.22
C THR B 124 43.55 -6.75 -13.81
N VAL B 125 43.41 -6.79 -15.13
CA VAL B 125 43.14 -8.03 -15.84
C VAL B 125 44.39 -8.43 -16.61
N SER B 126 45.03 -9.50 -16.15
CA SER B 126 46.27 -9.96 -16.74
C SER B 126 46.54 -11.41 -16.40
N SER B 127 47.44 -12.04 -17.16
CA SER B 127 47.80 -13.42 -16.89
C SER B 127 49.14 -13.46 -16.15
N ALA B 128 49.68 -12.29 -15.82
CA ALA B 128 50.94 -12.22 -15.11
C ALA B 128 50.79 -12.71 -13.68
N SER B 129 51.90 -13.03 -13.04
CA SER B 129 51.88 -13.50 -11.65
C SER B 129 52.39 -12.40 -10.72
N THR B 130 51.85 -12.36 -9.51
CA THR B 130 52.26 -11.38 -8.53
C THR B 130 53.77 -11.49 -8.37
N LYS B 131 54.45 -10.35 -8.33
CA LYS B 131 55.90 -10.39 -8.24
C LYS B 131 56.53 -9.09 -7.74
N GLY B 132 57.52 -9.23 -6.86
CA GLY B 132 58.22 -8.06 -6.33
C GLY B 132 59.18 -7.52 -7.38
N PRO B 133 59.42 -6.20 -7.40
CA PRO B 133 60.33 -5.62 -8.39
C PRO B 133 61.79 -5.77 -8.04
N SER B 134 62.63 -5.75 -9.07
CA SER B 134 64.07 -5.79 -8.89
C SER B 134 64.35 -4.31 -8.81
N VAL B 135 65.28 -3.90 -7.97
CA VAL B 135 65.60 -2.49 -7.85
C VAL B 135 67.07 -2.23 -8.20
N PHE B 136 67.28 -1.54 -9.32
CA PHE B 136 68.64 -1.25 -9.76
C PHE B 136 68.98 0.21 -9.59
N PRO B 137 70.24 0.50 -9.22
CA PRO B 137 70.65 1.90 -9.04
C PRO B 137 70.82 2.63 -10.36
N LEU B 138 70.56 3.93 -10.32
CA LEU B 138 70.74 4.81 -11.47
C LEU B 138 71.82 5.73 -10.91
N ALA B 139 73.04 5.20 -10.89
CA ALA B 139 74.21 5.91 -10.37
C ALA B 139 74.56 7.19 -11.11
N PRO B 140 74.99 8.20 -10.26
CA PRO B 140 75.35 9.54 -10.71
C PRO B 140 76.84 9.77 -10.95
N SER B 141 77.33 9.92 -12.17
CA SER B 141 78.53 10.68 -12.53
C SER B 141 78.76 10.70 -14.01
N SER B 142 78.30 11.79 -14.61
CA SER B 142 78.59 12.06 -16.00
C SER B 142 79.12 13.48 -15.98
N LYS B 143 80.15 13.80 -15.21
CA LYS B 143 80.68 15.16 -15.12
C LYS B 143 79.50 16.01 -14.70
N SER B 144 78.46 15.31 -14.22
CA SER B 144 77.19 15.87 -13.75
C SER B 144 76.36 16.37 -14.95
N THR B 145 77.09 16.69 -16.00
CA THR B 145 76.53 17.13 -17.29
C THR B 145 75.69 18.42 -17.34
N SER B 146 75.28 18.87 -16.16
CA SER B 146 74.37 20.02 -16.09
C SER B 146 74.59 20.79 -14.79
N GLY B 147 75.42 21.83 -14.88
CA GLY B 147 75.71 22.65 -13.72
C GLY B 147 76.24 21.87 -12.53
N GLY B 148 76.14 22.49 -11.36
CA GLY B 148 76.58 21.85 -10.14
C GLY B 148 75.45 20.95 -9.65
N THR B 149 74.60 20.44 -10.62
CA THR B 149 73.46 19.62 -10.26
C THR B 149 73.78 18.18 -10.67
N ALA B 150 73.46 17.25 -9.79
CA ALA B 150 73.66 15.84 -10.05
C ALA B 150 72.31 15.14 -9.98
N ALA B 151 72.16 14.08 -10.76
CA ALA B 151 70.93 13.31 -10.80
C ALA B 151 71.26 11.85 -10.49
N LEU B 152 70.46 11.23 -9.65
CA LEU B 152 70.68 9.83 -9.32
C LEU B 152 69.29 9.26 -9.13
N GLY B 153 69.17 7.94 -9.07
CA GLY B 153 67.85 7.35 -8.91
C GLY B 153 67.82 5.86 -8.73
N CYS B 154 66.63 5.30 -8.90
CA CYS B 154 66.41 3.87 -8.76
C CYS B 154 65.48 3.38 -9.85
N LEU B 155 65.80 2.25 -10.44
CA LEU B 155 64.95 1.68 -11.47
C LEU B 155 64.22 0.52 -10.79
N VAL B 156 62.92 0.65 -10.64
CA VAL B 156 62.11 -0.39 -10.00
C VAL B 156 61.56 -1.21 -11.16
N LYS B 157 62.22 -2.32 -11.46
CA LYS B 157 61.84 -3.14 -12.61
C LYS B 157 61.14 -4.49 -12.47
N ASP B 158 60.24 -4.73 -13.42
CA ASP B 158 59.47 -5.97 -13.54
C ASP B 158 58.64 -6.42 -12.36
N TYR B 159 57.63 -5.64 -12.00
CA TYR B 159 56.80 -6.03 -10.89
C TYR B 159 55.36 -6.14 -11.37
N PHE B 160 54.55 -6.77 -10.54
CA PHE B 160 53.13 -6.94 -10.85
C PHE B 160 52.40 -7.35 -9.60
N PRO B 161 51.24 -6.75 -9.36
CA PRO B 161 50.66 -5.71 -10.22
C PRO B 161 50.99 -4.34 -9.62
N GLU B 162 50.32 -3.32 -10.12
CA GLU B 162 50.47 -1.97 -9.59
C GLU B 162 49.81 -2.09 -8.22
N PRO B 163 50.12 -1.15 -7.32
CA PRO B 163 51.07 -0.05 -7.42
C PRO B 163 52.37 -0.44 -6.76
N VAL B 164 53.32 0.47 -6.63
CA VAL B 164 54.54 0.35 -5.85
C VAL B 164 54.73 1.76 -5.33
N THR B 165 55.45 1.90 -4.23
CA THR B 165 55.70 3.22 -3.69
C THR B 165 57.20 3.39 -3.52
N VAL B 166 57.65 4.63 -3.66
CA VAL B 166 59.07 4.95 -3.51
C VAL B 166 59.24 6.19 -2.64
N SER B 167 60.26 6.17 -1.78
CA SER B 167 60.56 7.32 -0.96
C SER B 167 62.08 7.30 -0.92
N TRP B 168 62.69 8.41 -0.52
CA TRP B 168 64.13 8.46 -0.43
C TRP B 168 64.52 8.78 1.00
N ASN B 169 65.59 8.12 1.46
CA ASN B 169 66.09 8.31 2.82
C ASN B 169 64.93 8.29 3.82
N SER B 170 64.08 7.28 3.68
CA SER B 170 62.94 7.06 4.55
C SER B 170 61.97 8.22 4.60
N GLY B 171 61.99 9.05 3.58
CA GLY B 171 61.09 10.18 3.54
C GLY B 171 61.74 11.50 3.95
N ALA B 172 62.99 11.43 4.40
CA ALA B 172 63.69 12.64 4.81
C ALA B 172 64.00 13.54 3.61
N LEU B 173 64.14 12.93 2.44
CA LEU B 173 64.46 13.66 1.21
C LEU B 173 63.26 13.69 0.28
N THR B 174 62.79 14.90 -0.05
CA THR B 174 61.63 15.05 -0.91
C THR B 174 61.78 16.10 -2.00
N SER B 175 62.61 17.11 -1.77
CA SER B 175 62.81 18.15 -2.77
C SER B 175 63.64 17.58 -3.91
N GLY B 176 63.26 17.92 -5.14
CA GLY B 176 63.98 17.43 -6.30
C GLY B 176 63.69 15.97 -6.62
N VAL B 177 62.67 15.42 -5.97
CA VAL B 177 62.30 14.03 -6.20
C VAL B 177 61.28 13.88 -7.33
N HIS B 178 61.50 12.91 -8.20
CA HIS B 178 60.59 12.65 -9.31
C HIS B 178 60.38 11.15 -9.48
N THR B 179 59.19 10.69 -9.11
CA THR B 179 58.84 9.28 -9.25
C THR B 179 57.90 9.26 -10.45
N PHE B 180 58.32 8.59 -11.52
CA PHE B 180 57.52 8.54 -12.75
C PHE B 180 56.43 7.46 -12.78
N PRO B 181 55.29 7.76 -13.43
CA PRO B 181 54.24 6.75 -13.50
C PRO B 181 54.88 5.49 -14.11
N ALA B 182 54.40 4.32 -13.72
CA ALA B 182 54.95 3.10 -14.28
C ALA B 182 54.48 2.90 -15.71
N VAL B 183 55.26 2.13 -16.46
CA VAL B 183 54.89 1.79 -17.82
C VAL B 183 54.66 0.29 -17.85
N LEU B 184 53.71 -0.16 -18.67
CA LEU B 184 53.40 -1.56 -18.81
C LEU B 184 54.22 -2.09 -19.97
N GLN B 185 55.14 -3.01 -19.69
CA GLN B 185 55.99 -3.59 -20.71
C GLN B 185 55.27 -4.72 -21.44
N SER B 186 55.77 -5.11 -22.61
CA SER B 186 55.15 -6.17 -23.38
C SER B 186 55.14 -7.50 -22.63
N SER B 187 56.07 -7.63 -21.69
CA SER B 187 56.18 -8.83 -20.87
C SER B 187 54.99 -8.97 -19.93
N GLY B 188 54.21 -7.91 -19.80
CA GLY B 188 53.08 -7.94 -18.90
C GLY B 188 53.47 -7.44 -17.52
N LEU B 189 54.73 -7.04 -17.36
CA LEU B 189 55.20 -6.52 -16.07
C LEU B 189 55.41 -5.00 -16.12
N TYR B 190 55.22 -4.36 -14.97
CA TYR B 190 55.38 -2.92 -14.83
C TYR B 190 56.81 -2.54 -14.52
N SER B 191 57.13 -1.29 -14.82
CA SER B 191 58.45 -0.77 -14.54
C SER B 191 58.32 0.73 -14.42
N LEU B 192 59.08 1.32 -13.50
CA LEU B 192 59.05 2.76 -13.31
C LEU B 192 60.39 3.16 -12.73
N SER B 193 60.64 4.45 -12.66
CA SER B 193 61.90 4.91 -12.09
C SER B 193 61.62 6.08 -11.18
N SER B 194 62.50 6.26 -10.20
CA SER B 194 62.39 7.36 -9.25
C SER B 194 63.78 8.02 -9.24
N VAL B 195 63.82 9.32 -9.44
CA VAL B 195 65.08 10.03 -9.45
C VAL B 195 64.99 11.24 -8.57
N VAL B 196 66.15 11.77 -8.21
CA VAL B 196 66.21 12.98 -7.40
C VAL B 196 67.43 13.73 -7.90
N THR B 197 67.31 15.05 -8.00
CA THR B 197 68.44 15.86 -8.41
C THR B 197 68.98 16.43 -7.12
N VAL B 198 70.30 16.55 -7.04
CA VAL B 198 70.93 17.05 -5.83
C VAL B 198 72.18 17.82 -6.19
N PRO B 199 72.76 18.55 -5.23
CA PRO B 199 73.98 19.29 -5.55
C PRO B 199 75.03 18.25 -5.86
N SER B 200 75.83 18.46 -6.89
CA SER B 200 76.86 17.48 -7.23
C SER B 200 77.87 17.34 -6.07
N SER B 201 78.04 18.40 -5.30
CA SER B 201 78.97 18.37 -4.18
C SER B 201 78.53 17.45 -3.03
N SER B 202 77.27 17.04 -3.01
CA SER B 202 76.83 16.15 -1.94
C SER B 202 77.00 14.68 -2.32
N LEU B 203 77.41 14.42 -3.57
CA LEU B 203 77.59 13.05 -4.03
C LEU B 203 78.69 12.33 -3.26
N GLY B 204 79.65 13.09 -2.78
CA GLY B 204 80.73 12.48 -2.03
C GLY B 204 80.46 12.35 -0.54
N THR B 205 79.40 12.96 -0.03
CA THR B 205 79.15 12.90 1.41
C THR B 205 77.79 12.46 1.90
N GLN B 206 76.77 12.58 1.08
CA GLN B 206 75.42 12.19 1.49
C GLN B 206 75.05 10.78 1.01
N THR B 207 74.43 10.00 1.88
CA THR B 207 74.03 8.65 1.47
C THR B 207 72.66 8.79 0.84
N TYR B 208 72.45 8.10 -0.26
CA TYR B 208 71.18 8.15 -0.96
C TYR B 208 70.60 6.75 -1.06
N ILE B 209 69.50 6.55 -0.33
CA ILE B 209 68.81 5.28 -0.27
C ILE B 209 67.35 5.42 -0.72
N CYS B 210 66.94 4.60 -1.68
CA CYS B 210 65.54 4.66 -2.10
C CYS B 210 64.84 3.49 -1.42
N ASN B 211 63.69 3.78 -0.83
CA ASN B 211 62.90 2.78 -0.13
C ASN B 211 61.78 2.38 -1.06
N VAL B 212 61.81 1.13 -1.53
CA VAL B 212 60.79 0.64 -2.44
C VAL B 212 59.87 -0.37 -1.78
N ASN B 213 58.57 -0.15 -1.92
CA ASN B 213 57.60 -1.05 -1.31
C ASN B 213 56.51 -1.50 -2.26
N HIS B 214 56.37 -2.82 -2.41
CA HIS B 214 55.35 -3.40 -3.26
C HIS B 214 54.49 -4.27 -2.36
N LYS B 215 53.41 -3.70 -1.85
CA LYS B 215 52.53 -4.40 -0.92
C LYS B 215 51.98 -5.74 -1.47
N PRO B 216 51.53 -5.77 -2.74
CA PRO B 216 51.00 -7.00 -3.33
C PRO B 216 51.87 -8.24 -3.15
N SER B 217 53.19 -8.07 -3.13
CA SER B 217 54.08 -9.20 -2.95
C SER B 217 54.77 -9.10 -1.60
N ASN B 218 54.31 -8.19 -0.76
CA ASN B 218 54.93 -7.99 0.54
C ASN B 218 56.43 -7.87 0.36
N THR B 219 56.83 -6.94 -0.50
CA THR B 219 58.26 -6.70 -0.78
C THR B 219 58.68 -5.30 -0.36
N LYS B 220 59.75 -5.23 0.43
CA LYS B 220 60.30 -3.96 0.86
C LYS B 220 61.78 -4.03 0.54
N VAL B 221 62.30 -3.00 -0.11
CA VAL B 221 63.70 -3.00 -0.47
C VAL B 221 64.33 -1.63 -0.25
N ASP B 222 65.57 -1.62 0.21
CA ASP B 222 66.29 -0.39 0.44
C ASP B 222 67.58 -0.51 -0.35
N LYS B 223 67.69 0.28 -1.42
CA LYS B 223 68.86 0.25 -2.26
C LYS B 223 69.69 1.51 -2.14
N LYS B 224 70.94 1.35 -1.73
CA LYS B 224 71.85 2.48 -1.61
C LYS B 224 72.33 2.79 -3.02
N VAL B 225 72.22 4.03 -3.44
CA VAL B 225 72.67 4.40 -4.78
C VAL B 225 73.98 5.18 -4.59
N GLU B 226 75.07 4.67 -5.17
CA GLU B 226 76.37 5.32 -5.03
C GLU B 226 76.99 5.78 -6.35
N PRO B 227 77.89 6.77 -6.29
CA PRO B 227 78.53 7.27 -7.50
C PRO B 227 79.28 6.16 -8.23
N GLU C 1 20.87 1.43 -34.76
CA GLU C 1 19.79 1.34 -35.78
C GLU C 1 19.91 0.02 -36.53
N ILE C 2 19.25 -1.01 -36.01
CA ILE C 2 19.27 -2.33 -36.63
C ILE C 2 18.39 -2.35 -37.88
N VAL C 3 19.01 -2.61 -39.03
CA VAL C 3 18.29 -2.67 -40.30
C VAL C 3 17.83 -4.10 -40.59
N LEU C 4 16.55 -4.26 -40.89
CA LEU C 4 16.00 -5.58 -41.19
C LEU C 4 15.71 -5.68 -42.68
N THR C 5 16.28 -6.69 -43.32
CA THR C 5 16.08 -6.92 -44.76
C THR C 5 15.21 -8.14 -45.01
N GLN C 6 14.10 -7.94 -45.70
CA GLN C 6 13.20 -9.03 -46.03
C GLN C 6 13.29 -9.27 -47.53
N SER C 7 13.68 -10.47 -47.91
CA SER C 7 13.81 -10.81 -49.32
C SER C 7 13.30 -12.21 -49.61
N PRO C 8 12.56 -12.38 -50.72
CA PRO C 8 12.25 -11.32 -51.67
C PRO C 8 11.14 -10.40 -51.17
N GLY C 9 10.91 -9.32 -51.89
CA GLY C 9 9.87 -8.39 -51.51
C GLY C 9 8.50 -8.95 -51.85
N THR C 10 8.48 -9.94 -52.74
CA THR C 10 7.23 -10.55 -53.16
C THR C 10 7.45 -12.04 -53.38
N GLN C 11 6.46 -12.84 -53.03
CA GLN C 11 6.54 -14.28 -53.21
C GLN C 11 5.23 -14.75 -53.81
N SER C 12 5.31 -15.47 -54.93
CA SER C 12 4.13 -15.97 -55.62
C SER C 12 3.97 -17.47 -55.37
N LEU C 13 3.00 -17.83 -54.54
CA LEU C 13 2.79 -19.22 -54.21
C LEU C 13 1.37 -19.67 -54.54
N SER C 14 1.13 -20.97 -54.48
CA SER C 14 -0.20 -21.49 -54.77
C SER C 14 -0.93 -21.77 -53.45
N PRO C 15 -2.26 -21.69 -53.47
CA PRO C 15 -3.01 -21.96 -52.25
C PRO C 15 -2.63 -23.34 -51.73
N GLY C 16 -2.63 -23.51 -50.41
CA GLY C 16 -2.30 -24.81 -49.83
C GLY C 16 -0.83 -25.18 -49.87
N GLU C 17 0.01 -24.26 -50.36
CA GLU C 17 1.44 -24.53 -50.45
C GLU C 17 2.16 -24.18 -49.14
N ARG C 18 3.48 -24.28 -49.17
CA ARG C 18 4.29 -23.98 -48.00
C ARG C 18 5.06 -22.71 -48.28
N ALA C 19 4.96 -21.74 -47.38
CA ALA C 19 5.65 -20.47 -47.56
C ALA C 19 6.81 -20.29 -46.59
N THR C 20 7.87 -19.65 -47.06
CA THR C 20 9.06 -19.39 -46.25
C THR C 20 9.48 -17.94 -46.42
N LEU C 21 9.47 -17.19 -45.32
CA LEU C 21 9.85 -15.78 -45.36
C LEU C 21 11.04 -15.51 -44.43
N SER C 22 12.06 -14.87 -44.98
CA SER C 22 13.28 -14.58 -44.22
C SER C 22 13.40 -13.14 -43.78
N CYS C 23 14.15 -12.95 -42.70
CA CYS C 23 14.40 -11.64 -42.15
C CYS C 23 15.83 -11.68 -41.61
N ARG C 24 16.69 -10.83 -42.15
CA ARG C 24 18.08 -10.76 -41.71
C ARG C 24 18.31 -9.38 -41.12
N ALA C 25 19.06 -9.34 -40.02
CA ALA C 25 19.36 -8.08 -39.36
C ALA C 25 20.81 -7.71 -39.62
N SER C 26 21.10 -6.41 -39.59
CA SER C 26 22.44 -5.90 -39.81
C SER C 26 23.36 -6.28 -38.65
N GLN C 27 22.76 -6.66 -37.53
CA GLN C 27 23.51 -7.10 -36.36
C GLN C 27 22.64 -8.03 -35.52
N SER C 28 23.26 -8.79 -34.63
CA SER C 28 22.53 -9.73 -33.81
C SER C 28 21.40 -9.08 -33.02
N VAL C 29 20.27 -9.77 -32.94
CA VAL C 29 19.10 -9.28 -32.22
C VAL C 29 19.06 -9.84 -30.80
N GLY C 30 19.31 -8.95 -29.83
CA GLY C 30 19.32 -9.35 -28.43
C GLY C 30 18.15 -10.22 -27.97
N ASN C 31 18.48 -11.31 -27.29
CA ASN C 31 17.49 -12.24 -26.78
C ASN C 31 16.42 -12.60 -27.81
N ASN C 32 16.81 -12.54 -29.07
CA ASN C 32 15.90 -12.88 -30.15
C ASN C 32 14.51 -12.30 -29.98
N LYS C 33 14.46 -10.99 -29.74
CA LYS C 33 13.19 -10.31 -29.59
C LYS C 33 12.80 -9.80 -30.97
N LEU C 34 12.33 -10.74 -31.78
CA LEU C 34 11.91 -10.45 -33.13
C LEU C 34 10.49 -10.96 -33.27
N ALA C 35 9.66 -10.23 -34.00
CA ALA C 35 8.28 -10.63 -34.16
C ALA C 35 7.81 -10.48 -35.60
N TRP C 36 6.80 -11.28 -35.96
CA TRP C 36 6.24 -11.22 -37.30
C TRP C 36 4.80 -10.73 -37.25
N TYR C 37 4.44 -9.87 -38.21
CA TYR C 37 3.08 -9.35 -38.28
C TYR C 37 2.49 -9.57 -39.66
N GLN C 38 1.17 -9.67 -39.71
CA GLN C 38 0.44 -9.84 -40.97
C GLN C 38 -0.45 -8.63 -41.17
N GLN C 39 -0.47 -8.11 -42.40
CA GLN C 39 -1.32 -6.97 -42.69
C GLN C 39 -1.99 -7.10 -44.05
N ARG C 40 -3.32 -7.11 -44.03
CA ARG C 40 -4.13 -7.21 -45.24
C ARG C 40 -4.45 -5.77 -45.64
N PRO C 41 -4.64 -5.51 -46.94
CA PRO C 41 -4.94 -4.15 -47.37
C PRO C 41 -6.12 -3.55 -46.59
N GLY C 42 -5.99 -2.29 -46.20
CA GLY C 42 -7.05 -1.63 -45.46
C GLY C 42 -7.34 -2.15 -44.08
N GLN C 43 -6.35 -2.73 -43.41
CA GLN C 43 -6.58 -3.25 -42.07
C GLN C 43 -5.33 -3.09 -41.21
N ALA C 44 -5.52 -3.17 -39.90
CA ALA C 44 -4.42 -3.01 -38.95
C ALA C 44 -3.54 -4.24 -38.90
N PRO C 45 -2.22 -4.06 -38.66
CA PRO C 45 -1.33 -5.22 -38.61
C PRO C 45 -1.79 -6.20 -37.53
N ARG C 46 -1.35 -7.45 -37.66
CA ARG C 46 -1.72 -8.46 -36.69
C ARG C 46 -0.48 -9.25 -36.29
N LEU C 47 -0.31 -9.39 -34.97
CA LEU C 47 0.82 -10.11 -34.40
C LEU C 47 0.64 -11.62 -34.61
N LEU C 48 1.64 -12.26 -35.23
CA LEU C 48 1.57 -13.70 -35.49
C LEU C 48 2.56 -14.47 -34.62
N ILE C 49 3.77 -13.91 -34.52
CA ILE C 49 4.85 -14.51 -33.75
C ILE C 49 5.71 -13.46 -33.04
N TYR C 50 6.09 -13.76 -31.80
CA TYR C 50 6.94 -12.88 -31.02
C TYR C 50 8.06 -13.74 -30.43
N GLY C 51 9.10 -13.10 -29.91
CA GLY C 51 10.20 -13.87 -29.35
C GLY C 51 10.74 -14.86 -30.37
N ALA C 52 10.69 -14.49 -31.64
CA ALA C 52 11.18 -15.29 -32.76
C ALA C 52 10.46 -16.60 -33.07
N SER C 53 9.90 -17.26 -32.05
CA SER C 53 9.23 -18.54 -32.31
C SER C 53 8.05 -18.81 -31.40
N SER C 54 7.59 -17.80 -30.69
CA SER C 54 6.46 -17.96 -29.80
C SER C 54 5.17 -17.52 -30.50
N ARG C 55 4.10 -18.31 -30.34
CA ARG C 55 2.84 -17.98 -30.98
C ARG C 55 1.71 -17.74 -29.99
N PRO C 56 1.14 -16.53 -29.98
CA PRO C 56 0.05 -16.21 -29.07
C PRO C 56 -1.20 -17.02 -29.44
N SER C 57 -2.07 -17.26 -28.47
CA SER C 57 -3.28 -18.03 -28.73
C SER C 57 -4.12 -17.30 -29.75
N GLY C 58 -4.95 -18.02 -30.49
CA GLY C 58 -5.78 -17.40 -31.49
C GLY C 58 -5.09 -17.28 -32.83
N VAL C 59 -3.85 -17.77 -32.91
CA VAL C 59 -3.09 -17.76 -34.15
C VAL C 59 -2.98 -19.19 -34.66
N ALA C 60 -3.42 -19.42 -35.89
CA ALA C 60 -3.38 -20.75 -36.49
C ALA C 60 -2.02 -21.42 -36.29
N ASP C 61 -2.05 -22.73 -36.10
CA ASP C 61 -0.85 -23.52 -35.87
C ASP C 61 0.09 -23.51 -37.08
N ARG C 62 -0.50 -23.39 -38.27
CA ARG C 62 0.29 -23.40 -39.50
C ARG C 62 1.34 -22.28 -39.54
N PHE C 63 1.26 -21.35 -38.59
CA PHE C 63 2.23 -20.25 -38.52
C PHE C 63 3.37 -20.65 -37.58
N SER C 64 4.59 -20.62 -38.09
CA SER C 64 5.75 -20.99 -37.29
C SER C 64 6.89 -19.99 -37.45
N GLY C 65 7.59 -19.75 -36.35
CA GLY C 65 8.71 -18.83 -36.38
C GLY C 65 9.94 -19.52 -35.85
N SER C 66 11.09 -19.21 -36.43
CA SER C 66 12.35 -19.80 -35.99
C SER C 66 13.51 -18.89 -36.36
N GLY C 67 14.72 -19.33 -36.02
CA GLY C 67 15.89 -18.53 -36.33
C GLY C 67 16.49 -17.92 -35.08
N SER C 68 17.53 -17.13 -35.26
CA SER C 68 18.19 -16.48 -34.14
C SER C 68 19.33 -15.59 -34.62
N GLY C 69 20.03 -14.78 -33.83
CA GLY C 69 21.14 -13.90 -34.15
C GLY C 69 20.79 -12.77 -35.09
N THR C 70 20.92 -13.30 -36.32
CA THR C 70 20.66 -12.36 -37.40
C THR C 70 19.75 -12.95 -38.47
N ASP C 71 19.55 -14.25 -38.43
CA ASP C 71 18.71 -14.93 -39.42
C ASP C 71 17.45 -15.51 -38.79
N PHE C 72 16.30 -15.09 -39.28
CA PHE C 72 15.01 -15.55 -38.76
C PHE C 72 14.08 -15.97 -39.88
N THR C 73 13.15 -16.87 -39.57
CA THR C 73 12.26 -17.33 -40.61
C THR C 73 10.82 -17.55 -40.18
N LEU C 74 9.91 -17.14 -41.04
CA LEU C 74 8.48 -17.33 -40.81
C LEU C 74 8.07 -18.40 -41.80
N THR C 75 7.44 -19.45 -41.31
CA THR C 75 7.00 -20.53 -42.17
C THR C 75 5.50 -20.73 -42.04
N ILE C 76 4.85 -20.88 -43.18
CA ILE C 76 3.42 -21.12 -43.20
C ILE C 76 3.28 -22.49 -43.87
N SER C 77 3.11 -23.52 -43.05
CA SER C 77 3.01 -24.89 -43.51
C SER C 77 2.07 -25.07 -44.70
N ARG C 78 0.88 -24.47 -44.61
CA ARG C 78 -0.11 -24.57 -45.68
C ARG C 78 -0.84 -23.25 -45.81
N LEU C 79 -0.74 -22.65 -46.99
CA LEU C 79 -1.37 -21.37 -47.26
C LEU C 79 -2.88 -21.46 -47.48
N GLU C 80 -3.62 -20.74 -46.65
CA GLU C 80 -5.08 -20.69 -46.77
C GLU C 80 -5.39 -19.41 -47.53
N PRO C 81 -6.64 -19.27 -48.02
CA PRO C 81 -7.01 -18.06 -48.77
C PRO C 81 -6.68 -16.73 -48.07
N GLU C 82 -6.81 -16.67 -46.75
CA GLU C 82 -6.53 -15.41 -46.07
C GLU C 82 -5.07 -15.22 -45.66
N ASP C 83 -4.20 -16.14 -46.03
CA ASP C 83 -2.80 -15.99 -45.65
C ASP C 83 -2.02 -15.16 -46.64
N PHE C 84 -2.62 -14.89 -47.80
CA PHE C 84 -1.96 -14.08 -48.80
C PHE C 84 -2.08 -12.63 -48.40
N ALA C 85 -0.98 -12.11 -47.84
CA ALA C 85 -0.96 -10.75 -47.38
C ALA C 85 0.47 -10.26 -47.33
N VAL C 86 0.70 -9.22 -46.54
CA VAL C 86 2.03 -8.67 -46.37
C VAL C 86 2.50 -9.04 -44.98
N TYR C 87 3.74 -9.52 -44.90
CA TYR C 87 4.33 -9.93 -43.64
C TYR C 87 5.51 -9.08 -43.26
N TYR C 88 5.44 -8.50 -42.06
CA TYR C 88 6.50 -7.63 -41.57
C TYR C 88 7.24 -8.23 -40.36
N CYS C 89 8.56 -8.20 -40.39
CA CYS C 89 9.30 -8.66 -39.22
C CYS C 89 9.67 -7.40 -38.46
N GLN C 90 9.90 -7.55 -37.16
CA GLN C 90 10.26 -6.41 -36.33
C GLN C 90 11.20 -6.82 -35.21
N GLN C 91 12.19 -5.99 -34.92
CA GLN C 91 13.07 -6.32 -33.82
C GLN C 91 12.89 -5.28 -32.72
N TYR C 92 12.89 -5.75 -31.48
CA TYR C 92 12.73 -4.87 -30.34
C TYR C 92 13.74 -5.28 -29.26
N GLY C 93 14.93 -5.65 -29.73
CA GLY C 93 16.00 -6.06 -28.84
C GLY C 93 16.77 -4.86 -28.29
N GLN C 94 16.31 -3.67 -28.65
CA GLN C 94 16.91 -2.44 -28.19
C GLN C 94 15.83 -1.38 -28.27
N SER C 95 16.01 -0.28 -27.55
CA SER C 95 15.02 0.78 -27.51
C SER C 95 14.53 1.23 -28.88
N LEU C 96 15.43 1.37 -29.84
CA LEU C 96 15.03 1.80 -31.17
C LEU C 96 14.52 0.61 -31.97
N SER C 97 13.21 0.35 -31.88
CA SER C 97 12.61 -0.75 -32.61
C SER C 97 12.51 -0.41 -34.09
N THR C 98 12.71 -1.40 -34.95
CA THR C 98 12.57 -1.16 -36.39
C THR C 98 11.81 -2.30 -37.06
N PHE C 99 11.18 -1.99 -38.18
CA PHE C 99 10.44 -2.96 -38.95
C PHE C 99 11.16 -3.25 -40.27
N GLY C 100 10.96 -4.44 -40.81
CA GLY C 100 11.56 -4.74 -42.09
C GLY C 100 10.64 -4.05 -43.08
N GLN C 101 11.02 -4.02 -44.36
CA GLN C 101 10.20 -3.38 -45.39
C GLN C 101 8.96 -4.21 -45.71
N GLY C 102 8.95 -5.46 -45.29
CA GLY C 102 7.80 -6.30 -45.54
C GLY C 102 7.85 -7.11 -46.82
N THR C 103 7.24 -8.29 -46.78
CA THR C 103 7.19 -9.19 -47.92
C THR C 103 5.75 -9.54 -48.21
N LYS C 104 5.35 -9.31 -49.45
CA LYS C 104 3.99 -9.58 -49.90
C LYS C 104 3.91 -10.99 -50.45
N VAL C 105 2.99 -11.78 -49.89
CA VAL C 105 2.79 -13.14 -50.35
C VAL C 105 1.54 -13.10 -51.23
N GLU C 106 1.73 -13.15 -52.54
CA GLU C 106 0.60 -13.10 -53.44
C GLU C 106 0.28 -14.46 -54.04
N VAL C 107 -0.97 -14.60 -54.47
CA VAL C 107 -1.45 -15.84 -55.06
C VAL C 107 -0.90 -16.09 -56.46
N LYS C 108 -0.30 -17.26 -56.64
CA LYS C 108 0.23 -17.64 -57.94
C LYS C 108 -0.89 -18.35 -58.70
N ARG C 109 -1.21 -17.87 -59.90
CA ARG C 109 -2.26 -18.49 -60.71
C ARG C 109 -1.84 -18.50 -62.17
N THR C 110 -2.69 -19.05 -63.02
CA THR C 110 -2.36 -19.12 -64.44
C THR C 110 -2.30 -17.72 -65.04
N VAL C 111 -1.50 -17.56 -66.08
CA VAL C 111 -1.38 -16.28 -66.76
C VAL C 111 -2.75 -15.86 -67.27
N ALA C 112 -3.03 -14.57 -67.23
CA ALA C 112 -4.30 -14.05 -67.71
C ALA C 112 -4.04 -12.74 -68.41
N ALA C 113 -4.14 -12.77 -69.74
CA ALA C 113 -3.93 -11.59 -70.54
C ALA C 113 -5.00 -10.56 -70.15
N PRO C 114 -4.63 -9.27 -70.14
CA PRO C 114 -5.60 -8.26 -69.77
C PRO C 114 -6.54 -7.89 -70.90
N SER C 115 -7.72 -7.41 -70.52
CA SER C 115 -8.70 -6.94 -71.47
C SER C 115 -8.34 -5.45 -71.44
N VAL C 116 -8.18 -4.85 -72.62
CA VAL C 116 -7.80 -3.45 -72.73
C VAL C 116 -8.92 -2.54 -73.25
N PHE C 117 -9.07 -1.39 -72.59
CA PHE C 117 -10.09 -0.40 -72.92
C PHE C 117 -9.52 1.02 -72.84
N ILE C 118 -10.01 1.89 -73.72
CA ILE C 118 -9.57 3.27 -73.72
C ILE C 118 -10.78 4.18 -73.66
N PHE C 119 -10.69 5.27 -72.89
CA PHE C 119 -11.78 6.21 -72.76
C PHE C 119 -11.34 7.65 -73.08
N PRO C 120 -12.00 8.28 -74.05
CA PRO C 120 -11.67 9.65 -74.44
C PRO C 120 -12.15 10.57 -73.32
N PRO C 121 -11.64 11.81 -73.26
CA PRO C 121 -12.14 12.65 -72.19
C PRO C 121 -13.61 12.96 -72.46
N SER C 122 -14.35 13.30 -71.41
CA SER C 122 -15.75 13.61 -71.57
C SER C 122 -15.82 15.07 -71.98
N ASP C 123 -16.85 15.42 -72.75
CA ASP C 123 -17.04 16.80 -73.17
C ASP C 123 -17.18 17.66 -71.92
N GLU C 124 -17.88 17.12 -70.92
CA GLU C 124 -18.08 17.83 -69.66
C GLU C 124 -16.75 18.32 -69.11
N GLN C 125 -15.79 17.42 -68.91
CA GLN C 125 -14.49 17.85 -68.39
C GLN C 125 -13.79 18.82 -69.34
N LEU C 126 -13.97 18.66 -70.65
CA LEU C 126 -13.31 19.55 -71.60
C LEU C 126 -13.70 21.00 -71.36
N LYS C 127 -14.98 21.22 -71.11
CA LYS C 127 -15.48 22.58 -70.84
C LYS C 127 -14.62 23.21 -69.74
N SER C 128 -14.00 22.36 -68.93
CA SER C 128 -13.18 22.81 -67.82
C SER C 128 -11.77 23.25 -68.20
N GLY C 129 -11.31 22.85 -69.38
CA GLY C 129 -9.97 23.25 -69.80
C GLY C 129 -8.92 22.18 -69.61
N THR C 130 -9.36 20.98 -69.26
CA THR C 130 -8.45 19.86 -69.05
C THR C 130 -9.00 18.65 -69.77
N ALA C 131 -8.12 17.71 -70.10
CA ALA C 131 -8.52 16.49 -70.78
C ALA C 131 -7.79 15.31 -70.18
N SER C 132 -8.55 14.38 -69.61
CA SER C 132 -7.98 13.19 -69.03
C SER C 132 -8.30 12.05 -69.97
N VAL C 133 -7.27 11.33 -70.41
CA VAL C 133 -7.44 10.20 -71.31
C VAL C 133 -7.12 8.98 -70.48
N VAL C 134 -8.11 8.10 -70.35
CA VAL C 134 -7.94 6.92 -69.52
C VAL C 134 -7.83 5.62 -70.27
N CYS C 135 -6.88 4.80 -69.82
CA CYS C 135 -6.64 3.49 -70.40
C CYS C 135 -6.75 2.48 -69.28
N LEU C 136 -7.52 1.42 -69.50
CA LEU C 136 -7.72 0.40 -68.48
C LEU C 136 -7.29 -1.00 -68.89
N LEU C 137 -6.58 -1.66 -68.00
CA LEU C 137 -6.12 -3.03 -68.18
C LEU C 137 -6.91 -3.83 -67.14
N ASN C 138 -7.82 -4.66 -67.63
CA ASN C 138 -8.71 -5.43 -66.77
C ASN C 138 -8.32 -6.88 -66.49
N ASN C 139 -8.25 -7.18 -65.19
CA ASN C 139 -7.96 -8.51 -64.64
C ASN C 139 -6.88 -9.36 -65.31
N PHE C 140 -5.62 -9.01 -65.08
CA PHE C 140 -4.50 -9.74 -65.66
C PHE C 140 -3.57 -10.35 -64.63
N TYR C 141 -2.71 -11.25 -65.10
CA TYR C 141 -1.73 -11.93 -64.26
C TYR C 141 -0.65 -12.54 -65.17
N PRO C 142 0.63 -12.41 -64.78
CA PRO C 142 1.18 -11.75 -63.60
C PRO C 142 0.98 -10.23 -63.61
N ARG C 143 1.44 -9.58 -62.55
CA ARG C 143 1.28 -8.13 -62.39
C ARG C 143 2.12 -7.25 -63.30
N GLU C 144 3.26 -7.77 -63.77
CA GLU C 144 4.12 -7.00 -64.68
C GLU C 144 3.31 -6.59 -65.91
N ALA C 145 3.41 -5.32 -66.28
CA ALA C 145 2.69 -4.82 -67.45
C ALA C 145 3.27 -3.52 -67.97
N LYS C 146 3.40 -3.41 -69.29
CA LYS C 146 3.94 -2.22 -69.93
C LYS C 146 2.82 -1.46 -70.65
N VAL C 147 2.66 -0.19 -70.31
CA VAL C 147 1.64 0.65 -70.92
C VAL C 147 2.25 1.90 -71.51
N GLN C 148 2.08 2.07 -72.82
CA GLN C 148 2.64 3.24 -73.50
C GLN C 148 1.56 4.04 -74.20
N TRP C 149 1.69 5.36 -74.11
CA TRP C 149 0.72 6.22 -74.77
C TRP C 149 1.33 6.70 -76.07
N LYS C 150 0.49 6.82 -77.09
CA LYS C 150 0.94 7.31 -78.38
C LYS C 150 -0.11 8.28 -78.88
N VAL C 151 0.29 9.54 -79.03
CA VAL C 151 -0.60 10.58 -79.54
C VAL C 151 -0.08 10.83 -80.95
N ASP C 152 -0.88 10.45 -81.94
CA ASP C 152 -0.50 10.56 -83.34
C ASP C 152 0.82 9.80 -83.55
N ASN C 153 0.81 8.55 -83.08
CA ASN C 153 1.96 7.65 -83.17
C ASN C 153 3.20 8.24 -82.53
N ALA C 154 3.01 9.29 -81.74
CA ALA C 154 4.11 9.94 -81.05
C ALA C 154 4.12 9.44 -79.62
N LEU C 155 5.20 8.76 -79.24
CA LEU C 155 5.35 8.20 -77.89
C LEU C 155 5.31 9.28 -76.82
N GLN C 156 4.37 9.15 -75.89
CA GLN C 156 4.21 10.10 -74.79
C GLN C 156 5.11 9.72 -73.63
N SER C 157 5.57 10.72 -72.87
CA SER C 157 6.44 10.44 -71.74
C SER C 157 6.31 11.42 -70.58
N GLY C 158 6.28 10.87 -69.37
CA GLY C 158 6.19 11.70 -68.17
C GLY C 158 4.91 12.49 -67.98
N ASN C 159 3.92 12.28 -68.83
CA ASN C 159 2.68 13.01 -68.69
C ASN C 159 1.47 12.11 -68.38
N SER C 160 1.75 10.95 -67.79
CA SER C 160 0.68 10.02 -67.43
C SER C 160 0.99 9.35 -66.10
N GLN C 161 -0.05 8.85 -65.43
CA GLN C 161 0.10 8.18 -64.15
C GLN C 161 -0.60 6.82 -64.13
N GLU C 162 -0.01 5.87 -63.43
CA GLU C 162 -0.57 4.53 -63.32
C GLU C 162 -1.01 4.24 -61.89
N SER C 163 -2.11 3.51 -61.76
CA SER C 163 -2.61 3.10 -60.47
C SER C 163 -3.03 1.65 -60.62
N VAL C 164 -2.60 0.80 -59.68
CA VAL C 164 -2.93 -0.62 -59.73
C VAL C 164 -3.73 -1.07 -58.50
N THR C 165 -4.65 -2.00 -58.69
CA THR C 165 -5.46 -2.54 -57.60
C THR C 165 -4.75 -3.68 -56.87
N GLU C 166 -5.26 -4.02 -55.68
CA GLU C 166 -4.71 -5.14 -54.92
C GLU C 166 -5.21 -6.36 -55.67
N GLN C 167 -4.49 -7.48 -55.56
CA GLN C 167 -4.87 -8.72 -56.24
C GLN C 167 -6.30 -9.12 -55.83
N ASP C 168 -7.12 -9.44 -56.82
CA ASP C 168 -8.51 -9.83 -56.59
C ASP C 168 -8.65 -11.04 -55.67
N SER C 169 -9.54 -10.96 -54.69
CA SER C 169 -9.73 -12.07 -53.76
C SER C 169 -10.37 -13.30 -54.40
N LYS C 170 -11.07 -13.13 -55.52
CA LYS C 170 -11.71 -14.26 -56.18
C LYS C 170 -10.91 -14.86 -57.34
N ASP C 171 -10.49 -14.03 -58.30
CA ASP C 171 -9.73 -14.58 -59.42
C ASP C 171 -8.22 -14.30 -59.32
N SER C 172 -7.79 -13.69 -58.22
CA SER C 172 -6.37 -13.40 -58.01
C SER C 172 -5.72 -12.61 -59.15
N THR C 173 -6.46 -11.69 -59.76
CA THR C 173 -5.89 -10.89 -60.84
C THR C 173 -5.64 -9.46 -60.38
N TYR C 174 -4.99 -8.70 -61.26
CA TYR C 174 -4.68 -7.29 -61.04
C TYR C 174 -5.36 -6.49 -62.14
N SER C 175 -5.66 -5.23 -61.84
CA SER C 175 -6.24 -4.35 -62.83
C SER C 175 -5.50 -3.04 -62.71
N LEU C 176 -5.26 -2.42 -63.86
CA LEU C 176 -4.50 -1.18 -63.87
C LEU C 176 -5.13 -0.09 -64.71
N SER C 177 -4.93 1.14 -64.29
CA SER C 177 -5.42 2.31 -65.01
C SER C 177 -4.25 3.27 -65.25
N SER C 178 -4.16 3.78 -66.47
CA SER C 178 -3.13 4.74 -66.83
C SER C 178 -3.88 5.96 -67.31
N THR C 179 -3.62 7.11 -66.69
CA THR C 179 -4.31 8.33 -67.09
C THR C 179 -3.37 9.35 -67.70
N LEU C 180 -3.67 9.74 -68.94
CA LEU C 180 -2.87 10.72 -69.67
C LEU C 180 -3.58 12.07 -69.50
N THR C 181 -2.88 13.06 -68.96
CA THR C 181 -3.50 14.37 -68.77
C THR C 181 -2.86 15.46 -69.61
N LEU C 182 -3.70 16.23 -70.29
CA LEU C 182 -3.23 17.32 -71.13
C LEU C 182 -4.20 18.49 -71.02
N SER C 183 -3.76 19.66 -71.47
CA SER C 183 -4.61 20.84 -71.44
C SER C 183 -5.61 20.64 -72.57
N LYS C 184 -6.75 21.30 -72.49
CA LYS C 184 -7.74 21.18 -73.54
C LYS C 184 -7.10 21.59 -74.86
N ALA C 185 -6.32 22.67 -74.84
CA ALA C 185 -5.64 23.18 -76.03
C ALA C 185 -4.74 22.14 -76.66
N ASP C 186 -3.90 21.49 -75.85
CA ASP C 186 -3.01 20.48 -76.36
C ASP C 186 -3.77 19.25 -76.87
N TYR C 187 -4.87 18.92 -76.19
CA TYR C 187 -5.69 17.79 -76.61
C TYR C 187 -6.27 18.01 -78.01
N GLU C 188 -6.94 19.15 -78.20
CA GLU C 188 -7.54 19.48 -79.48
C GLU C 188 -6.52 19.60 -80.59
N LYS C 189 -5.24 19.59 -80.20
CA LYS C 189 -4.16 19.74 -81.15
C LYS C 189 -3.79 18.44 -81.85
N HIS C 190 -4.30 17.32 -81.34
CA HIS C 190 -3.98 16.03 -81.94
C HIS C 190 -5.18 15.23 -82.39
N LYS C 191 -4.91 14.22 -83.22
CA LYS C 191 -5.97 13.38 -83.76
C LYS C 191 -6.12 12.00 -83.13
N VAL C 192 -5.15 11.13 -83.35
CA VAL C 192 -5.19 9.75 -82.84
C VAL C 192 -4.61 9.54 -81.45
N TYR C 193 -5.45 9.11 -80.52
CA TYR C 193 -5.00 8.83 -79.16
C TYR C 193 -5.02 7.33 -79.00
N ALA C 194 -3.86 6.76 -78.69
CA ALA C 194 -3.74 5.32 -78.54
C ALA C 194 -3.00 4.88 -77.28
N CYS C 195 -3.36 3.68 -76.82
CA CYS C 195 -2.78 3.08 -75.64
C CYS C 195 -2.31 1.67 -76.05
N GLU C 196 -1.02 1.42 -75.95
CA GLU C 196 -0.44 0.12 -76.32
C GLU C 196 0.00 -0.66 -75.10
N VAL C 197 -0.49 -1.89 -74.96
CA VAL C 197 -0.16 -2.72 -73.80
C VAL C 197 0.66 -3.97 -74.09
N THR C 198 1.67 -4.20 -73.26
CA THR C 198 2.53 -5.36 -73.37
C THR C 198 2.45 -6.16 -72.07
N HIS C 199 2.03 -7.41 -72.17
CA HIS C 199 1.90 -8.31 -71.02
C HIS C 199 2.15 -9.73 -71.53
N GLN C 200 2.76 -10.57 -70.68
CA GLN C 200 3.05 -11.93 -71.10
C GLN C 200 1.85 -12.73 -71.58
N GLY C 201 0.66 -12.38 -71.09
CA GLY C 201 -0.52 -13.10 -71.52
C GLY C 201 -0.77 -12.84 -72.99
N LEU C 202 -0.26 -11.72 -73.48
CA LEU C 202 -0.44 -11.31 -74.86
C LEU C 202 0.67 -11.80 -75.79
N SER C 203 0.28 -12.47 -76.88
CA SER C 203 1.26 -12.98 -77.83
C SER C 203 1.91 -11.86 -78.65
N SER C 204 1.27 -10.70 -78.62
CA SER C 204 1.76 -9.50 -79.32
C SER C 204 1.04 -8.30 -78.71
N PRO C 205 1.77 -7.19 -78.49
CA PRO C 205 1.17 -5.99 -77.90
C PRO C 205 -0.19 -5.62 -78.47
N VAL C 206 -1.10 -5.23 -77.59
CA VAL C 206 -2.44 -4.83 -77.98
C VAL C 206 -2.57 -3.30 -77.90
N THR C 207 -3.18 -2.69 -78.90
CA THR C 207 -3.36 -1.25 -78.92
C THR C 207 -4.83 -0.87 -78.97
N LYS C 208 -5.20 0.18 -78.25
CA LYS C 208 -6.57 0.67 -78.22
C LYS C 208 -6.49 2.14 -78.55
N SER C 209 -7.34 2.59 -79.47
CA SER C 209 -7.30 3.97 -79.88
C SER C 209 -8.65 4.52 -80.32
N PHE C 210 -8.70 5.85 -80.42
CA PHE C 210 -9.89 6.55 -80.85
C PHE C 210 -9.36 7.82 -81.50
N ASN C 211 -10.14 8.41 -82.39
CA ASN C 211 -9.75 9.66 -83.05
C ASN C 211 -10.56 10.76 -82.40
N ARG C 212 -9.88 11.81 -81.94
CA ARG C 212 -10.56 12.91 -81.29
C ARG C 212 -11.88 13.26 -81.98
N GLY C 213 -13.07 12.88 -81.51
CA GLY C 213 -14.31 13.17 -82.21
C GLY C 213 -14.54 12.28 -83.42
N GLU C 214 -15.43 11.37 -82.98
CA GLU C 214 -15.82 10.55 -84.12
C GLU C 214 -17.18 9.89 -83.88
N GLN D 1 -9.37 -9.12 -22.91
CA GLN D 1 -9.70 -8.51 -24.22
C GLN D 1 -9.35 -7.04 -24.16
N VAL D 2 -8.39 -6.62 -24.97
CA VAL D 2 -8.00 -5.21 -24.99
C VAL D 2 -8.44 -4.55 -26.29
N GLN D 3 -9.18 -3.47 -26.16
CA GLN D 3 -9.65 -2.73 -27.33
C GLN D 3 -9.17 -1.28 -27.29
N LEU D 4 -8.40 -0.89 -28.30
CA LEU D 4 -7.87 0.46 -28.40
C LEU D 4 -8.68 1.27 -29.41
N VAL D 5 -9.20 2.42 -28.98
CA VAL D 5 -10.00 3.28 -29.84
C VAL D 5 -9.35 4.65 -30.02
N GLN D 6 -9.00 4.95 -31.27
CA GLN D 6 -8.34 6.19 -31.64
C GLN D 6 -9.31 7.28 -32.13
N SER D 7 -8.87 8.53 -31.98
CA SER D 7 -9.66 9.67 -32.41
C SER D 7 -9.72 9.71 -33.94
N GLY D 8 -10.59 10.58 -34.47
CA GLY D 8 -10.79 10.67 -35.90
C GLY D 8 -9.72 11.33 -36.77
N ALA D 9 -9.89 11.17 -38.08
CA ALA D 9 -8.97 11.71 -39.08
C ALA D 9 -8.76 13.22 -38.96
N GLU D 10 -7.55 13.64 -39.32
CA GLU D 10 -7.17 15.05 -39.24
C GLU D 10 -6.55 15.56 -40.53
N VAL D 11 -6.68 16.86 -40.76
CA VAL D 11 -6.08 17.50 -41.93
C VAL D 11 -5.38 18.73 -41.38
N LYS D 12 -4.05 18.72 -41.46
CA LYS D 12 -3.25 19.80 -40.92
C LYS D 12 -2.43 20.54 -41.96
N ARG D 13 -2.27 21.84 -41.72
CA ARG D 13 -1.49 22.66 -42.62
C ARG D 13 -0.04 22.49 -42.21
N PRO D 14 0.88 22.49 -43.19
CA PRO D 14 2.31 22.33 -42.89
C PRO D 14 2.75 23.21 -41.74
N GLY D 15 3.66 22.68 -40.92
CA GLY D 15 4.16 23.44 -39.79
C GLY D 15 3.24 23.44 -38.59
N SER D 16 2.00 22.99 -38.76
CA SER D 16 1.06 22.96 -37.65
C SER D 16 1.38 21.80 -36.70
N SER D 17 0.48 21.56 -35.76
CA SER D 17 0.67 20.50 -34.79
C SER D 17 -0.58 19.64 -34.68
N VAL D 18 -0.40 18.32 -34.55
CA VAL D 18 -1.53 17.42 -34.42
C VAL D 18 -1.43 16.59 -33.14
N THR D 19 -2.58 16.14 -32.65
CA THR D 19 -2.63 15.33 -31.44
C THR D 19 -3.68 14.24 -31.62
N VAL D 20 -3.23 12.99 -31.53
CA VAL D 20 -4.09 11.82 -31.70
C VAL D 20 -4.26 11.08 -30.37
N SER D 21 -5.50 10.71 -30.06
CA SER D 21 -5.78 10.00 -28.82
C SER D 21 -6.01 8.52 -29.08
N CYS D 22 -5.83 7.73 -28.02
CA CYS D 22 -6.01 6.29 -28.08
C CYS D 22 -6.52 5.84 -26.72
N LYS D 23 -7.84 5.63 -26.61
CA LYS D 23 -8.44 5.21 -25.36
C LYS D 23 -8.41 3.68 -25.29
N ALA D 24 -7.90 3.16 -24.18
CA ALA D 24 -7.80 1.73 -23.98
C ALA D 24 -8.93 1.22 -23.10
N SER D 25 -9.36 -0.02 -23.34
CA SER D 25 -10.39 -0.68 -22.56
C SER D 25 -10.06 -2.16 -22.52
N GLY D 26 -9.82 -2.68 -21.31
CA GLY D 26 -9.47 -4.08 -21.17
C GLY D 26 -8.08 -4.17 -20.58
N GLY D 27 -7.87 -5.08 -19.64
CA GLY D 27 -6.58 -5.20 -19.01
C GLY D 27 -6.19 -3.91 -18.30
N SER D 28 -4.98 -3.87 -17.76
CA SER D 28 -4.54 -2.67 -17.05
C SER D 28 -3.70 -1.75 -17.94
N PHE D 29 -3.97 -0.46 -17.80
CA PHE D 29 -3.32 0.59 -18.57
C PHE D 29 -1.87 0.93 -18.16
N SER D 30 -1.70 1.28 -16.88
CA SER D 30 -0.41 1.69 -16.33
C SER D 30 0.86 0.87 -16.60
N THR D 31 0.80 -0.44 -16.40
CA THR D 31 1.98 -1.28 -16.57
C THR D 31 2.26 -1.94 -17.92
N TYR D 32 1.71 -1.41 -19.00
CA TYR D 32 1.95 -1.99 -20.32
C TYR D 32 2.39 -0.92 -21.31
N ALA D 33 3.39 -1.27 -22.11
CA ALA D 33 3.95 -0.35 -23.08
C ALA D 33 3.03 -0.07 -24.26
N LEU D 34 2.72 1.20 -24.46
CA LEU D 34 1.88 1.65 -25.55
C LEU D 34 2.77 2.36 -26.56
N SER D 35 2.84 1.83 -27.78
CA SER D 35 3.67 2.41 -28.85
C SER D 35 2.84 3.04 -29.95
N TRP D 36 3.51 3.84 -30.79
CA TRP D 36 2.87 4.47 -31.93
C TRP D 36 3.64 4.10 -33.18
N VAL D 37 2.90 3.61 -34.18
CA VAL D 37 3.49 3.18 -35.43
C VAL D 37 2.67 3.78 -36.57
N ARG D 38 3.34 4.30 -37.58
CA ARG D 38 2.63 4.89 -38.68
C ARG D 38 2.92 4.20 -39.98
N GLN D 39 2.08 4.49 -40.97
CA GLN D 39 2.24 3.89 -42.27
C GLN D 39 1.77 4.87 -43.33
N ALA D 40 2.72 5.37 -44.12
CA ALA D 40 2.40 6.31 -45.19
C ALA D 40 1.68 5.50 -46.25
N PRO D 41 0.81 6.14 -47.04
CA PRO D 41 0.11 5.37 -48.07
C PRO D 41 1.10 4.59 -48.94
N GLY D 42 0.83 3.30 -49.13
CA GLY D 42 1.69 2.46 -49.93
C GLY D 42 2.97 1.94 -49.28
N ARG D 43 3.53 2.69 -48.34
CA ARG D 43 4.78 2.27 -47.69
C ARG D 43 4.59 1.33 -46.50
N GLY D 44 5.67 1.05 -45.79
CA GLY D 44 5.62 0.14 -44.66
C GLY D 44 5.32 0.73 -43.29
N LEU D 45 5.43 -0.12 -42.27
CA LEU D 45 5.18 0.29 -40.90
C LEU D 45 6.44 0.92 -40.35
N GLU D 46 6.28 1.99 -39.57
CA GLU D 46 7.43 2.67 -38.98
C GLU D 46 7.17 3.02 -37.51
N TRP D 47 7.96 2.42 -36.62
CA TRP D 47 7.83 2.68 -35.20
C TRP D 47 8.31 4.10 -34.91
N MET D 48 7.51 4.87 -34.18
CA MET D 48 7.83 6.25 -33.85
C MET D 48 8.31 6.42 -32.42
N GLY D 49 7.56 5.84 -31.49
CA GLY D 49 7.92 5.93 -30.10
C GLY D 49 6.88 5.25 -29.23
N GLY D 50 7.12 5.24 -27.93
CA GLY D 50 6.17 4.61 -27.04
C GLY D 50 6.21 5.22 -25.65
N VAL D 51 5.28 4.78 -24.81
CA VAL D 51 5.21 5.27 -23.45
C VAL D 51 4.73 4.21 -22.47
N ILE D 52 5.32 4.21 -21.30
CA ILE D 52 4.93 3.30 -20.23
C ILE D 52 4.26 4.26 -19.24
N PRO D 53 2.93 4.20 -19.17
CA PRO D 53 2.13 5.05 -18.29
C PRO D 53 2.59 5.22 -16.84
N LEU D 54 2.80 4.12 -16.14
CA LEU D 54 3.20 4.19 -14.73
C LEU D 54 4.03 5.42 -14.34
N LEU D 55 5.14 5.65 -15.03
CA LEU D 55 5.98 6.80 -14.73
C LEU D 55 6.22 7.60 -15.99
N THR D 56 5.29 7.48 -16.94
CA THR D 56 5.38 8.17 -18.21
C THR D 56 6.78 8.05 -18.79
N ILE D 57 7.31 6.82 -18.77
CA ILE D 57 8.64 6.60 -19.29
C ILE D 57 8.53 6.55 -20.81
N THR D 58 9.10 7.54 -21.48
CA THR D 58 9.04 7.62 -22.93
C THR D 58 10.24 7.02 -23.64
N ASN D 59 10.03 6.75 -24.93
CA ASN D 59 11.01 6.17 -25.83
C ASN D 59 10.65 6.72 -27.21
N TYR D 60 11.52 7.57 -27.77
CA TYR D 60 11.27 8.15 -29.08
C TYR D 60 12.32 7.76 -30.12
N ALA D 61 11.87 7.51 -31.35
CA ALA D 61 12.79 7.16 -32.43
C ALA D 61 13.57 8.44 -32.76
N PRO D 62 14.88 8.35 -33.01
CA PRO D 62 15.73 9.50 -33.33
C PRO D 62 15.15 10.42 -34.39
N ARG D 63 14.64 9.80 -35.47
CA ARG D 63 14.04 10.53 -36.58
C ARG D 63 12.98 11.53 -36.14
N PHE D 64 12.31 11.25 -35.03
CA PHE D 64 11.26 12.14 -34.54
C PHE D 64 11.65 12.89 -33.26
N GLN D 65 12.72 12.44 -32.61
CA GLN D 65 13.17 13.08 -31.38
C GLN D 65 13.28 14.60 -31.53
N GLY D 66 12.63 15.32 -30.62
CA GLY D 66 12.66 16.77 -30.67
C GLY D 66 11.46 17.35 -31.39
N ARG D 67 10.60 16.48 -31.92
CA ARG D 67 9.42 16.91 -32.66
C ARG D 67 8.20 16.09 -32.24
N ILE D 68 8.43 15.11 -31.37
CA ILE D 68 7.37 14.23 -30.92
C ILE D 68 7.19 14.28 -29.40
N THR D 69 5.97 14.05 -28.94
CA THR D 69 5.66 14.05 -27.50
C THR D 69 4.54 13.05 -27.21
N ILE D 70 4.86 11.98 -26.50
CA ILE D 70 3.87 10.97 -26.16
C ILE D 70 3.57 11.03 -24.67
N THR D 71 2.29 11.06 -24.33
CA THR D 71 1.88 11.13 -22.92
C THR D 71 0.75 10.16 -22.65
N ALA D 72 0.42 9.98 -21.37
CA ALA D 72 -0.67 9.09 -20.99
C ALA D 72 -1.44 9.60 -19.79
N ASP D 73 -2.77 9.48 -19.87
CA ASP D 73 -3.63 9.92 -18.79
C ASP D 73 -4.15 8.66 -18.12
N ARG D 74 -3.52 8.29 -17.00
CA ARG D 74 -3.90 7.10 -16.27
C ARG D 74 -5.35 7.17 -15.79
N SER D 75 -5.88 8.38 -15.64
CA SER D 75 -7.26 8.58 -15.19
C SER D 75 -8.28 8.09 -16.22
N THR D 76 -7.99 8.29 -17.50
CA THR D 76 -8.93 7.86 -18.54
C THR D 76 -8.43 6.70 -19.40
N SER D 77 -7.29 6.12 -19.06
CA SER D 77 -6.72 5.02 -19.84
C SER D 77 -6.49 5.45 -21.29
N THR D 78 -6.09 6.71 -21.47
CA THR D 78 -5.84 7.23 -22.80
C THR D 78 -4.39 7.63 -23.02
N ALA D 79 -3.89 7.38 -24.21
CA ALA D 79 -2.53 7.74 -24.56
C ALA D 79 -2.68 8.80 -25.65
N TYR D 80 -1.73 9.74 -25.68
CA TYR D 80 -1.76 10.83 -26.65
C TYR D 80 -0.45 10.97 -27.41
N LEU D 81 -0.54 11.10 -28.72
CA LEU D 81 0.64 11.28 -29.56
C LEU D 81 0.58 12.68 -30.15
N GLU D 82 1.58 13.50 -29.87
CA GLU D 82 1.60 14.85 -30.40
C GLU D 82 2.82 15.01 -31.31
N LEU D 83 2.56 15.36 -32.57
CA LEU D 83 3.62 15.56 -33.55
C LEU D 83 3.63 17.04 -33.89
N ASN D 84 4.80 17.66 -33.85
CA ASN D 84 4.91 19.08 -34.15
C ASN D 84 5.62 19.36 -35.46
N SER D 85 5.50 20.60 -35.93
CA SER D 85 6.15 21.02 -37.18
C SER D 85 5.85 20.00 -38.27
N LEU D 86 4.58 19.76 -38.52
CA LEU D 86 4.15 18.79 -39.54
C LEU D 86 4.60 19.15 -40.96
N ARG D 87 5.18 18.17 -41.63
CA ARG D 87 5.62 18.31 -43.02
C ARG D 87 4.71 17.40 -43.84
N PRO D 88 4.53 17.68 -45.15
CA PRO D 88 3.66 16.85 -45.98
C PRO D 88 4.04 15.36 -45.92
N GLU D 89 5.30 15.11 -45.54
CA GLU D 89 5.82 13.76 -45.41
C GLU D 89 5.22 13.05 -44.21
N ASP D 90 4.61 13.81 -43.30
CA ASP D 90 4.00 13.18 -42.12
C ASP D 90 2.62 12.60 -42.46
N THR D 91 2.13 12.84 -43.68
CA THR D 91 0.82 12.31 -44.08
C THR D 91 0.87 10.79 -43.99
N ALA D 92 0.03 10.23 -43.14
CA ALA D 92 0.04 8.78 -42.95
C ALA D 92 -1.08 8.33 -42.03
N VAL D 93 -1.16 7.02 -41.83
CA VAL D 93 -2.12 6.44 -40.94
C VAL D 93 -1.35 6.14 -39.65
N TYR D 94 -1.82 6.71 -38.55
CA TYR D 94 -1.17 6.53 -37.26
C TYR D 94 -1.89 5.51 -36.38
N TYR D 95 -1.16 4.47 -35.99
CA TYR D 95 -1.71 3.44 -35.13
C TYR D 95 -1.09 3.44 -33.75
N CYS D 96 -1.91 3.21 -32.73
CA CYS D 96 -1.32 3.06 -31.41
C CYS D 96 -1.35 1.54 -31.33
N ALA D 97 -0.48 0.96 -30.52
CA ALA D 97 -0.41 -0.49 -30.39
C ALA D 97 0.12 -0.82 -29.02
N ARG D 98 -0.57 -1.72 -28.32
CA ARG D 98 -0.12 -2.09 -27.00
C ARG D 98 0.49 -3.48 -27.01
N GLU D 99 1.57 -3.64 -26.24
CA GLU D 99 2.25 -4.93 -26.15
C GLU D 99 1.28 -5.96 -25.59
N GLY D 100 1.48 -7.22 -25.96
CA GLY D 100 0.63 -8.29 -25.48
C GLY D 100 1.10 -8.87 -24.16
N THR D 101 0.41 -9.90 -23.69
CA THR D 101 0.77 -10.54 -22.43
C THR D 101 0.57 -12.05 -22.54
N THR D 102 1.39 -12.79 -21.82
CA THR D 102 1.29 -14.24 -21.82
C THR D 102 0.90 -14.70 -20.42
N GLY D 103 0.12 -15.78 -20.37
CA GLY D 103 -0.30 -16.33 -19.09
C GLY D 103 -1.75 -16.06 -18.72
N TRP D 104 -2.57 -15.83 -19.73
CA TRP D 104 -3.99 -15.54 -19.51
C TRP D 104 -4.23 -14.16 -18.91
N GLY D 105 -5.47 -13.72 -18.75
CA GLY D 105 -5.86 -12.52 -18.02
C GLY D 105 -5.38 -11.14 -18.41
N TRP D 106 -4.35 -11.06 -19.25
CA TRP D 106 -3.81 -9.76 -19.69
C TRP D 106 -2.97 -9.03 -18.64
N LEU D 107 -2.83 -9.63 -17.46
CA LEU D 107 -2.00 -9.05 -16.43
C LEU D 107 -0.84 -10.03 -16.35
N GLY D 108 -0.73 -10.85 -17.38
CA GLY D 108 0.33 -11.83 -17.45
C GLY D 108 1.64 -11.12 -17.73
N LYS D 109 2.68 -11.89 -18.04
CA LYS D 109 3.96 -11.29 -18.33
C LYS D 109 3.87 -10.54 -19.65
N PRO D 110 4.41 -9.32 -19.71
CA PRO D 110 4.36 -8.56 -20.96
C PRO D 110 5.27 -9.23 -21.97
N ILE D 111 4.93 -9.18 -23.25
CA ILE D 111 5.75 -9.83 -24.27
C ILE D 111 6.54 -8.89 -25.18
N GLY D 112 6.33 -7.58 -25.03
CA GLY D 112 7.04 -6.62 -25.87
C GLY D 112 6.39 -6.39 -27.23
N ALA D 113 6.18 -7.47 -27.98
CA ALA D 113 5.56 -7.38 -29.31
C ALA D 113 4.18 -6.76 -29.25
N PHE D 114 3.77 -6.15 -30.36
CA PHE D 114 2.47 -5.49 -30.44
C PHE D 114 1.31 -6.43 -30.74
N ALA D 115 0.54 -6.74 -29.70
CA ALA D 115 -0.60 -7.63 -29.84
C ALA D 115 -1.91 -6.89 -30.07
N HIS D 116 -2.01 -5.67 -29.56
CA HIS D 116 -3.25 -4.91 -29.70
C HIS D 116 -3.04 -3.65 -30.54
N TRP D 117 -3.97 -3.41 -31.45
CA TRP D 117 -3.89 -2.25 -32.32
C TRP D 117 -5.19 -1.48 -32.40
N GLY D 118 -5.09 -0.16 -32.55
CA GLY D 118 -6.26 0.69 -32.67
C GLY D 118 -6.70 0.68 -34.13
N GLN D 119 -7.84 1.30 -34.45
CA GLN D 119 -8.31 1.29 -35.84
C GLN D 119 -7.43 2.14 -36.77
N GLY D 120 -6.65 3.05 -36.18
CA GLY D 120 -5.80 3.89 -36.99
C GLY D 120 -6.41 5.25 -37.25
N THR D 121 -5.56 6.27 -37.35
CA THR D 121 -6.01 7.63 -37.59
C THR D 121 -5.25 8.16 -38.82
N LEU D 122 -6.01 8.60 -39.81
CA LEU D 122 -5.41 9.16 -41.02
C LEU D 122 -5.12 10.63 -40.78
N VAL D 123 -3.85 10.99 -40.85
CA VAL D 123 -3.48 12.39 -40.67
C VAL D 123 -2.97 12.90 -42.01
N THR D 124 -3.59 13.96 -42.53
CA THR D 124 -3.16 14.52 -43.80
C THR D 124 -2.50 15.86 -43.57
N VAL D 125 -1.26 16.00 -44.02
CA VAL D 125 -0.54 17.26 -43.90
C VAL D 125 -0.48 17.90 -45.29
N SER D 126 -1.23 18.98 -45.45
CA SER D 126 -1.29 19.70 -46.72
C SER D 126 -1.80 21.11 -46.49
N SER D 127 -1.70 21.96 -47.51
CA SER D 127 -2.18 23.32 -47.41
C SER D 127 -3.40 23.52 -48.31
N ALA D 128 -3.82 22.43 -48.95
CA ALA D 128 -4.99 22.47 -49.85
C ALA D 128 -6.26 22.68 -49.04
N SER D 129 -7.27 23.23 -49.69
CA SER D 129 -8.56 23.46 -49.04
C SER D 129 -9.51 22.34 -49.39
N THR D 130 -10.41 22.04 -48.46
CA THR D 130 -11.40 21.00 -48.68
C THR D 130 -12.11 21.30 -49.99
N LYS D 131 -12.35 20.27 -50.77
CA LYS D 131 -13.00 20.43 -52.07
C LYS D 131 -13.61 19.12 -52.55
N GLY D 132 -14.86 19.19 -53.01
CA GLY D 132 -15.53 18.01 -53.53
C GLY D 132 -14.95 17.72 -54.90
N PRO D 133 -15.11 16.50 -55.42
CA PRO D 133 -14.56 16.21 -56.73
C PRO D 133 -15.56 16.38 -57.86
N SER D 134 -15.04 16.50 -59.07
CA SER D 134 -15.87 16.59 -60.25
C SER D 134 -15.93 15.12 -60.66
N VAL D 135 -17.05 14.70 -61.22
CA VAL D 135 -17.22 13.32 -61.64
C VAL D 135 -17.51 13.32 -63.13
N PHE D 136 -16.59 12.77 -63.91
CA PHE D 136 -16.76 12.74 -65.35
C PHE D 136 -16.96 11.30 -65.79
N PRO D 137 -17.84 11.09 -66.77
CA PRO D 137 -18.10 9.73 -67.25
C PRO D 137 -16.97 9.17 -68.11
N LEU D 138 -16.81 7.85 -68.04
CA LEU D 138 -15.85 7.11 -68.84
C LEU D 138 -16.82 6.27 -69.65
N ALA D 139 -17.29 6.87 -70.75
CA ALA D 139 -18.27 6.25 -71.61
C ALA D 139 -17.77 5.06 -72.42
N PRO D 140 -18.57 3.99 -72.45
CA PRO D 140 -18.24 2.77 -73.19
C PRO D 140 -18.13 3.02 -74.68
N SER D 141 -17.13 2.40 -75.31
CA SER D 141 -16.89 2.55 -76.73
C SER D 141 -17.95 1.85 -77.58
N SER D 142 -18.06 2.29 -78.82
CA SER D 142 -19.03 1.73 -79.77
C SER D 142 -18.44 0.48 -80.43
N LYS D 143 -17.15 0.54 -80.73
CA LYS D 143 -16.44 -0.56 -81.37
C LYS D 143 -16.72 -1.89 -80.67
N SER D 144 -16.52 -1.91 -79.35
CA SER D 144 -16.73 -3.13 -78.57
C SER D 144 -18.21 -3.38 -78.27
N THR D 145 -18.98 -3.70 -79.30
CA THR D 145 -20.41 -3.99 -79.16
C THR D 145 -20.77 -5.27 -79.90
N SER D 146 -19.79 -5.83 -80.62
CA SER D 146 -19.98 -7.07 -81.36
C SER D 146 -20.01 -8.23 -80.37
N GLY D 147 -20.32 -7.91 -79.12
CA GLY D 147 -20.38 -8.93 -78.08
C GLY D 147 -19.20 -8.89 -77.12
N GLY D 148 -19.20 -9.85 -76.19
CA GLY D 148 -18.13 -9.93 -75.21
C GLY D 148 -18.30 -9.01 -74.02
N THR D 149 -17.19 -8.40 -73.62
CA THR D 149 -17.14 -7.50 -72.48
C THR D 149 -17.00 -6.03 -72.84
N ALA D 150 -17.75 -5.18 -72.14
CA ALA D 150 -17.69 -3.74 -72.35
C ALA D 150 -17.29 -3.16 -71.00
N ALA D 151 -16.59 -2.03 -71.01
CA ALA D 151 -16.18 -1.41 -69.76
C ALA D 151 -16.62 0.03 -69.70
N LEU D 152 -17.09 0.46 -68.53
CA LEU D 152 -17.53 1.84 -68.34
C LEU D 152 -17.02 2.31 -66.97
N GLY D 153 -17.10 3.61 -66.69
CA GLY D 153 -16.62 4.09 -65.41
C GLY D 153 -16.88 5.56 -65.10
N CYS D 154 -16.20 6.04 -64.06
CA CYS D 154 -16.32 7.42 -63.63
C CYS D 154 -14.98 7.93 -63.15
N LEU D 155 -14.62 9.14 -63.59
CA LEU D 155 -13.37 9.77 -63.19
C LEU D 155 -13.71 10.70 -62.05
N VAL D 156 -13.16 10.42 -60.87
CA VAL D 156 -13.41 11.25 -59.71
C VAL D 156 -12.17 12.13 -59.55
N LYS D 157 -12.27 13.36 -60.03
CA LYS D 157 -11.12 14.25 -60.02
C LYS D 157 -11.12 15.49 -59.16
N ASP D 158 -9.90 15.85 -58.74
CA ASP D 158 -9.64 17.03 -57.93
C ASP D 158 -10.44 17.22 -56.67
N TYR D 159 -10.24 16.32 -55.71
CA TYR D 159 -10.92 16.45 -54.43
C TYR D 159 -9.87 16.44 -53.33
N PHE D 160 -10.25 16.93 -52.16
CA PHE D 160 -9.37 16.96 -51.02
C PHE D 160 -10.19 17.17 -49.77
N PRO D 161 -9.90 16.42 -48.70
CA PRO D 161 -8.82 15.42 -48.69
C PRO D 161 -9.41 14.03 -48.94
N GLU D 162 -8.59 13.00 -48.67
CA GLU D 162 -9.05 11.63 -48.79
C GLU D 162 -10.01 11.45 -47.62
N PRO D 163 -10.94 10.48 -47.69
CA PRO D 163 -11.13 9.55 -48.80
C PRO D 163 -12.43 9.89 -49.54
N VAL D 164 -12.69 9.14 -50.59
CA VAL D 164 -13.91 9.30 -51.36
C VAL D 164 -14.42 7.87 -51.53
N THR D 165 -15.73 7.68 -51.61
CA THR D 165 -16.25 6.34 -51.82
C THR D 165 -17.03 6.30 -53.11
N VAL D 166 -17.05 5.14 -53.75
CA VAL D 166 -17.77 4.99 -54.99
C VAL D 166 -18.49 3.66 -55.01
N SER D 167 -19.75 3.69 -55.41
CA SER D 167 -20.52 2.48 -55.50
C SER D 167 -21.22 2.60 -56.84
N TRP D 168 -21.77 1.51 -57.36
CA TRP D 168 -22.47 1.56 -58.63
C TRP D 168 -23.90 1.10 -58.47
N ASN D 169 -24.82 1.85 -59.08
CA ASN D 169 -26.24 1.57 -59.02
C ASN D 169 -26.69 1.37 -57.57
N SER D 170 -26.23 2.26 -56.70
CA SER D 170 -26.58 2.23 -55.28
C SER D 170 -26.20 0.92 -54.60
N GLY D 171 -25.13 0.28 -55.06
CA GLY D 171 -24.71 -0.96 -54.44
C GLY D 171 -25.24 -2.23 -55.08
N ALA D 172 -26.18 -2.08 -56.01
CA ALA D 172 -26.75 -3.23 -56.69
C ALA D 172 -25.73 -3.90 -57.60
N LEU D 173 -24.78 -3.12 -58.14
CA LEU D 173 -23.76 -3.67 -59.03
C LEU D 173 -22.39 -3.69 -58.33
N THR D 174 -21.86 -4.88 -58.11
CA THR D 174 -20.56 -5.02 -57.44
C THR D 174 -19.59 -5.92 -58.20
N SER D 175 -20.11 -6.91 -58.90
CA SER D 175 -19.27 -7.84 -59.66
C SER D 175 -18.54 -7.11 -60.78
N GLY D 176 -17.22 -7.27 -60.81
CA GLY D 176 -16.44 -6.62 -61.85
C GLY D 176 -16.14 -5.14 -61.60
N VAL D 177 -16.47 -4.64 -60.42
CA VAL D 177 -16.18 -3.25 -60.10
C VAL D 177 -14.73 -3.10 -59.63
N HIS D 178 -14.04 -2.07 -60.13
CA HIS D 178 -12.66 -1.82 -59.75
C HIS D 178 -12.42 -0.35 -59.46
N THR D 179 -12.27 -0.01 -58.19
CA THR D 179 -12.00 1.37 -57.84
C THR D 179 -10.50 1.43 -57.53
N PHE D 180 -9.78 2.19 -58.34
CA PHE D 180 -8.34 2.34 -58.18
C PHE D 180 -7.98 3.30 -57.06
N PRO D 181 -6.83 3.07 -56.42
CA PRO D 181 -6.36 3.93 -55.33
C PRO D 181 -6.19 5.35 -55.85
N ALA D 182 -6.52 6.34 -55.03
CA ALA D 182 -6.40 7.72 -55.45
C ALA D 182 -4.94 8.11 -55.60
N VAL D 183 -4.69 9.20 -56.33
CA VAL D 183 -3.33 9.69 -56.49
C VAL D 183 -3.34 11.18 -56.22
N LEU D 184 -2.32 11.63 -55.51
CA LEU D 184 -2.16 13.04 -55.19
C LEU D 184 -1.48 13.68 -56.38
N GLN D 185 -2.17 14.60 -57.05
CA GLN D 185 -1.63 15.27 -58.21
C GLN D 185 -0.81 16.50 -57.78
N SER D 186 0.03 17.00 -58.67
CA SER D 186 0.87 18.16 -58.35
C SER D 186 0.05 19.34 -57.88
N SER D 187 -1.23 19.34 -58.23
CA SER D 187 -2.13 20.42 -57.82
C SER D 187 -2.46 20.31 -56.35
N GLY D 188 -2.02 19.23 -55.71
CA GLY D 188 -2.31 19.03 -54.30
C GLY D 188 -3.67 18.35 -54.10
N LEU D 189 -4.34 18.06 -55.21
CA LEU D 189 -5.64 17.42 -55.16
C LEU D 189 -5.56 15.97 -55.58
N TYR D 190 -6.50 15.17 -55.06
CA TYR D 190 -6.55 13.75 -55.35
C TYR D 190 -7.39 13.44 -56.57
N SER D 191 -7.18 12.26 -57.13
CA SER D 191 -7.91 11.83 -58.29
C SER D 191 -7.86 10.31 -58.43
N LEU D 192 -8.93 9.73 -58.97
CA LEU D 192 -8.99 8.29 -59.18
C LEU D 192 -10.12 7.96 -60.14
N SER D 193 -10.28 6.70 -60.46
CA SER D 193 -11.37 6.31 -61.35
C SER D 193 -11.89 4.98 -60.88
N SER D 194 -13.18 4.76 -61.08
CA SER D 194 -13.85 3.53 -60.70
C SER D 194 -14.45 2.97 -61.98
N VAL D 195 -14.10 1.73 -62.33
CA VAL D 195 -14.62 1.12 -63.54
C VAL D 195 -15.37 -0.16 -63.23
N VAL D 196 -16.04 -0.68 -64.24
CA VAL D 196 -16.79 -1.91 -64.09
C VAL D 196 -16.91 -2.55 -65.46
N THR D 197 -16.75 -3.87 -65.53
CA THR D 197 -16.90 -4.58 -66.79
C THR D 197 -18.28 -5.22 -66.81
N VAL D 198 -18.96 -5.09 -67.94
CA VAL D 198 -20.31 -5.64 -68.07
C VAL D 198 -20.51 -6.25 -69.45
N PRO D 199 -21.50 -7.16 -69.58
CA PRO D 199 -21.77 -7.80 -70.87
C PRO D 199 -22.05 -6.71 -71.89
N SER D 200 -21.37 -6.76 -73.02
CA SER D 200 -21.60 -5.75 -74.04
C SER D 200 -23.09 -5.71 -74.44
N SER D 201 -23.76 -6.85 -74.34
CA SER D 201 -25.17 -6.90 -74.71
C SER D 201 -26.10 -6.18 -73.74
N SER D 202 -25.57 -5.70 -72.61
CA SER D 202 -26.43 -5.00 -71.66
C SER D 202 -26.34 -3.48 -71.78
N LEU D 203 -25.44 -2.98 -72.62
CA LEU D 203 -25.28 -1.54 -72.81
C LEU D 203 -26.51 -0.83 -73.36
N GLY D 204 -27.22 -1.45 -74.27
CA GLY D 204 -28.40 -0.78 -74.78
C GLY D 204 -29.63 -1.10 -73.96
N THR D 205 -29.45 -1.53 -72.72
CA THR D 205 -30.60 -1.91 -71.91
C THR D 205 -30.54 -1.66 -70.40
N GLN D 206 -29.35 -1.59 -69.83
CA GLN D 206 -29.24 -1.38 -68.39
C GLN D 206 -28.59 -0.04 -68.08
N THR D 207 -29.13 0.68 -67.11
CA THR D 207 -28.57 1.98 -66.72
C THR D 207 -27.48 1.74 -65.68
N TYR D 208 -26.40 2.49 -65.80
CA TYR D 208 -25.26 2.37 -64.91
C TYR D 208 -24.96 3.73 -64.30
N ILE D 209 -25.18 3.84 -62.99
CA ILE D 209 -24.94 5.10 -62.28
C ILE D 209 -23.88 4.90 -61.19
N CYS D 210 -22.89 5.78 -61.17
CA CYS D 210 -21.84 5.68 -60.14
C CYS D 210 -22.19 6.67 -59.05
N ASN D 211 -22.15 6.18 -57.81
CA ASN D 211 -22.47 6.97 -56.63
C ASN D 211 -21.17 7.41 -55.99
N VAL D 212 -20.93 8.73 -55.96
CA VAL D 212 -19.70 9.26 -55.40
C VAL D 212 -19.95 10.04 -54.14
N ASN D 213 -19.26 9.66 -53.08
CA ASN D 213 -19.39 10.29 -51.79
C ASN D 213 -18.06 10.82 -51.27
N HIS D 214 -18.09 12.06 -50.79
CA HIS D 214 -16.90 12.68 -50.22
C HIS D 214 -17.38 13.44 -49.01
N LYS D 215 -17.50 12.72 -47.88
CA LYS D 215 -17.95 13.32 -46.61
C LYS D 215 -17.24 14.63 -46.30
N PRO D 216 -15.89 14.65 -46.37
CA PRO D 216 -15.12 15.86 -46.07
C PRO D 216 -15.73 17.15 -46.60
N SER D 217 -16.39 17.08 -47.76
CA SER D 217 -17.02 18.26 -48.35
C SER D 217 -18.54 18.16 -48.38
N ASN D 218 -19.07 17.07 -47.85
CA ASN D 218 -20.52 16.82 -47.85
C ASN D 218 -21.05 16.77 -49.28
N THR D 219 -20.20 16.28 -50.18
CA THR D 219 -20.56 16.16 -51.59
C THR D 219 -21.11 14.76 -51.89
N LYS D 220 -22.17 14.73 -52.70
CA LYS D 220 -22.77 13.46 -53.11
C LYS D 220 -23.16 13.61 -54.57
N VAL D 221 -22.56 12.77 -55.42
CA VAL D 221 -22.82 12.83 -56.84
C VAL D 221 -23.21 11.49 -57.44
N ASP D 222 -24.27 11.51 -58.23
CA ASP D 222 -24.77 10.34 -58.92
C ASP D 222 -24.60 10.66 -60.39
N LYS D 223 -23.74 9.91 -61.07
CA LYS D 223 -23.48 10.16 -62.49
C LYS D 223 -23.90 8.96 -63.34
N LYS D 224 -24.80 9.21 -64.29
CA LYS D 224 -25.27 8.16 -65.18
C LYS D 224 -24.25 8.06 -66.31
N VAL D 225 -23.77 6.85 -66.57
CA VAL D 225 -22.79 6.65 -67.63
C VAL D 225 -23.36 5.85 -68.78
N GLU D 226 -23.65 6.52 -69.89
CA GLU D 226 -24.18 5.83 -71.07
C GLU D 226 -23.31 6.05 -72.30
N PRO D 227 -23.28 5.05 -73.21
CA PRO D 227 -22.52 5.06 -74.45
C PRO D 227 -22.65 6.35 -75.26
N GLU E 1 -19.39 -1.92 32.47
CA GLU E 1 -18.25 -2.03 33.45
C GLU E 1 -17.51 -0.70 33.45
N ILE E 2 -17.95 0.22 34.29
CA ILE E 2 -17.35 1.55 34.36
C ILE E 2 -15.86 1.62 34.68
N VAL E 3 -15.14 2.38 33.88
CA VAL E 3 -13.72 2.55 34.04
C VAL E 3 -13.43 3.98 34.48
N LEU E 4 -12.76 4.12 35.62
CA LEU E 4 -12.41 5.45 36.12
C LEU E 4 -10.93 5.74 35.87
N THR E 5 -10.65 6.89 35.25
CA THR E 5 -9.26 7.24 35.00
C THR E 5 -8.85 8.51 35.71
N GLN E 6 -7.83 8.38 36.54
CA GLN E 6 -7.29 9.50 37.28
C GLN E 6 -5.96 9.86 36.59
N SER E 7 -5.81 11.10 36.19
CA SER E 7 -4.58 11.53 35.52
C SER E 7 -4.32 12.99 35.84
N PRO E 8 -3.05 13.36 36.08
CA PRO E 8 -1.90 12.45 36.07
C PRO E 8 -1.88 11.52 37.26
N GLY E 9 -0.95 10.57 37.22
CA GLY E 9 -0.83 9.63 38.32
C GLY E 9 -0.14 10.30 39.48
N THR E 10 0.78 11.21 39.17
CA THR E 10 1.51 11.93 40.19
C THR E 10 1.41 13.42 40.02
N GLN E 11 1.12 14.09 41.13
CA GLN E 11 1.05 15.54 41.14
C GLN E 11 2.12 15.94 42.16
N SER E 12 2.96 16.90 41.81
CA SER E 12 4.05 17.36 42.67
C SER E 12 3.74 18.76 43.19
N LEU E 13 3.50 18.86 44.50
CA LEU E 13 3.16 20.15 45.09
C LEU E 13 3.85 20.33 46.43
N SER E 14 3.36 21.26 47.24
CA SER E 14 3.98 21.49 48.54
C SER E 14 2.95 21.98 49.54
N PRO E 15 3.26 21.90 50.84
CA PRO E 15 2.28 22.37 51.82
C PRO E 15 1.91 23.82 51.50
N GLY E 16 0.62 24.13 51.63
CA GLY E 16 0.18 25.49 51.36
C GLY E 16 -0.41 25.66 49.96
N GLU E 17 -0.06 24.76 49.05
CA GLU E 17 -0.57 24.83 47.68
C GLU E 17 -1.94 24.18 47.57
N ARG E 18 -2.60 24.43 46.44
CA ARG E 18 -3.91 23.84 46.20
C ARG E 18 -3.75 22.66 45.26
N ALA E 19 -4.55 21.63 45.49
CA ALA E 19 -4.48 20.46 44.64
C ALA E 19 -5.83 20.23 43.96
N THR E 20 -5.77 19.85 42.69
CA THR E 20 -6.94 19.57 41.87
C THR E 20 -6.69 18.21 41.23
N LEU E 21 -7.46 17.21 41.66
CA LEU E 21 -7.34 15.85 41.15
C LEU E 21 -8.61 15.48 40.42
N SER E 22 -8.48 14.99 39.19
CA SER E 22 -9.66 14.62 38.42
C SER E 22 -9.83 13.12 38.27
N CYS E 23 -11.07 12.73 37.99
CA CYS E 23 -11.46 11.35 37.80
C CYS E 23 -12.41 11.37 36.61
N ARG E 24 -12.06 10.67 35.54
CA ARG E 24 -12.91 10.62 34.35
C ARG E 24 -13.50 9.22 34.22
N ALA E 25 -14.80 9.13 34.01
CA ALA E 25 -15.48 7.84 33.90
C ALA E 25 -15.82 7.48 32.46
N SER E 26 -15.63 6.22 32.10
CA SER E 26 -15.92 5.76 30.73
C SER E 26 -17.38 6.01 30.31
N GLN E 27 -18.25 6.22 31.30
CA GLN E 27 -19.64 6.51 31.05
C GLN E 27 -20.21 7.23 32.27
N SER E 28 -21.40 7.80 32.11
CA SER E 28 -22.03 8.55 33.19
C SER E 28 -22.18 7.74 34.47
N VAL E 29 -21.82 8.36 35.59
CA VAL E 29 -21.94 7.70 36.88
C VAL E 29 -23.33 7.97 37.45
N GLY E 30 -24.12 6.92 37.57
CA GLY E 30 -25.47 7.07 38.07
C GLY E 30 -25.62 7.81 39.38
N ASN E 31 -26.50 8.82 39.37
CA ASN E 31 -26.79 9.62 40.55
C ASN E 31 -25.57 10.23 41.20
N ASN E 32 -24.52 10.46 40.41
CA ASN E 32 -23.30 11.06 40.92
C ASN E 32 -22.78 10.35 42.17
N LYS E 33 -22.80 9.02 42.13
CA LYS E 33 -22.34 8.22 43.25
C LYS E 33 -20.87 7.89 43.06
N LEU E 34 -20.06 8.90 43.31
CA LEU E 34 -18.62 8.78 43.19
C LEU E 34 -18.00 9.21 44.51
N ALA E 35 -17.07 8.42 45.00
CA ALA E 35 -16.42 8.75 46.26
C ALA E 35 -14.92 8.92 46.07
N TRP E 36 -14.30 9.61 47.02
CA TRP E 36 -12.87 9.85 47.02
C TRP E 36 -12.29 9.37 48.35
N TYR E 37 -11.20 8.61 48.27
CA TYR E 37 -10.52 8.09 49.47
C TYR E 37 -9.04 8.46 49.48
N GLN E 38 -8.52 8.60 50.69
CA GLN E 38 -7.12 8.91 50.89
C GLN E 38 -6.48 7.67 51.52
N GLN E 39 -5.28 7.34 51.09
CA GLN E 39 -4.60 6.19 51.65
C GLN E 39 -3.12 6.45 51.81
N ARG E 40 -2.64 6.25 53.03
CA ARG E 40 -1.24 6.45 53.36
C ARG E 40 -0.59 5.07 53.27
N PRO E 41 0.70 5.03 52.94
CA PRO E 41 1.42 3.75 52.83
C PRO E 41 1.18 2.83 54.02
N GLY E 42 0.70 1.62 53.74
CA GLY E 42 0.47 0.65 54.80
C GLY E 42 -0.74 0.86 55.70
N GLN E 43 -1.60 1.81 55.38
CA GLN E 43 -2.80 2.04 56.19
C GLN E 43 -4.04 1.78 55.35
N ALA E 44 -5.17 1.63 56.04
CA ALA E 44 -6.44 1.41 55.37
C ALA E 44 -6.87 2.74 54.80
N PRO E 45 -7.66 2.73 53.71
CA PRO E 45 -8.12 3.99 53.11
C PRO E 45 -9.08 4.74 54.04
N ARG E 46 -9.20 6.05 53.80
CA ARG E 46 -10.10 6.90 54.57
C ARG E 46 -11.01 7.61 53.58
N LEU E 47 -12.30 7.66 53.88
CA LEU E 47 -13.28 8.34 53.02
C LEU E 47 -13.26 9.86 53.18
N LEU E 48 -13.21 10.58 52.06
CA LEU E 48 -13.18 12.04 52.10
C LEU E 48 -14.43 12.66 51.54
N ILE E 49 -14.91 12.09 50.46
CA ILE E 49 -16.07 12.61 49.77
C ILE E 49 -16.91 11.49 49.23
N TYR E 50 -18.22 11.67 49.25
CA TYR E 50 -19.14 10.68 48.69
C TYR E 50 -20.24 11.47 47.99
N GLY E 51 -20.97 10.82 47.10
CA GLY E 51 -22.02 11.52 46.39
C GLY E 51 -21.39 12.64 45.57
N ALA E 52 -20.11 12.44 45.24
CA ALA E 52 -19.35 13.39 44.44
C ALA E 52 -18.96 14.69 45.15
N SER E 53 -19.88 15.24 45.96
CA SER E 53 -19.60 16.50 46.64
C SER E 53 -19.89 16.53 48.14
N SER E 54 -20.36 15.42 48.69
CA SER E 54 -20.65 15.41 50.13
C SER E 54 -19.42 15.00 50.94
N ARG E 55 -19.24 15.69 52.05
CA ARG E 55 -18.10 15.45 52.92
C ARG E 55 -18.61 14.95 54.27
N PRO E 56 -18.15 13.77 54.71
CA PRO E 56 -18.62 13.27 56.00
C PRO E 56 -18.10 14.08 57.17
N SER E 57 -18.83 14.04 58.28
CA SER E 57 -18.41 14.76 59.47
C SER E 57 -17.06 14.17 59.87
N GLY E 58 -16.14 15.00 60.34
CA GLY E 58 -14.84 14.48 60.71
C GLY E 58 -13.78 14.69 59.64
N VAL E 59 -14.20 15.06 58.43
CA VAL E 59 -13.24 15.32 57.34
C VAL E 59 -12.96 16.81 57.25
N ALA E 60 -11.67 17.16 57.33
CA ALA E 60 -11.23 18.56 57.26
C ALA E 60 -11.96 19.29 56.14
N ASP E 61 -12.33 20.54 56.43
CA ASP E 61 -13.06 21.34 55.47
C ASP E 61 -12.25 21.74 54.24
N ARG E 62 -10.95 21.42 54.23
CA ARG E 62 -10.15 21.79 53.07
C ARG E 62 -10.34 20.81 51.91
N PHE E 63 -11.04 19.72 52.19
CA PHE E 63 -11.33 18.71 51.17
C PHE E 63 -12.68 19.02 50.55
N SER E 64 -12.70 19.09 49.22
CA SER E 64 -13.93 19.40 48.52
C SER E 64 -14.08 18.63 47.21
N GLY E 65 -15.31 18.25 46.90
CA GLY E 65 -15.56 17.51 45.68
C GLY E 65 -16.59 18.20 44.79
N SER E 66 -16.37 18.09 43.48
CA SER E 66 -17.27 18.68 42.51
C SER E 66 -17.40 17.77 41.29
N GLY E 67 -18.19 18.19 40.33
CA GLY E 67 -18.36 17.40 39.12
C GLY E 67 -19.65 16.62 39.03
N SER E 68 -19.85 16.00 37.87
CA SER E 68 -21.04 15.19 37.63
C SER E 68 -20.89 14.47 36.30
N GLY E 69 -21.69 13.46 36.08
CA GLY E 69 -21.61 12.72 34.82
C GLY E 69 -20.37 11.85 34.70
N THR E 70 -19.42 12.28 33.86
CA THR E 70 -18.21 11.52 33.64
C THR E 70 -16.96 12.22 34.17
N ASP E 71 -17.11 13.46 34.61
CA ASP E 71 -15.95 14.20 35.08
C ASP E 71 -16.09 14.74 36.50
N PHE E 72 -15.21 14.29 37.38
CA PHE E 72 -15.24 14.71 38.78
C PHE E 72 -13.92 15.29 39.24
N THR E 73 -13.96 16.06 40.31
CA THR E 73 -12.75 16.68 40.81
C THR E 73 -12.71 16.76 42.33
N LEU E 74 -11.57 16.39 42.89
CA LEU E 74 -11.37 16.48 44.33
C LEU E 74 -10.41 17.64 44.47
N THR E 75 -10.83 18.65 45.21
CA THR E 75 -10.00 19.83 45.43
C THR E 75 -9.58 19.90 46.89
N ILE E 76 -8.31 20.22 47.11
CA ILE E 76 -7.78 20.39 48.45
C ILE E 76 -7.28 21.83 48.44
N SER E 77 -8.08 22.73 49.02
CA SER E 77 -7.78 24.16 49.08
C SER E 77 -6.32 24.48 49.38
N ARG E 78 -5.73 23.77 50.33
CA ARG E 78 -4.32 23.97 50.64
C ARG E 78 -3.77 22.79 51.40
N LEU E 79 -2.73 22.17 50.85
CA LEU E 79 -2.11 21.00 51.45
C LEU E 79 -1.42 21.21 52.79
N GLU E 80 -1.53 20.18 53.61
CA GLU E 80 -0.89 20.10 54.92
C GLU E 80 0.07 18.94 54.72
N PRO E 81 1.14 18.86 55.53
CA PRO E 81 2.10 17.76 55.38
C PRO E 81 1.48 16.37 55.23
N GLU E 82 0.46 16.10 56.04
CA GLU E 82 -0.18 14.79 56.01
C GLU E 82 -1.09 14.55 54.80
N ASP E 83 -1.35 15.58 54.02
CA ASP E 83 -2.19 15.43 52.84
C ASP E 83 -1.44 14.79 51.67
N PHE E 84 -0.13 14.65 51.83
CA PHE E 84 0.67 14.04 50.77
C PHE E 84 0.58 12.54 50.83
N ALA E 85 -0.32 12.00 50.01
CA ALA E 85 -0.55 10.56 49.98
C ALA E 85 -1.19 10.20 48.64
N VAL E 86 -1.84 9.04 48.58
CA VAL E 86 -2.50 8.57 47.37
C VAL E 86 -4.00 8.78 47.48
N TYR E 87 -4.60 9.26 46.40
CA TYR E 87 -6.03 9.49 46.40
C TYR E 87 -6.70 8.63 45.35
N TYR E 88 -7.75 7.93 45.75
CA TYR E 88 -8.49 7.05 44.85
C TYR E 88 -9.94 7.49 44.71
N CYS E 89 -10.48 7.38 43.49
CA CYS E 89 -11.89 7.68 43.29
C CYS E 89 -12.61 6.34 43.10
N GLN E 90 -13.89 6.31 43.41
CA GLN E 90 -14.69 5.10 43.30
C GLN E 90 -16.12 5.43 42.89
N GLN E 91 -16.66 4.68 41.94
CA GLN E 91 -18.04 4.90 41.55
C GLN E 91 -18.84 3.71 42.07
N TYR E 92 -20.02 4.00 42.57
CA TYR E 92 -20.90 2.95 43.08
C TYR E 92 -22.30 3.18 42.52
N GLY E 93 -22.32 3.70 41.29
CA GLY E 93 -23.56 3.98 40.61
C GLY E 93 -24.11 2.76 39.87
N GLN E 94 -23.40 1.64 39.99
CA GLN E 94 -23.78 0.38 39.38
C GLN E 94 -23.41 -0.64 40.45
N SER E 95 -24.05 -1.80 40.43
CA SER E 95 -23.74 -2.83 41.42
C SER E 95 -22.27 -3.21 41.33
N LEU E 96 -21.71 -3.16 40.13
CA LEU E 96 -20.30 -3.49 39.95
C LEU E 96 -19.51 -2.24 40.29
N SER E 97 -19.11 -2.09 41.54
CA SER E 97 -18.35 -0.91 41.93
C SER E 97 -16.90 -1.01 41.44
N THR E 98 -16.32 0.14 41.10
CA THR E 98 -14.93 0.19 40.63
C THR E 98 -14.15 1.41 41.14
N PHE E 99 -12.84 1.26 41.15
CA PHE E 99 -11.90 2.27 41.61
C PHE E 99 -10.97 2.70 40.49
N GLY E 100 -10.51 3.95 40.57
CA GLY E 100 -9.55 4.44 39.60
C GLY E 100 -8.23 3.90 40.12
N GLN E 101 -7.18 4.02 39.33
CA GLN E 101 -5.86 3.53 39.71
C GLN E 101 -5.14 4.38 40.74
N GLY E 102 -5.70 5.53 41.09
CA GLY E 102 -5.08 6.39 42.09
C GLY E 102 -4.11 7.45 41.59
N THR E 103 -4.12 8.59 42.27
CA THR E 103 -3.23 9.69 41.96
C THR E 103 -2.39 9.95 43.20
N LYS E 104 -1.08 9.99 43.04
CA LYS E 104 -0.20 10.22 44.16
C LYS E 104 0.12 11.71 44.28
N VAL E 105 -0.02 12.24 45.49
CA VAL E 105 0.32 13.63 45.72
C VAL E 105 1.63 13.63 46.49
N GLU E 106 2.70 14.06 45.84
CA GLU E 106 4.00 14.11 46.48
C GLU E 106 4.52 15.54 46.61
N VAL E 107 5.65 15.68 47.29
CA VAL E 107 6.24 16.98 47.52
C VAL E 107 7.29 17.36 46.46
N LYS E 108 7.12 18.52 45.84
CA LYS E 108 8.07 18.98 44.85
C LYS E 108 9.14 19.79 45.57
N ARG E 109 10.40 19.36 45.43
CA ARG E 109 11.53 20.03 46.07
C ARG E 109 12.62 20.27 45.04
N THR E 110 13.70 20.95 45.44
CA THR E 110 14.78 21.21 44.50
C THR E 110 15.36 19.92 43.96
N VAL E 111 15.76 19.94 42.70
CA VAL E 111 16.34 18.77 42.08
C VAL E 111 17.59 18.36 42.84
N ALA E 112 17.71 17.05 43.10
CA ALA E 112 18.87 16.53 43.82
C ALA E 112 19.37 15.25 43.16
N ALA E 113 20.60 15.32 42.64
CA ALA E 113 21.22 14.18 42.00
C ALA E 113 21.44 13.14 43.07
N PRO E 114 21.36 11.85 42.70
CA PRO E 114 21.55 10.80 43.69
C PRO E 114 23.02 10.45 43.88
N SER E 115 23.40 10.13 45.12
CA SER E 115 24.76 9.68 45.37
C SER E 115 24.62 8.22 44.92
N VAL E 116 25.58 7.73 44.15
CA VAL E 116 25.49 6.35 43.68
C VAL E 116 26.57 5.44 44.23
N PHE E 117 26.14 4.35 44.86
CA PHE E 117 27.06 3.37 45.45
C PHE E 117 26.79 2.02 44.83
N ILE E 118 27.83 1.19 44.76
CA ILE E 118 27.71 -0.15 44.20
C ILE E 118 28.42 -1.11 45.15
N PHE E 119 27.81 -2.25 45.43
CA PHE E 119 28.43 -3.23 46.32
C PHE E 119 28.64 -4.55 45.60
N PRO E 120 29.84 -5.13 45.73
CA PRO E 120 30.15 -6.41 45.09
C PRO E 120 29.56 -7.51 45.97
N PRO E 121 29.47 -8.75 45.46
CA PRO E 121 28.92 -9.78 46.33
C PRO E 121 29.83 -10.06 47.52
N SER E 122 29.26 -10.50 48.63
CA SER E 122 30.06 -10.81 49.81
C SER E 122 30.64 -12.21 49.66
N ASP E 123 31.76 -12.46 50.33
CA ASP E 123 32.39 -13.78 50.26
C ASP E 123 31.39 -14.83 50.76
N GLU E 124 30.66 -14.51 51.82
CA GLU E 124 29.69 -15.46 52.36
C GLU E 124 28.72 -15.89 51.28
N GLN E 125 28.11 -14.94 50.59
CA GLN E 125 27.17 -15.35 49.56
C GLN E 125 27.83 -16.15 48.43
N LEU E 126 29.01 -15.72 47.98
CA LEU E 126 29.71 -16.41 46.90
C LEU E 126 29.98 -17.88 47.21
N LYS E 127 30.28 -18.18 48.48
CA LYS E 127 30.56 -19.56 48.88
C LYS E 127 29.38 -20.48 48.63
N SER E 128 28.16 -19.96 48.73
CA SER E 128 26.98 -20.78 48.50
C SER E 128 26.67 -20.87 47.01
N GLY E 129 27.47 -20.18 46.19
CA GLY E 129 27.27 -20.23 44.75
C GLY E 129 26.41 -19.16 44.08
N THR E 130 26.17 -18.03 44.74
CA THR E 130 25.37 -16.96 44.14
C THR E 130 26.10 -15.62 44.29
N ALA E 131 25.87 -14.73 43.35
CA ALA E 131 26.50 -13.42 43.37
C ALA E 131 25.49 -12.31 43.13
N SER E 132 25.15 -11.58 44.19
CA SER E 132 24.23 -10.45 44.07
C SER E 132 25.05 -9.17 44.13
N VAL E 133 24.87 -8.32 43.11
CA VAL E 133 25.55 -7.04 43.08
C VAL E 133 24.44 -6.03 43.40
N VAL E 134 24.72 -5.11 44.31
CA VAL E 134 23.73 -4.12 44.68
C VAL E 134 24.17 -2.73 44.30
N CYS E 135 23.25 -1.99 43.68
CA CYS E 135 23.54 -0.62 43.28
C CYS E 135 22.51 0.23 44.03
N LEU E 136 23.00 1.26 44.70
CA LEU E 136 22.15 2.13 45.48
C LEU E 136 22.11 3.57 44.97
N LEU E 137 20.89 4.10 44.82
CA LEU E 137 20.71 5.48 44.41
C LEU E 137 20.18 6.18 45.66
N ASN E 138 21.02 6.99 46.28
CA ASN E 138 20.60 7.64 47.51
C ASN E 138 20.17 9.11 47.43
N ASN E 139 19.07 9.37 48.13
CA ASN E 139 18.44 10.68 48.27
C ASN E 139 18.39 11.56 47.03
N PHE E 140 17.51 11.22 46.09
CA PHE E 140 17.38 12.01 44.89
C PHE E 140 15.96 12.53 44.68
N TYR E 141 15.84 13.49 43.77
CA TYR E 141 14.56 14.07 43.39
C TYR E 141 14.76 14.78 42.06
N PRO E 142 13.79 14.65 41.14
CA PRO E 142 12.53 13.91 41.25
C PRO E 142 12.69 12.38 41.31
N ARG E 143 11.57 11.68 41.44
CA ARG E 143 11.59 10.23 41.55
C ARG E 143 12.03 9.49 40.30
N GLU E 144 11.66 10.01 39.14
CA GLU E 144 12.02 9.39 37.87
C GLU E 144 13.52 9.16 37.81
N ALA E 145 13.92 7.90 37.69
CA ALA E 145 15.33 7.55 37.63
C ALA E 145 15.47 6.21 36.92
N LYS E 146 16.45 6.14 36.04
CA LYS E 146 16.70 4.93 35.27
C LYS E 146 18.03 4.28 35.63
N VAL E 147 17.98 3.00 35.98
CA VAL E 147 19.18 2.25 36.33
C VAL E 147 19.36 1.18 35.26
N GLN E 148 20.58 1.08 34.74
CA GLN E 148 20.86 0.10 33.69
C GLN E 148 22.07 -0.74 34.06
N TRP E 149 21.85 -2.03 34.25
CA TRP E 149 22.94 -2.94 34.60
C TRP E 149 23.70 -3.31 33.33
N LYS E 150 25.02 -3.29 33.43
CA LYS E 150 25.86 -3.64 32.30
C LYS E 150 27.08 -4.41 32.76
N VAL E 151 27.18 -5.65 32.30
CA VAL E 151 28.32 -6.51 32.62
C VAL E 151 28.99 -6.73 31.27
N ASP E 152 30.18 -6.17 31.12
CA ASP E 152 30.93 -6.22 29.87
C ASP E 152 30.04 -5.61 28.79
N ASN E 153 29.36 -4.52 29.18
CA ASN E 153 28.44 -3.74 28.35
C ASN E 153 27.21 -4.45 27.79
N ALA E 154 26.79 -5.52 28.45
CA ALA E 154 25.62 -6.28 28.03
C ALA E 154 24.48 -6.04 29.03
N LEU E 155 23.24 -6.10 28.56
CA LEU E 155 22.07 -5.90 29.40
C LEU E 155 21.70 -7.15 30.18
N GLN E 156 21.01 -6.98 31.30
CA GLN E 156 20.67 -8.12 32.13
C GLN E 156 19.20 -8.44 32.34
N SER E 157 18.42 -8.37 31.28
CA SER E 157 16.99 -8.66 31.36
C SER E 157 16.71 -9.92 32.18
N GLY E 158 15.85 -9.80 33.18
CA GLY E 158 15.51 -10.95 34.01
C GLY E 158 16.52 -11.29 35.09
N ASN E 159 17.60 -10.53 35.21
CA ASN E 159 18.60 -10.81 36.25
C ASN E 159 18.53 -9.86 37.42
N SER E 160 17.80 -8.76 37.28
CA SER E 160 17.72 -7.82 38.38
C SER E 160 16.33 -7.30 38.70
N GLN E 161 16.24 -6.71 39.89
CA GLN E 161 15.01 -6.13 40.40
C GLN E 161 15.39 -4.92 41.24
N GLU E 162 14.51 -3.93 41.24
CA GLU E 162 14.77 -2.72 42.01
C GLU E 162 13.59 -2.40 42.93
N SER E 163 13.87 -1.55 43.92
CA SER E 163 12.89 -1.15 44.89
C SER E 163 13.14 0.32 45.28
N VAL E 164 12.08 1.09 45.50
CA VAL E 164 12.25 2.49 45.87
C VAL E 164 11.55 2.77 47.19
N THR E 165 12.16 3.63 48.01
CA THR E 165 11.58 4.00 49.30
C THR E 165 10.45 4.99 49.09
N GLU E 166 9.66 5.21 50.13
CA GLU E 166 8.57 6.18 50.10
C GLU E 166 9.27 7.54 50.21
N GLN E 167 8.62 8.61 49.77
CA GLN E 167 9.27 9.91 49.87
C GLN E 167 9.60 10.23 51.32
N ASP E 168 10.84 10.68 51.56
CA ASP E 168 11.28 11.01 52.91
C ASP E 168 10.45 12.16 53.49
N SER E 169 9.97 11.97 54.71
CA SER E 169 9.15 12.99 55.36
C SER E 169 9.91 14.27 55.67
N LYS E 170 11.22 14.18 55.83
CA LYS E 170 12.03 15.35 56.15
C LYS E 170 12.81 16.01 55.01
N ASP E 171 13.40 15.24 54.09
CA ASP E 171 14.12 15.89 53.00
C ASP E 171 13.42 15.76 51.64
N SER E 172 12.26 15.12 51.64
CA SER E 172 11.46 14.95 50.42
C SER E 172 12.18 14.29 49.26
N THR E 173 13.13 13.41 49.57
CA THR E 173 13.88 12.71 48.55
C THR E 173 13.46 11.24 48.49
N TYR E 174 13.95 10.57 47.46
CA TYR E 174 13.69 9.16 47.23
C TYR E 174 15.03 8.41 47.17
N SER E 175 15.00 7.13 47.52
CA SER E 175 16.19 6.29 47.45
C SER E 175 15.77 5.05 46.68
N LEU E 176 16.69 4.52 45.89
CA LEU E 176 16.41 3.34 45.09
C LEU E 176 17.52 2.31 45.25
N SER E 177 17.10 1.05 45.37
CA SER E 177 18.02 -0.05 45.51
C SER E 177 17.75 -1.03 44.39
N SER E 178 18.80 -1.35 43.62
CA SER E 178 18.66 -2.30 42.53
C SER E 178 19.63 -3.44 42.79
N THR E 179 19.15 -4.65 42.64
CA THR E 179 20.01 -5.81 42.86
C THR E 179 20.11 -6.69 41.63
N LEU E 180 21.35 -7.04 41.30
CA LEU E 180 21.62 -7.92 40.16
C LEU E 180 22.05 -9.26 40.74
N THR E 181 21.38 -10.32 40.33
CA THR E 181 21.71 -11.65 40.82
C THR E 181 22.08 -12.63 39.72
N LEU E 182 23.26 -13.21 39.84
CA LEU E 182 23.77 -14.19 38.88
C LEU E 182 24.25 -15.37 39.71
N SER E 183 24.58 -16.46 39.04
CA SER E 183 25.10 -17.64 39.72
C SER E 183 26.59 -17.32 39.86
N LYS E 184 27.29 -18.01 40.76
CA LYS E 184 28.72 -17.74 40.90
C LYS E 184 29.42 -18.06 39.58
N ALA E 185 28.87 -19.01 38.84
CA ALA E 185 29.43 -19.44 37.58
C ALA E 185 29.40 -18.36 36.48
N ASP E 186 28.25 -17.71 36.31
CA ASP E 186 28.14 -16.68 35.29
C ASP E 186 28.90 -15.46 35.76
N TYR E 187 28.83 -15.22 37.06
CA TYR E 187 29.49 -14.09 37.66
C TYR E 187 30.99 -14.09 37.35
N GLU E 188 31.61 -15.28 37.38
CA GLU E 188 33.03 -15.37 37.13
C GLU E 188 33.40 -15.47 35.66
N LYS E 189 32.42 -15.37 34.77
CA LYS E 189 32.68 -15.41 33.33
C LYS E 189 32.88 -13.99 32.80
N HIS E 190 32.63 -13.01 33.66
CA HIS E 190 32.73 -11.61 33.28
C HIS E 190 33.63 -10.78 34.20
N LYS E 191 34.14 -9.67 33.68
CA LYS E 191 35.02 -8.81 34.47
C LYS E 191 34.40 -7.51 34.96
N VAL E 192 33.84 -6.71 34.05
CA VAL E 192 33.27 -5.43 34.45
C VAL E 192 31.79 -5.42 34.79
N TYR E 193 31.51 -5.06 36.03
CA TYR E 193 30.15 -4.97 36.50
C TYR E 193 29.82 -3.48 36.68
N ALA E 194 28.90 -2.99 35.86
CA ALA E 194 28.54 -1.59 35.89
C ALA E 194 27.08 -1.25 36.13
N CYS E 195 26.88 -0.12 36.80
CA CYS E 195 25.59 0.42 37.12
C CYS E 195 25.53 1.83 36.52
N GLU E 196 24.75 2.01 35.46
CA GLU E 196 24.65 3.33 34.82
C GLU E 196 23.34 4.02 35.20
N VAL E 197 23.48 5.19 35.79
CA VAL E 197 22.34 5.97 36.25
C VAL E 197 21.97 7.17 35.39
N THR E 198 20.66 7.27 35.10
CA THR E 198 20.10 8.36 34.33
C THR E 198 19.08 9.10 35.20
N HIS E 199 19.42 10.32 35.61
CA HIS E 199 18.55 11.14 36.43
C HIS E 199 18.60 12.60 35.98
N GLN E 200 17.50 13.33 36.17
CA GLN E 200 17.45 14.72 35.75
C GLN E 200 18.41 15.65 36.49
N GLY E 201 18.98 15.18 37.59
CA GLY E 201 19.92 15.99 38.34
C GLY E 201 21.35 15.68 37.95
N LEU E 202 21.50 14.87 36.90
CA LEU E 202 22.80 14.45 36.40
C LEU E 202 23.05 15.01 35.01
N SER E 203 24.10 15.81 34.86
CA SER E 203 24.43 16.41 33.57
C SER E 203 24.55 15.34 32.49
N SER E 204 25.04 14.17 32.89
CA SER E 204 25.21 13.05 31.97
C SER E 204 25.09 11.74 32.75
N PRO E 205 24.54 10.68 32.13
CA PRO E 205 24.38 9.39 32.80
C PRO E 205 25.63 8.99 33.58
N VAL E 206 25.49 8.88 34.90
CA VAL E 206 26.58 8.49 35.78
C VAL E 206 26.76 6.97 35.78
N THR E 207 28.01 6.51 35.74
CA THR E 207 28.29 5.08 35.74
C THR E 207 29.26 4.65 36.84
N LYS E 208 28.76 3.87 37.79
CA LYS E 208 29.58 3.33 38.88
C LYS E 208 29.82 1.88 38.51
N SER E 209 31.04 1.39 38.72
CA SER E 209 31.35 0.00 38.39
C SER E 209 32.60 -0.52 39.05
N PHE E 210 32.86 -1.80 38.86
CA PHE E 210 34.03 -2.45 39.43
C PHE E 210 34.40 -3.69 38.61
N ASN E 211 35.64 -4.15 38.79
CA ASN E 211 36.11 -5.35 38.11
C ASN E 211 36.20 -6.45 39.16
N ARG E 212 35.59 -7.59 38.88
CA ARG E 212 35.62 -8.70 39.83
C ARG E 212 37.05 -8.92 40.32
N GLY E 213 37.26 -8.73 41.62
CA GLY E 213 38.58 -8.88 42.21
C GLY E 213 39.36 -7.59 42.15
N GLU E 214 39.59 -6.98 43.31
CA GLU E 214 40.34 -5.72 43.40
C GLU E 214 41.06 -5.55 44.73
N GLN F 1 -19.68 5.43 66.74
CA GLN F 1 -18.42 5.13 65.98
C GLN F 1 -18.43 3.65 65.66
N VAL F 2 -17.96 3.30 64.46
CA VAL F 2 -17.93 1.91 64.05
C VAL F 2 -16.51 1.38 64.04
N GLN F 3 -16.34 0.19 64.59
CA GLN F 3 -15.02 -0.42 64.67
C GLN F 3 -15.00 -1.80 64.01
N LEU F 4 -14.15 -1.98 63.00
CA LEU F 4 -14.04 -3.25 62.29
C LEU F 4 -12.70 -3.94 62.58
N VAL F 5 -12.77 -5.15 63.12
CA VAL F 5 -11.58 -5.92 63.46
C VAL F 5 -11.54 -7.21 62.66
N GLN F 6 -10.51 -7.35 61.85
CA GLN F 6 -10.33 -8.53 61.01
C GLN F 6 -9.45 -9.60 61.63
N SER F 7 -9.51 -10.79 61.05
CA SER F 7 -8.70 -11.92 61.50
C SER F 7 -7.26 -11.71 61.01
N GLY F 8 -6.32 -12.49 61.56
CA GLY F 8 -4.91 -12.36 61.23
C GLY F 8 -4.44 -12.79 59.85
N ALA F 9 -3.19 -12.46 59.54
CA ALA F 9 -2.58 -12.78 58.24
C ALA F 9 -2.60 -14.27 57.96
N GLU F 10 -2.67 -14.63 56.68
CA GLU F 10 -2.72 -16.03 56.27
C GLU F 10 -1.83 -16.40 55.09
N VAL F 11 -1.35 -17.65 55.10
CA VAL F 11 -0.51 -18.18 54.03
C VAL F 11 -1.22 -19.43 53.51
N LYS F 12 -1.66 -19.37 52.25
CA LYS F 12 -2.37 -20.49 51.63
C LYS F 12 -1.68 -20.97 50.35
N ARG F 13 -1.80 -22.26 50.08
CA ARG F 13 -1.22 -22.83 48.89
C ARG F 13 -2.22 -22.71 47.76
N PRO F 14 -1.71 -22.65 46.52
CA PRO F 14 -2.58 -22.54 45.35
C PRO F 14 -3.57 -23.69 45.32
N GLY F 15 -4.84 -23.37 45.03
CA GLY F 15 -5.86 -24.39 44.97
C GLY F 15 -6.64 -24.47 46.26
N SER F 16 -6.14 -23.84 47.33
CA SER F 16 -6.84 -23.88 48.60
C SER F 16 -7.87 -22.77 48.75
N SER F 17 -8.50 -22.72 49.92
CA SER F 17 -9.50 -21.70 50.21
C SER F 17 -9.14 -20.96 51.50
N VAL F 18 -9.46 -19.67 51.54
CA VAL F 18 -9.18 -18.86 52.71
C VAL F 18 -10.44 -18.15 53.16
N THR F 19 -10.60 -18.00 54.47
CA THR F 19 -11.75 -17.31 55.02
C THR F 19 -11.27 -16.24 55.98
N VAL F 20 -11.68 -15.01 55.72
CA VAL F 20 -11.30 -13.87 56.54
C VAL F 20 -12.52 -13.38 57.30
N SER F 21 -12.38 -13.09 58.59
CA SER F 21 -13.51 -12.59 59.36
C SER F 21 -13.40 -11.09 59.68
N CYS F 22 -14.54 -10.47 59.91
CA CYS F 22 -14.60 -9.04 60.20
C CYS F 22 -15.64 -8.86 61.27
N LYS F 23 -15.18 -8.69 62.50
CA LYS F 23 -16.07 -8.48 63.63
C LYS F 23 -16.33 -6.98 63.75
N ALA F 24 -17.60 -6.60 63.71
CA ALA F 24 -17.98 -5.18 63.79
C ALA F 24 -18.54 -4.80 65.16
N SER F 25 -18.17 -3.61 65.62
CA SER F 25 -18.66 -3.12 66.89
C SER F 25 -19.14 -1.68 66.65
N GLY F 26 -20.40 -1.42 66.98
CA GLY F 26 -20.94 -0.08 66.79
C GLY F 26 -22.01 0.03 65.71
N GLY F 27 -22.87 1.04 65.84
CA GLY F 27 -23.93 1.24 64.87
C GLY F 27 -24.74 -0.02 64.63
N SER F 28 -25.49 -0.06 63.54
CA SER F 28 -26.29 -1.23 63.22
C SER F 28 -25.52 -2.07 62.22
N PHE F 29 -25.41 -3.37 62.50
CA PHE F 29 -24.68 -4.28 61.62
C PHE F 29 -25.55 -4.86 60.50
N SER F 30 -26.75 -5.30 60.85
CA SER F 30 -27.63 -5.92 59.86
C SER F 30 -28.25 -5.05 58.78
N THR F 31 -28.38 -3.74 59.00
CA THR F 31 -29.00 -2.89 57.99
C THR F 31 -28.09 -2.03 57.11
N TYR F 32 -26.77 -2.21 57.23
CA TYR F 32 -25.82 -1.44 56.44
C TYR F 32 -24.93 -2.33 55.57
N ALA F 33 -24.74 -1.92 54.33
CA ALA F 33 -23.93 -2.68 53.39
C ALA F 33 -22.50 -2.90 53.83
N LEU F 34 -22.06 -4.15 53.77
CA LEU F 34 -20.69 -4.48 54.12
C LEU F 34 -19.97 -5.07 52.88
N SER F 35 -18.89 -4.43 52.45
CA SER F 35 -18.14 -4.90 51.28
C SER F 35 -16.70 -5.30 51.63
N TRP F 36 -16.11 -6.04 50.70
CA TRP F 36 -14.73 -6.52 50.82
C TRP F 36 -13.94 -5.94 49.66
N VAL F 37 -12.83 -5.30 50.00
CA VAL F 37 -11.97 -4.66 49.04
C VAL F 37 -10.55 -5.16 49.26
N ARG F 38 -9.85 -5.49 48.18
CA ARG F 38 -8.50 -5.98 48.33
C ARG F 38 -7.52 -5.13 47.56
N GLN F 39 -6.23 -5.32 47.84
CA GLN F 39 -5.22 -4.60 47.10
C GLN F 39 -3.87 -5.30 47.18
N ALA F 40 -3.36 -5.64 46.02
CA ALA F 40 -2.06 -6.29 45.91
C ALA F 40 -0.99 -5.29 46.28
N PRO F 41 0.18 -5.77 46.70
CA PRO F 41 1.27 -4.85 47.07
C PRO F 41 1.62 -4.01 45.85
N GLY F 42 1.66 -2.69 46.03
CA GLY F 42 1.99 -1.79 44.93
C GLY F 42 0.88 -1.56 43.91
N ARG F 43 -0.28 -2.19 44.10
CA ARG F 43 -1.38 -2.02 43.16
C ARG F 43 -2.52 -1.19 43.75
N GLY F 44 -3.55 -0.92 42.96
CA GLY F 44 -4.69 -0.15 43.46
C GLY F 44 -5.73 -0.95 44.23
N LEU F 45 -6.81 -0.28 44.60
CA LEU F 45 -7.90 -0.91 45.35
C LEU F 45 -8.89 -1.59 44.40
N GLU F 46 -9.40 -2.75 44.79
CA GLU F 46 -10.40 -3.43 43.96
C GLU F 46 -11.55 -3.99 44.80
N TRP F 47 -12.75 -3.50 44.50
CA TRP F 47 -13.95 -3.93 45.21
C TRP F 47 -14.27 -5.35 44.77
N MET F 48 -14.46 -6.24 45.74
CA MET F 48 -14.71 -7.63 45.42
C MET F 48 -16.17 -8.01 45.50
N GLY F 49 -16.88 -7.37 46.41
CA GLY F 49 -18.29 -7.66 46.60
C GLY F 49 -18.68 -7.34 48.02
N GLY F 50 -19.96 -7.48 48.33
CA GLY F 50 -20.43 -7.19 49.66
C GLY F 50 -21.74 -7.87 49.95
N VAL F 51 -22.29 -7.59 51.12
CA VAL F 51 -23.55 -8.20 51.51
C VAL F 51 -24.36 -7.30 52.43
N ILE F 52 -25.67 -7.48 52.41
CA ILE F 52 -26.57 -6.74 53.29
C ILE F 52 -27.09 -7.82 54.24
N PRO F 53 -26.54 -7.87 55.46
CA PRO F 53 -26.91 -8.85 56.48
C PRO F 53 -28.40 -9.18 56.67
N LEU F 54 -29.22 -8.16 56.91
CA LEU F 54 -30.64 -8.39 57.14
C LEU F 54 -31.32 -9.14 56.01
N LEU F 55 -30.99 -8.82 54.77
CA LEU F 55 -31.63 -9.46 53.63
C LEU F 55 -30.85 -10.60 53.03
N THR F 56 -29.60 -10.75 53.48
CA THR F 56 -28.70 -11.79 52.97
C THR F 56 -28.44 -11.58 51.47
N ILE F 57 -28.76 -10.41 50.96
CA ILE F 57 -28.54 -10.12 49.54
C ILE F 57 -27.06 -9.82 49.27
N THR F 58 -26.41 -10.69 48.50
CA THR F 58 -25.01 -10.48 48.18
C THR F 58 -24.85 -9.83 46.81
N ASN F 59 -23.65 -9.34 46.53
CA ASN F 59 -23.31 -8.69 45.28
C ASN F 59 -21.83 -8.91 45.05
N TYR F 60 -21.48 -9.64 44.00
CA TYR F 60 -20.07 -9.93 43.70
C TYR F 60 -19.58 -9.40 42.34
N ALA F 61 -18.31 -9.00 42.29
CA ALA F 61 -17.73 -8.53 41.04
C ALA F 61 -17.64 -9.74 40.12
N PRO F 62 -18.00 -9.58 38.85
CA PRO F 62 -17.96 -10.68 37.88
C PRO F 62 -16.66 -11.50 37.85
N ARG F 63 -15.53 -10.86 38.10
CA ARG F 63 -14.26 -11.58 38.05
C ARG F 63 -14.02 -12.52 39.21
N PHE F 64 -14.90 -12.50 40.21
CA PHE F 64 -14.73 -13.37 41.36
C PHE F 64 -15.93 -14.32 41.52
N GLN F 65 -16.98 -14.11 40.75
CA GLN F 65 -18.18 -14.95 40.84
C GLN F 65 -17.92 -16.44 40.61
N GLY F 66 -18.41 -17.26 41.53
CA GLY F 66 -18.25 -18.70 41.45
C GLY F 66 -17.03 -19.18 42.24
N ARG F 67 -16.34 -18.22 42.86
CA ARG F 67 -15.13 -18.53 43.62
C ARG F 67 -15.13 -17.77 44.95
N ILE F 68 -16.13 -16.92 45.11
CA ILE F 68 -16.22 -16.10 46.30
C ILE F 68 -17.56 -16.28 47.02
N THR F 69 -17.53 -16.19 48.35
CA THR F 69 -18.74 -16.33 49.15
C THR F 69 -18.64 -15.34 50.30
N ILE F 70 -19.64 -14.48 50.45
CA ILE F 70 -19.66 -13.51 51.54
C ILE F 70 -20.92 -13.71 52.36
N THR F 71 -20.73 -14.04 53.63
CA THR F 71 -21.84 -14.28 54.54
C THR F 71 -21.67 -13.42 55.77
N ALA F 72 -22.74 -13.30 56.56
CA ALA F 72 -22.71 -12.49 57.75
C ALA F 72 -23.46 -13.16 58.90
N ASP F 73 -22.96 -12.97 60.11
CA ASP F 73 -23.57 -13.55 61.29
C ASP F 73 -24.07 -12.42 62.19
N ARG F 74 -25.38 -12.16 62.12
CA ARG F 74 -25.98 -11.09 62.91
C ARG F 74 -25.90 -11.33 64.42
N SER F 75 -25.69 -12.58 64.83
CA SER F 75 -25.58 -12.90 66.25
C SER F 75 -24.25 -12.40 66.82
N THR F 76 -23.23 -12.32 65.97
CA THR F 76 -21.92 -11.88 66.39
C THR F 76 -21.44 -10.63 65.65
N SER F 77 -22.30 -10.09 64.77
CA SER F 77 -21.95 -8.91 63.99
C SER F 77 -20.65 -9.16 63.21
N THR F 78 -20.45 -10.39 62.76
CA THR F 78 -19.25 -10.74 62.03
C THR F 78 -19.53 -11.06 60.57
N ALA F 79 -18.69 -10.53 59.70
CA ALA F 79 -18.83 -10.75 58.27
C ALA F 79 -17.69 -11.66 57.84
N TYR F 80 -17.95 -12.46 56.82
CA TYR F 80 -16.94 -13.38 56.34
C TYR F 80 -16.77 -13.29 54.84
N LEU F 81 -15.53 -13.57 54.43
CA LEU F 81 -15.17 -13.60 53.03
C LEU F 81 -14.48 -14.93 52.81
N GLU F 82 -15.01 -15.73 51.91
CA GLU F 82 -14.41 -17.02 51.59
C GLU F 82 -14.03 -16.95 50.12
N LEU F 83 -12.75 -17.17 49.83
CA LEU F 83 -12.26 -17.14 48.46
C LEU F 83 -11.64 -18.51 48.15
N ASN F 84 -12.22 -19.22 47.19
CA ASN F 84 -11.76 -20.55 46.82
C ASN F 84 -10.84 -20.57 45.61
N SER F 85 -10.26 -21.74 45.32
CA SER F 85 -9.38 -21.89 44.18
C SER F 85 -8.33 -20.78 44.11
N LEU F 86 -7.62 -20.58 45.22
CA LEU F 86 -6.60 -19.54 45.33
C LEU F 86 -5.44 -19.69 44.34
N ARG F 87 -4.92 -18.56 43.88
CA ARG F 87 -3.80 -18.48 42.95
C ARG F 87 -2.84 -17.43 43.50
N PRO F 88 -1.57 -17.42 43.04
CA PRO F 88 -0.63 -16.42 43.55
C PRO F 88 -1.16 -15.00 43.37
N GLU F 89 -1.91 -14.80 42.28
CA GLU F 89 -2.50 -13.49 41.96
C GLU F 89 -3.38 -12.94 43.08
N ASP F 90 -3.99 -13.83 43.87
CA ASP F 90 -4.84 -13.39 44.98
C ASP F 90 -4.03 -12.84 46.16
N THR F 91 -2.71 -12.89 46.08
CA THR F 91 -1.90 -12.37 47.20
C THR F 91 -2.19 -10.88 47.36
N ALA F 92 -2.75 -10.51 48.50
CA ALA F 92 -3.10 -9.12 48.75
C ALA F 92 -3.57 -8.86 50.18
N VAL F 93 -3.77 -7.60 50.52
CA VAL F 93 -4.29 -7.27 51.82
C VAL F 93 -5.79 -7.14 51.57
N TYR F 94 -6.59 -7.84 52.37
CA TYR F 94 -8.04 -7.77 52.19
C TYR F 94 -8.68 -6.92 53.28
N TYR F 95 -9.54 -6.00 52.86
CA TYR F 95 -10.22 -5.12 53.80
C TYR F 95 -11.72 -5.26 53.76
N CYS F 96 -12.34 -5.28 54.93
CA CYS F 96 -13.79 -5.27 54.94
C CYS F 96 -14.06 -3.78 55.16
N ALA F 97 -15.19 -3.31 54.65
CA ALA F 97 -15.51 -1.90 54.79
C ALA F 97 -17.02 -1.76 54.80
N ARG F 98 -17.52 -1.00 55.76
CA ARG F 98 -18.95 -0.78 55.86
C ARG F 98 -19.28 0.62 55.35
N GLU F 99 -20.45 0.76 54.73
CA GLU F 99 -20.89 2.05 54.24
C GLU F 99 -21.12 2.96 55.43
N GLY F 100 -20.94 4.27 55.23
CA GLY F 100 -21.16 5.19 56.32
C GLY F 100 -22.61 5.63 56.37
N THR F 101 -22.88 6.66 57.15
CA THR F 101 -24.22 7.20 57.30
C THR F 101 -24.15 8.73 57.31
N THR F 102 -25.21 9.38 56.86
CA THR F 102 -25.26 10.84 56.81
C THR F 102 -25.18 11.48 58.19
N GLY F 103 -24.69 12.73 58.22
CA GLY F 103 -24.56 13.47 59.47
C GLY F 103 -23.68 12.78 60.49
N TRP F 104 -23.87 13.13 61.76
CA TRP F 104 -23.10 12.52 62.84
C TRP F 104 -23.69 11.14 63.09
N GLY F 105 -23.49 10.63 64.30
CA GLY F 105 -24.03 9.33 64.64
C GLY F 105 -23.69 8.28 63.60
N TRP F 106 -24.30 7.10 63.74
CA TRP F 106 -24.04 6.00 62.82
C TRP F 106 -25.31 5.22 62.54
N LEU F 107 -26.45 5.90 62.63
CA LEU F 107 -27.75 5.28 62.39
C LEU F 107 -28.56 6.05 61.36
N GLY F 108 -27.95 7.09 60.80
CA GLY F 108 -28.64 7.89 59.81
C GLY F 108 -28.82 7.16 58.48
N LYS F 109 -29.08 7.93 57.44
CA LYS F 109 -29.28 7.38 56.11
C LYS F 109 -27.94 6.83 55.59
N PRO F 110 -27.96 5.61 55.02
CA PRO F 110 -26.73 5.01 54.48
C PRO F 110 -26.24 5.84 53.31
N ILE F 111 -24.95 5.75 53.01
CA ILE F 111 -24.38 6.54 51.92
C ILE F 111 -23.62 5.77 50.85
N GLY F 112 -23.69 4.44 50.89
CA GLY F 112 -23.01 3.65 49.89
C GLY F 112 -21.49 3.62 50.03
N ALA F 113 -20.86 4.78 50.00
CA ALA F 113 -19.40 4.86 50.13
C ALA F 113 -18.93 4.25 51.46
N PHE F 114 -17.70 3.75 51.45
CA PHE F 114 -17.13 3.08 52.61
C PHE F 114 -16.47 4.04 53.61
N ALA F 115 -17.16 4.26 54.74
CA ALA F 115 -16.66 5.16 55.78
C ALA F 115 -15.87 4.42 56.85
N HIS F 116 -16.19 3.15 57.05
CA HIS F 116 -15.53 2.36 58.06
C HIS F 116 -14.76 1.18 57.48
N TRP F 117 -13.49 1.09 57.86
CA TRP F 117 -12.62 0.05 57.36
C TRP F 117 -11.92 -0.76 58.44
N GLY F 118 -11.69 -2.03 58.15
CA GLY F 118 -10.98 -2.89 59.08
C GLY F 118 -9.48 -2.64 58.89
N GLN F 119 -8.65 -3.18 59.78
CA GLN F 119 -7.22 -2.95 59.68
C GLN F 119 -6.60 -3.66 58.48
N GLY F 120 -7.36 -4.58 57.90
CA GLY F 120 -6.86 -5.32 56.75
C GLY F 120 -6.25 -6.67 57.10
N THR F 121 -6.32 -7.62 56.16
CA THR F 121 -5.77 -8.95 56.37
C THR F 121 -4.86 -9.35 55.20
N LEU F 122 -3.60 -9.64 55.49
CA LEU F 122 -2.66 -10.06 54.47
C LEU F 122 -2.82 -11.54 54.15
N VAL F 123 -3.13 -11.85 52.90
CA VAL F 123 -3.26 -13.24 52.45
C VAL F 123 -2.22 -13.51 51.37
N THR F 124 -1.28 -14.38 51.70
CA THR F 124 -0.23 -14.76 50.77
C THR F 124 -0.53 -16.16 50.24
N VAL F 125 -0.62 -16.27 48.92
CA VAL F 125 -0.91 -17.54 48.26
C VAL F 125 0.33 -17.96 47.49
N SER F 126 1.01 -18.98 47.98
CA SER F 126 2.23 -19.45 47.35
C SER F 126 2.51 -20.91 47.67
N SER F 127 3.35 -21.54 46.85
CA SER F 127 3.74 -22.93 47.07
C SER F 127 5.09 -22.93 47.79
N ALA F 128 5.67 -21.76 48.00
CA ALA F 128 6.95 -21.69 48.68
C ALA F 128 6.81 -22.17 50.12
N SER F 129 7.94 -22.54 50.71
CA SER F 129 7.97 -23.03 52.09
C SER F 129 8.54 -21.95 52.99
N THR F 130 8.05 -21.89 54.22
CA THR F 130 8.56 -20.92 55.18
C THR F 130 10.06 -21.08 55.20
N LYS F 131 10.80 -19.98 55.24
CA LYS F 131 12.25 -20.03 55.25
C LYS F 131 12.84 -18.74 55.79
N GLY F 132 13.80 -18.87 56.70
CA GLY F 132 14.47 -17.70 57.25
C GLY F 132 15.35 -17.10 56.15
N PRO F 133 15.62 -15.80 56.19
CA PRO F 133 16.46 -15.17 55.16
C PRO F 133 17.94 -15.24 55.45
N SER F 134 18.74 -15.20 54.40
CA SER F 134 20.18 -15.17 54.57
C SER F 134 20.50 -13.68 54.68
N VAL F 135 21.40 -13.30 55.55
CA VAL F 135 21.75 -11.90 55.69
C VAL F 135 23.19 -11.67 55.27
N PHE F 136 23.38 -11.05 54.10
CA PHE F 136 24.71 -10.78 53.58
C PHE F 136 25.06 -9.31 53.76
N PRO F 137 26.33 -9.03 54.08
CA PRO F 137 26.73 -7.63 54.27
C PRO F 137 26.96 -6.87 52.97
N LEU F 138 26.66 -5.58 53.01
CA LEU F 138 26.91 -4.68 51.89
C LEU F 138 28.04 -3.84 52.48
N ALA F 139 29.25 -4.37 52.39
CA ALA F 139 30.44 -3.75 52.94
C ALA F 139 30.81 -2.36 52.44
N PRO F 140 31.04 -1.43 53.38
CA PRO F 140 31.41 -0.07 53.05
C PRO F 140 32.80 -0.13 52.43
N SER F 141 32.89 0.20 51.16
CA SER F 141 34.16 0.16 50.45
C SER F 141 34.34 1.45 49.70
N SER F 142 35.24 1.44 48.73
CA SER F 142 35.47 2.62 47.92
C SER F 142 34.40 2.57 46.83
N LYS F 143 33.36 1.79 47.09
CA LYS F 143 32.23 1.62 46.18
C LYS F 143 31.74 2.95 45.65
N SER F 144 32.09 3.84 46.56
CA SER F 144 31.64 5.23 46.43
C SER F 144 32.73 6.13 46.98
N THR F 145 32.50 6.08 48.29
CA THR F 145 33.36 6.57 49.34
C THR F 145 33.57 8.07 49.24
N SER F 146 33.23 8.32 47.99
CA SER F 146 33.55 9.69 47.58
C SER F 146 32.92 10.73 48.51
N GLY F 147 33.76 11.56 49.10
CA GLY F 147 33.27 12.58 50.00
C GLY F 147 33.33 12.08 51.42
N GLY F 148 32.86 12.88 52.37
CA GLY F 148 32.87 12.46 53.75
C GLY F 148 31.71 11.53 54.03
N THR F 149 31.09 11.02 52.97
CA THR F 149 29.95 10.11 53.08
C THR F 149 30.24 8.69 52.61
N ALA F 150 29.81 7.73 53.42
CA ALA F 150 29.99 6.33 53.10
C ALA F 150 28.64 5.61 53.24
N ALA F 151 28.46 4.57 52.43
CA ALA F 151 27.22 3.81 52.48
C ALA F 151 27.55 2.37 52.80
N LEU F 152 26.70 1.74 53.60
CA LEU F 152 26.88 0.34 53.96
C LEU F 152 25.50 -0.22 54.26
N GLY F 153 25.38 -1.53 54.36
CA GLY F 153 24.08 -2.09 54.63
C GLY F 153 24.02 -3.59 54.81
N CYS F 154 22.84 -4.14 54.56
CA CYS F 154 22.58 -5.57 54.70
C CYS F 154 21.62 -6.04 53.64
N LEU F 155 21.88 -7.23 53.09
CA LEU F 155 21.01 -7.82 52.08
C LEU F 155 20.27 -8.98 52.72
N VAL F 156 18.98 -8.77 53.01
CA VAL F 156 18.17 -9.82 53.61
C VAL F 156 17.64 -10.62 52.43
N LYS F 157 18.26 -11.76 52.15
CA LYS F 157 17.88 -12.53 50.98
C LYS F 157 17.17 -13.88 51.13
N ASP F 158 16.26 -14.11 50.18
CA ASP F 158 15.46 -15.31 50.05
C ASP F 158 14.67 -15.78 51.27
N TYR F 159 13.73 -14.96 51.72
CA TYR F 159 12.91 -15.37 52.86
C TYR F 159 11.46 -15.50 52.42
N PHE F 160 10.66 -16.14 53.26
CA PHE F 160 9.25 -16.33 52.98
C PHE F 160 8.52 -16.84 54.22
N PRO F 161 7.34 -16.28 54.49
CA PRO F 161 6.72 -15.20 53.70
C PRO F 161 7.06 -13.85 54.32
N GLU F 162 6.32 -12.83 53.90
CA GLU F 162 6.49 -11.49 54.46
C GLU F 162 5.87 -11.62 55.86
N PRO F 163 6.25 -10.76 56.79
CA PRO F 163 7.21 -9.66 56.65
C PRO F 163 8.52 -9.91 57.36
N VAL F 164 9.45 -9.00 57.14
CA VAL F 164 10.76 -9.04 57.80
C VAL F 164 10.95 -7.64 58.33
N THR F 165 11.64 -7.53 59.46
CA THR F 165 11.92 -6.23 60.06
C THR F 165 13.42 -6.09 60.18
N VAL F 166 13.90 -4.86 60.05
CA VAL F 166 15.33 -4.61 60.16
C VAL F 166 15.59 -3.35 60.95
N SER F 167 16.60 -3.41 61.82
CA SER F 167 16.97 -2.25 62.60
C SER F 167 18.50 -2.23 62.58
N TRP F 168 19.09 -1.11 62.97
CA TRP F 168 20.53 -1.04 63.03
C TRP F 168 20.94 -0.77 64.47
N ASN F 169 22.10 -1.30 64.84
CA ASN F 169 22.63 -1.16 66.18
C ASN F 169 21.53 -1.17 67.25
N SER F 170 20.63 -2.15 67.13
CA SER F 170 19.52 -2.33 68.06
C SER F 170 18.57 -1.13 68.18
N GLY F 171 18.48 -0.34 67.13
CA GLY F 171 17.60 0.81 67.15
C GLY F 171 18.33 2.11 67.47
N ALA F 172 19.59 2.01 67.86
CA ALA F 172 20.39 3.18 68.19
C ALA F 172 20.58 4.09 66.97
N LEU F 173 20.84 3.48 65.82
CA LEU F 173 21.04 4.20 64.58
C LEU F 173 19.76 4.19 63.73
N THR F 174 19.25 5.36 63.42
CA THR F 174 18.04 5.47 62.62
C THR F 174 18.23 6.52 61.53
N SER F 175 19.09 7.49 61.82
CA SER F 175 19.38 8.56 60.91
C SER F 175 20.13 8.05 59.67
N GLY F 176 19.62 8.36 58.49
CA GLY F 176 20.27 7.91 57.27
C GLY F 176 19.94 6.49 56.85
N VAL F 177 19.06 5.84 57.62
CA VAL F 177 18.65 4.47 57.33
C VAL F 177 17.56 4.42 56.24
N HIS F 178 17.69 3.45 55.34
CA HIS F 178 16.73 3.25 54.27
C HIS F 178 16.54 1.75 54.08
N THR F 179 15.41 1.23 54.56
CA THR F 179 15.09 -0.18 54.41
C THR F 179 14.12 -0.21 53.24
N PHE F 180 14.49 -0.93 52.18
CA PHE F 180 13.65 -0.97 51.00
C PHE F 180 12.54 -2.02 51.01
N PRO F 181 11.44 -1.74 50.30
CA PRO F 181 10.35 -2.70 50.25
C PRO F 181 10.94 -3.98 49.66
N ALA F 182 10.40 -5.12 50.05
CA ALA F 182 10.91 -6.35 49.52
C ALA F 182 10.41 -6.53 48.10
N VAL F 183 11.06 -7.41 47.36
CA VAL F 183 10.64 -7.69 46.00
C VAL F 183 10.45 -9.20 45.99
N LEU F 184 9.43 -9.65 45.26
CA LEU F 184 9.14 -11.07 45.13
C LEU F 184 9.93 -11.54 43.92
N GLN F 185 10.90 -12.41 44.15
CA GLN F 185 11.74 -12.95 43.07
C GLN F 185 11.01 -14.04 42.31
N SER F 186 11.55 -14.43 41.16
CA SER F 186 10.94 -15.48 40.34
C SER F 186 10.95 -16.82 41.09
N SER F 187 11.75 -16.87 42.16
CA SER F 187 11.87 -18.06 42.98
C SER F 187 10.66 -18.24 43.90
N GLY F 188 9.97 -17.13 44.18
CA GLY F 188 8.83 -17.19 45.07
C GLY F 188 9.32 -16.79 46.44
N LEU F 189 10.59 -16.39 46.51
CA LEU F 189 11.19 -15.94 47.76
C LEU F 189 11.38 -14.42 47.74
N TYR F 190 11.28 -13.82 48.92
CA TYR F 190 11.42 -12.37 49.06
C TYR F 190 12.84 -11.92 49.34
N SER F 191 13.17 -10.75 48.82
CA SER F 191 14.48 -10.17 49.03
C SER F 191 14.31 -8.69 49.27
N LEU F 192 15.14 -8.15 50.14
CA LEU F 192 15.09 -6.74 50.44
C LEU F 192 16.46 -6.30 50.93
N SER F 193 16.71 -5.01 50.91
CA SER F 193 17.98 -4.50 51.38
C SER F 193 17.72 -3.33 52.32
N SER F 194 18.61 -3.17 53.27
CA SER F 194 18.53 -2.07 54.23
C SER F 194 19.91 -1.42 54.24
N VAL F 195 19.98 -0.14 53.93
CA VAL F 195 21.25 0.57 53.91
C VAL F 195 21.25 1.77 54.84
N VAL F 196 22.45 2.31 55.05
CA VAL F 196 22.61 3.48 55.89
C VAL F 196 23.82 4.26 55.40
N THR F 197 23.67 5.59 55.33
CA THR F 197 24.76 6.45 54.92
C THR F 197 25.36 7.04 56.19
N VAL F 198 26.68 7.01 56.28
CA VAL F 198 27.37 7.52 57.46
C VAL F 198 28.63 8.28 57.08
N PRO F 199 29.21 9.00 58.05
CA PRO F 199 30.44 9.74 57.76
C PRO F 199 31.51 8.70 57.43
N SER F 200 32.29 8.92 56.37
CA SER F 200 33.32 7.96 56.03
C SER F 200 34.33 7.78 57.18
N SER F 201 34.50 8.83 57.97
CA SER F 201 35.44 8.76 59.09
C SER F 201 34.93 7.83 60.19
N SER F 202 33.65 7.48 60.13
CA SER F 202 33.04 6.57 61.12
C SER F 202 33.41 5.11 60.86
N LEU F 203 33.77 4.80 59.61
CA LEU F 203 34.09 3.43 59.23
C LEU F 203 35.21 2.76 60.05
N GLY F 204 36.29 3.49 60.33
CA GLY F 204 37.36 2.88 61.08
C GLY F 204 37.13 2.73 62.58
N THR F 205 36.01 3.24 63.09
CA THR F 205 35.77 3.18 64.53
C THR F 205 34.43 2.69 65.03
N GLN F 206 33.35 2.97 64.31
CA GLN F 206 32.04 2.53 64.77
C GLN F 206 31.64 1.16 64.23
N THR F 207 31.00 0.36 65.08
CA THR F 207 30.55 -0.96 64.67
C THR F 207 29.15 -0.83 64.13
N TYR F 208 28.91 -1.41 62.96
CA TYR F 208 27.61 -1.35 62.33
C TYR F 208 27.02 -2.75 62.22
N ILE F 209 25.94 -2.98 62.96
CA ILE F 209 25.27 -4.26 63.01
C ILE F 209 23.79 -4.14 62.63
N CYS F 210 23.34 -4.94 61.67
CA CYS F 210 21.93 -4.89 61.33
C CYS F 210 21.25 -6.05 62.05
N ASN F 211 20.10 -5.78 62.62
CA ASN F 211 19.34 -6.78 63.34
C ASN F 211 18.15 -7.15 62.49
N VAL F 212 18.13 -8.39 62.00
CA VAL F 212 17.04 -8.85 61.16
C VAL F 212 16.16 -9.88 61.85
N ASN F 213 14.85 -9.69 61.70
CA ASN F 213 13.90 -10.58 62.35
C ASN F 213 12.83 -11.06 61.39
N HIS F 214 12.66 -12.37 61.31
CA HIS F 214 11.64 -12.97 60.47
C HIS F 214 10.86 -13.90 61.40
N LYS F 215 9.79 -13.40 61.99
CA LYS F 215 9.01 -14.18 62.95
C LYS F 215 8.49 -15.51 62.40
N PRO F 216 7.95 -15.52 61.17
CA PRO F 216 7.43 -16.75 60.58
C PRO F 216 8.35 -17.95 60.75
N SER F 217 9.65 -17.73 60.64
CA SER F 217 10.60 -18.82 60.79
C SER F 217 11.41 -18.74 62.07
N ASN F 218 11.00 -17.87 62.98
CA ASN F 218 11.71 -17.69 64.24
C ASN F 218 13.19 -17.43 63.99
N THR F 219 13.47 -16.61 62.99
CA THR F 219 14.86 -16.29 62.65
C THR F 219 15.22 -14.90 63.16
N LYS F 220 16.33 -14.83 63.88
CA LYS F 220 16.83 -13.58 64.42
C LYS F 220 18.30 -13.52 64.06
N VAL F 221 18.68 -12.52 63.28
CA VAL F 221 20.07 -12.40 62.84
C VAL F 221 20.67 -11.03 63.15
N ASP F 222 21.95 -11.04 63.52
CA ASP F 222 22.70 -9.82 63.82
C ASP F 222 24.00 -9.90 63.05
N LYS F 223 24.03 -9.28 61.88
CA LYS F 223 25.23 -9.30 61.04
C LYS F 223 26.05 -8.04 61.19
N LYS F 224 27.30 -8.20 61.60
CA LYS F 224 28.18 -7.06 61.73
C LYS F 224 28.69 -6.76 60.32
N VAL F 225 28.58 -5.52 59.88
CA VAL F 225 29.05 -5.14 58.56
C VAL F 225 30.34 -4.34 58.71
N GLU F 226 31.43 -4.89 58.18
CA GLU F 226 32.73 -4.24 58.28
C GLU F 226 33.31 -3.78 56.95
N PRO F 227 34.20 -2.79 56.98
CA PRO F 227 34.80 -2.27 55.74
C PRO F 227 35.53 -3.38 55.00
N GLU G 1 -22.86 -8.33 28.89
CA GLU G 1 -24.02 -8.41 27.95
C GLU G 1 -23.93 -9.70 27.16
N ILE G 2 -24.64 -10.72 27.61
CA ILE G 2 -24.64 -12.01 26.93
C ILE G 2 -25.49 -12.00 25.66
N VAL G 3 -24.89 -12.39 24.54
CA VAL G 3 -25.59 -12.44 23.27
C VAL G 3 -26.08 -13.87 23.02
N LEU G 4 -27.37 -14.03 22.77
CA LEU G 4 -27.91 -15.36 22.51
C LEU G 4 -28.15 -15.54 21.03
N THR G 5 -27.61 -16.62 20.48
CA THR G 5 -27.76 -16.88 19.05
C THR G 5 -28.64 -18.10 18.80
N GLN G 6 -29.75 -17.86 18.11
CA GLN G 6 -30.68 -18.92 17.74
C GLN G 6 -30.52 -19.12 16.24
N SER G 7 -30.13 -20.32 15.83
CA SER G 7 -29.93 -20.61 14.41
C SER G 7 -30.37 -22.01 14.00
N PRO G 8 -31.04 -22.12 12.84
CA PRO G 8 -31.35 -21.00 11.94
C PRO G 8 -32.55 -20.20 12.43
N GLY G 9 -32.85 -19.10 11.76
CA GLY G 9 -33.96 -18.26 12.15
C GLY G 9 -35.32 -18.89 11.83
N THR G 10 -35.35 -19.76 10.84
CA THR G 10 -36.58 -20.42 10.44
C THR G 10 -36.34 -21.91 10.22
N GLN G 11 -37.32 -22.72 10.59
CA GLN G 11 -37.22 -24.16 10.40
C GLN G 11 -38.54 -24.69 9.85
N SER G 12 -38.47 -25.30 8.66
CA SER G 12 -39.65 -25.85 8.00
C SER G 12 -39.78 -27.33 8.28
N LEU G 13 -40.79 -27.70 9.06
CA LEU G 13 -41.01 -29.08 9.40
C LEU G 13 -42.46 -29.40 9.12
N SER G 14 -42.82 -30.67 9.11
CA SER G 14 -44.20 -31.06 8.86
C SER G 14 -44.87 -31.52 10.14
N PRO G 15 -46.19 -31.40 10.23
CA PRO G 15 -46.91 -31.82 11.43
C PRO G 15 -46.43 -33.20 11.88
N GLY G 16 -46.42 -33.43 13.19
CA GLY G 16 -46.00 -34.71 13.72
C GLY G 16 -44.51 -35.03 13.75
N GLU G 17 -43.66 -34.20 13.16
CA GLU G 17 -42.24 -34.48 13.20
C GLU G 17 -41.61 -34.02 14.51
N ARG G 18 -40.33 -34.32 14.67
CA ARG G 18 -39.59 -33.95 15.87
C ARG G 18 -38.89 -32.63 15.63
N ALA G 19 -38.99 -31.72 16.60
CA ALA G 19 -38.37 -30.42 16.46
C ALA G 19 -37.23 -30.21 17.46
N THR G 20 -36.13 -29.63 16.98
CA THR G 20 -34.96 -29.36 17.80
C THR G 20 -34.47 -27.94 17.54
N LEU G 21 -34.53 -27.10 18.56
CA LEU G 21 -34.10 -25.72 18.41
C LEU G 21 -32.92 -25.43 19.32
N SER G 22 -31.90 -24.76 18.78
CA SER G 22 -30.69 -24.45 19.55
C SER G 22 -30.51 -22.99 19.92
N CYS G 23 -29.81 -22.77 21.03
CA CYS G 23 -29.52 -21.43 21.54
C CYS G 23 -28.08 -21.49 22.07
N ARG G 24 -27.22 -20.62 21.55
CA ARG G 24 -25.82 -20.58 21.98
C ARG G 24 -25.55 -19.21 22.60
N ALA G 25 -24.90 -19.20 23.76
CA ALA G 25 -24.58 -17.95 24.44
C ALA G 25 -23.12 -17.56 24.22
N SER G 26 -22.88 -16.27 23.98
CA SER G 26 -21.53 -15.78 23.75
C SER G 26 -20.62 -16.02 24.94
N GLN G 27 -21.20 -16.52 26.01
CA GLN G 27 -20.46 -16.85 27.24
C GLN G 27 -21.36 -17.69 28.14
N SER G 28 -20.75 -18.41 29.06
CA SER G 28 -21.47 -19.28 29.98
C SER G 28 -22.61 -18.63 30.75
N VAL G 29 -23.72 -19.33 30.83
CA VAL G 29 -24.90 -18.83 31.54
C VAL G 29 -24.95 -19.46 32.93
N GLY G 30 -24.50 -18.71 33.93
CA GLY G 30 -24.49 -19.21 35.30
C GLY G 30 -25.75 -19.93 35.74
N ASN G 31 -25.62 -20.90 36.62
CA ASN G 31 -26.74 -21.68 37.15
C ASN G 31 -27.77 -22.11 36.12
N ASN G 32 -27.32 -22.14 34.86
CA ASN G 32 -28.22 -22.56 33.79
C ASN G 32 -29.58 -21.85 33.81
N LYS G 33 -29.55 -20.55 34.04
CA LYS G 33 -30.78 -19.78 34.06
C LYS G 33 -31.07 -19.29 32.64
N LEU G 34 -31.63 -20.20 31.86
CA LEU G 34 -31.99 -19.95 30.49
C LEU G 34 -33.41 -20.47 30.32
N ALA G 35 -34.29 -19.62 29.82
CA ALA G 35 -35.68 -20.01 29.64
C ALA G 35 -36.06 -20.02 28.17
N TRP G 36 -37.12 -20.75 27.84
CA TRP G 36 -37.62 -20.81 26.46
C TRP G 36 -39.05 -20.29 26.42
N TYR G 37 -39.35 -19.45 25.43
CA TYR G 37 -40.70 -18.91 25.29
C TYR G 37 -41.29 -19.19 23.93
N GLN G 38 -42.61 -19.27 23.89
CA GLN G 38 -43.35 -19.47 22.65
C GLN G 38 -44.22 -18.24 22.41
N GLN G 39 -44.25 -17.74 21.18
CA GLN G 39 -45.10 -16.61 20.88
C GLN G 39 -45.74 -16.75 19.51
N ARG G 40 -47.07 -16.72 19.52
CA ARG G 40 -47.88 -16.82 18.31
C ARG G 40 -48.15 -15.38 17.90
N PRO G 41 -48.48 -15.15 16.62
CA PRO G 41 -48.74 -13.78 16.16
C PRO G 41 -49.90 -13.17 16.94
N GLY G 42 -49.84 -11.87 17.18
CA GLY G 42 -50.90 -11.18 17.90
C GLY G 42 -51.16 -11.72 19.29
N GLN G 43 -50.11 -12.22 19.95
CA GLN G 43 -50.25 -12.76 21.29
C GLN G 43 -49.00 -12.53 22.13
N ALA G 44 -49.18 -12.53 23.44
CA ALA G 44 -48.07 -12.33 24.36
C ALA G 44 -47.28 -13.63 24.44
N PRO G 45 -45.97 -13.54 24.77
CA PRO G 45 -45.13 -14.73 24.89
C PRO G 45 -45.66 -15.67 25.98
N ARG G 46 -45.27 -16.93 25.90
CA ARG G 46 -45.68 -17.94 26.87
C ARG G 46 -44.45 -18.74 27.30
N LEU G 47 -44.35 -18.96 28.61
CA LEU G 47 -43.23 -19.70 29.20
C LEU G 47 -43.35 -21.22 29.00
N LEU G 48 -42.35 -21.83 28.36
CA LEU G 48 -42.33 -23.26 28.11
C LEU G 48 -41.34 -23.97 29.01
N ILE G 49 -40.17 -23.35 29.19
CA ILE G 49 -39.10 -23.92 29.98
C ILE G 49 -38.32 -22.84 30.74
N TYR G 50 -37.87 -23.20 31.94
CA TYR G 50 -37.07 -22.30 32.76
C TYR G 50 -35.99 -23.14 33.42
N GLY G 51 -34.83 -22.53 33.69
CA GLY G 51 -33.75 -23.28 34.29
C GLY G 51 -33.22 -24.32 33.30
N ALA G 52 -33.26 -23.97 32.01
CA ALA G 52 -32.77 -24.83 30.94
C ALA G 52 -33.52 -26.15 30.72
N SER G 53 -34.19 -26.68 31.75
CA SER G 53 -34.88 -27.95 31.57
C SER G 53 -36.10 -28.23 32.47
N SER G 54 -36.59 -27.22 33.17
CA SER G 54 -37.76 -27.41 34.01
C SER G 54 -38.97 -26.98 33.21
N ARG G 55 -40.08 -27.70 33.35
CA ARG G 55 -41.28 -27.37 32.61
C ARG G 55 -42.45 -27.11 33.56
N PRO G 56 -43.01 -25.89 33.50
CA PRO G 56 -44.13 -25.57 34.38
C PRO G 56 -45.38 -26.36 34.02
N SER G 57 -46.20 -26.62 35.04
CA SER G 57 -47.45 -27.36 34.84
C SER G 57 -48.31 -26.55 33.87
N GLY G 58 -48.95 -27.24 32.93
CA GLY G 58 -49.78 -26.55 31.96
C GLY G 58 -49.09 -26.49 30.62
N VAL G 59 -47.86 -27.00 30.56
CA VAL G 59 -47.10 -27.03 29.33
C VAL G 59 -47.01 -28.47 28.85
N ALA G 60 -47.61 -28.75 27.69
CA ALA G 60 -47.60 -30.10 27.13
C ALA G 60 -46.23 -30.75 27.31
N ASP G 61 -46.25 -32.02 27.72
CA ASP G 61 -45.05 -32.79 27.96
C ASP G 61 -44.14 -32.92 26.74
N ARG G 62 -44.71 -32.83 25.54
CA ARG G 62 -43.90 -32.94 24.34
C ARG G 62 -42.82 -31.87 24.22
N PHE G 63 -42.82 -30.92 25.16
CA PHE G 63 -41.82 -29.85 25.18
C PHE G 63 -40.80 -30.15 26.29
N SER G 64 -39.53 -30.16 25.93
CA SER G 64 -38.48 -30.42 26.91
C SER G 64 -37.27 -29.58 26.56
N GLY G 65 -36.40 -29.38 27.56
CA GLY G 65 -35.20 -28.58 27.34
C GLY G 65 -33.97 -29.21 27.97
N SER G 66 -32.80 -28.93 27.38
CA SER G 66 -31.56 -29.47 27.90
C SER G 66 -30.35 -28.61 27.52
N GLY G 67 -29.18 -29.05 27.96
CA GLY G 67 -27.96 -28.32 27.66
C GLY G 67 -27.51 -27.48 28.86
N SER G 68 -26.38 -26.79 28.70
CA SER G 68 -25.86 -25.95 29.76
C SER G 68 -24.71 -25.09 29.24
N GLY G 69 -24.10 -24.36 30.15
CA GLY G 69 -22.99 -23.49 29.77
C GLY G 69 -23.32 -22.54 28.64
N THR G 70 -22.90 -22.90 27.44
CA THR G 70 -23.11 -22.07 26.26
C THR G 70 -24.02 -22.68 25.22
N ASP G 71 -24.36 -23.96 25.38
CA ASP G 71 -25.21 -24.64 24.42
C ASP G 71 -26.44 -25.28 25.04
N PHE G 72 -27.61 -24.77 24.66
CA PHE G 72 -28.88 -25.27 25.18
C PHE G 72 -29.77 -25.65 24.02
N THR G 73 -30.79 -26.47 24.28
CA THR G 73 -31.66 -26.89 23.22
C THR G 73 -33.09 -27.19 23.67
N LEU G 74 -34.04 -26.80 22.83
CA LEU G 74 -35.44 -27.06 23.08
C LEU G 74 -35.89 -28.12 22.09
N THR G 75 -36.49 -29.19 22.60
CA THR G 75 -36.97 -30.26 21.74
C THR G 75 -38.47 -30.42 21.87
N ILE G 76 -39.12 -30.55 20.71
CA ILE G 76 -40.55 -30.74 20.64
C ILE G 76 -40.69 -32.10 19.96
N SER G 77 -40.94 -33.14 20.76
CA SER G 77 -41.04 -34.51 20.27
C SER G 77 -42.00 -34.73 19.10
N ARG G 78 -43.17 -34.09 19.15
CA ARG G 78 -44.14 -34.24 18.07
C ARG G 78 -44.85 -32.89 17.87
N LEU G 79 -44.73 -32.35 16.66
CA LEU G 79 -45.32 -31.05 16.33
C LEU G 79 -46.82 -31.03 16.03
N GLU G 80 -47.59 -30.42 16.93
CA GLU G 80 -49.03 -30.30 16.73
C GLU G 80 -49.24 -28.98 15.98
N PRO G 81 -50.39 -28.80 15.33
CA PRO G 81 -50.64 -27.57 14.60
C PRO G 81 -50.31 -26.29 15.39
N GLU G 82 -50.68 -26.26 16.65
CA GLU G 82 -50.43 -25.07 17.47
C GLU G 82 -48.96 -24.88 17.87
N ASP G 83 -48.11 -25.84 17.57
CA ASP G 83 -46.71 -25.69 17.94
C ASP G 83 -45.93 -24.84 16.94
N PHE G 84 -46.51 -24.62 15.76
CA PHE G 84 -45.83 -23.80 14.77
C PHE G 84 -45.91 -22.34 15.18
N ALA G 85 -44.79 -21.82 15.66
CA ALA G 85 -44.76 -20.45 16.12
C ALA G 85 -43.33 -19.97 16.20
N VAL G 86 -43.12 -18.87 16.93
CA VAL G 86 -41.77 -18.34 17.11
C VAL G 86 -41.30 -18.70 18.52
N TYR G 87 -40.09 -19.23 18.62
CA TYR G 87 -39.52 -19.62 19.89
C TYR G 87 -38.33 -18.72 20.27
N TYR G 88 -38.34 -18.26 21.52
CA TYR G 88 -37.28 -17.38 22.02
C TYR G 88 -36.58 -17.93 23.26
N CYS G 89 -35.25 -17.86 23.28
CA CYS G 89 -34.54 -18.27 24.48
C CYS G 89 -34.16 -16.97 25.20
N GLN G 90 -33.97 -17.07 26.51
CA GLN G 90 -33.63 -15.91 27.31
C GLN G 90 -32.75 -16.34 28.46
N GLN G 91 -31.69 -15.57 28.72
CA GLN G 91 -30.81 -15.90 29.84
C GLN G 91 -31.02 -14.84 30.91
N TYR G 92 -31.06 -15.28 32.16
CA TYR G 92 -31.22 -14.37 33.29
C TYR G 92 -30.24 -14.82 34.37
N GLY G 93 -29.06 -15.22 33.90
CA GLY G 93 -28.00 -15.68 34.79
C GLY G 93 -27.23 -14.49 35.30
N GLN G 94 -27.73 -13.31 34.97
CA GLN G 94 -27.13 -12.06 35.40
C GLN G 94 -28.16 -10.96 35.26
N SER G 95 -27.92 -9.84 35.94
CA SER G 95 -28.87 -8.72 35.91
C SER G 95 -29.31 -8.27 34.52
N LEU G 96 -28.37 -8.12 33.60
CA LEU G 96 -28.74 -7.69 32.26
C LEU G 96 -29.27 -8.89 31.48
N SER G 97 -30.56 -9.16 31.60
CA SER G 97 -31.16 -10.29 30.88
C SER G 97 -31.24 -10.00 29.40
N THR G 98 -31.17 -11.04 28.58
CA THR G 98 -31.27 -10.87 27.15
C THR G 98 -32.00 -12.02 26.48
N PHE G 99 -32.60 -11.72 25.33
CA PHE G 99 -33.34 -12.70 24.54
C PHE G 99 -32.61 -12.97 23.23
N GLY G 100 -32.82 -14.15 22.65
CA GLY G 100 -32.21 -14.45 21.38
C GLY G 100 -33.10 -13.76 20.35
N GLN G 101 -32.69 -13.77 19.09
CA GLN G 101 -33.48 -13.12 18.04
C GLN G 101 -34.68 -14.00 17.65
N GLY G 102 -34.78 -15.17 18.27
CA GLY G 102 -35.89 -16.07 18.01
C GLY G 102 -35.81 -16.93 16.75
N THR G 103 -36.55 -18.04 16.78
CA THR G 103 -36.60 -18.97 15.64
C THR G 103 -38.05 -19.25 15.28
N LYS G 104 -38.37 -19.14 14.00
CA LYS G 104 -39.73 -19.39 13.55
C LYS G 104 -39.83 -20.82 13.08
N VAL G 105 -40.80 -21.54 13.62
CA VAL G 105 -41.05 -22.93 13.23
C VAL G 105 -42.32 -22.89 12.40
N GLU G 106 -42.14 -22.90 11.09
CA GLU G 106 -43.28 -22.87 10.17
C GLU G 106 -43.56 -24.25 9.61
N VAL G 107 -44.72 -24.40 8.99
CA VAL G 107 -45.12 -25.66 8.42
C VAL G 107 -44.50 -25.88 7.04
N LYS G 108 -44.02 -27.10 6.82
CA LYS G 108 -43.45 -27.46 5.53
C LYS G 108 -44.60 -28.14 4.77
N ARG G 109 -44.88 -27.66 3.57
CA ARG G 109 -45.95 -28.24 2.77
C ARG G 109 -45.46 -28.26 1.34
N THR G 110 -46.25 -28.82 0.44
CA THR G 110 -45.85 -28.88 -0.96
C THR G 110 -45.72 -27.50 -1.57
N VAL G 111 -44.81 -27.37 -2.52
CA VAL G 111 -44.59 -26.11 -3.19
C VAL G 111 -45.88 -25.66 -3.87
N ALA G 112 -46.18 -24.37 -3.79
CA ALA G 112 -47.39 -23.86 -4.41
C ALA G 112 -47.08 -22.51 -5.03
N ALA G 113 -47.15 -22.45 -6.35
CA ALA G 113 -46.90 -21.21 -7.07
C ALA G 113 -48.05 -20.26 -6.73
N PRO G 114 -47.76 -18.96 -6.63
CA PRO G 114 -48.84 -18.02 -6.31
C PRO G 114 -49.70 -17.70 -7.51
N SER G 115 -50.90 -17.20 -7.24
CA SER G 115 -51.79 -16.74 -8.28
C SER G 115 -51.49 -15.25 -8.22
N VAL G 116 -51.16 -14.67 -9.38
CA VAL G 116 -50.79 -13.27 -9.45
C VAL G 116 -51.88 -12.36 -10.00
N PHE G 117 -52.11 -11.26 -9.31
CA PHE G 117 -53.12 -10.28 -9.69
C PHE G 117 -52.51 -8.90 -9.61
N ILE G 118 -52.90 -8.03 -10.53
CA ILE G 118 -52.40 -6.66 -10.54
C ILE G 118 -53.60 -5.71 -10.57
N PHE G 119 -53.55 -4.66 -9.77
CA PHE G 119 -54.64 -3.71 -9.70
C PHE G 119 -54.17 -2.31 -10.08
N PRO G 120 -54.86 -1.66 -11.06
CA PRO G 120 -54.52 -0.32 -11.50
C PRO G 120 -55.05 0.64 -10.45
N PRO G 121 -54.53 1.88 -10.40
CA PRO G 121 -55.06 2.79 -9.38
C PRO G 121 -56.50 3.15 -9.72
N SER G 122 -57.33 3.29 -8.70
CA SER G 122 -58.73 3.64 -8.92
C SER G 122 -58.85 5.09 -9.34
N ASP G 123 -59.93 5.41 -10.03
CA ASP G 123 -60.18 6.77 -10.47
C ASP G 123 -60.31 7.69 -9.27
N GLU G 124 -60.92 7.18 -8.20
CA GLU G 124 -61.09 7.96 -6.98
C GLU G 124 -59.76 8.43 -6.40
N GLN G 125 -58.77 7.54 -6.33
CA GLN G 125 -57.48 7.93 -5.77
C GLN G 125 -56.76 8.90 -6.70
N LEU G 126 -56.77 8.62 -8.01
CA LEU G 126 -56.11 9.48 -8.98
C LEU G 126 -56.62 10.90 -8.87
N LYS G 127 -57.86 11.04 -8.40
CA LYS G 127 -58.49 12.35 -8.23
C LYS G 127 -57.78 13.06 -7.08
N SER G 128 -57.25 12.26 -6.15
CA SER G 128 -56.53 12.77 -5.00
C SER G 128 -55.19 13.34 -5.42
N GLY G 129 -54.71 12.89 -6.57
CA GLY G 129 -53.44 13.36 -7.09
C GLY G 129 -52.34 12.32 -6.98
N THR G 130 -52.63 11.18 -6.37
CA THR G 130 -51.65 10.12 -6.23
C THR G 130 -52.11 8.83 -6.89
N ALA G 131 -51.16 8.03 -7.34
CA ALA G 131 -51.47 6.76 -8.00
C ALA G 131 -50.80 5.60 -7.28
N SER G 132 -51.61 4.65 -6.83
CA SER G 132 -51.10 3.46 -6.16
C SER G 132 -51.45 2.23 -6.98
N VAL G 133 -50.43 1.54 -7.46
CA VAL G 133 -50.61 0.33 -8.26
C VAL G 133 -50.38 -0.82 -7.31
N VAL G 134 -51.33 -1.74 -7.24
CA VAL G 134 -51.21 -2.87 -6.33
C VAL G 134 -51.05 -4.20 -7.04
N CYS G 135 -50.15 -5.03 -6.53
CA CYS G 135 -49.91 -6.37 -7.09
C CYS G 135 -50.01 -7.40 -5.96
N LEU G 136 -50.82 -8.44 -6.19
CA LEU G 136 -51.04 -9.48 -5.19
C LEU G 136 -50.49 -10.87 -5.56
N LEU G 137 -49.85 -11.50 -4.58
CA LEU G 137 -49.33 -12.85 -4.74
C LEU G 137 -50.14 -13.64 -3.71
N ASN G 138 -51.07 -14.44 -4.22
CA ASN G 138 -51.98 -15.20 -3.40
C ASN G 138 -51.62 -16.65 -3.13
N ASN G 139 -51.63 -16.98 -1.84
CA ASN G 139 -51.40 -18.33 -1.33
C ASN G 139 -50.27 -19.15 -1.93
N PHE G 140 -49.04 -18.82 -1.58
CA PHE G 140 -47.91 -19.58 -2.11
C PHE G 140 -47.02 -20.13 -1.01
N TYR G 141 -46.10 -21.02 -1.41
CA TYR G 141 -45.14 -21.65 -0.52
C TYR G 141 -44.05 -22.29 -1.38
N PRO G 142 -42.78 -22.18 -0.96
CA PRO G 142 -42.29 -21.50 0.26
C PRO G 142 -42.48 -19.98 0.25
N ARG G 143 -42.17 -19.35 1.38
CA ARG G 143 -42.32 -17.90 1.53
C ARG G 143 -41.44 -17.06 0.62
N GLU G 144 -40.31 -17.62 0.19
CA GLU G 144 -39.39 -16.89 -0.68
C GLU G 144 -39.98 -16.55 -2.04
N ALA G 145 -40.20 -15.25 -2.27
CA ALA G 145 -40.74 -14.77 -3.52
C ALA G 145 -40.10 -13.43 -3.84
N LYS G 146 -40.07 -13.06 -5.12
CA LYS G 146 -39.49 -11.76 -5.50
C LYS G 146 -40.37 -11.07 -6.53
N VAL G 147 -40.83 -9.87 -6.18
CA VAL G 147 -41.67 -9.09 -7.06
C VAL G 147 -40.79 -8.05 -7.74
N GLN G 148 -41.17 -7.60 -8.92
CA GLN G 148 -40.39 -6.60 -9.63
C GLN G 148 -41.32 -5.75 -10.46
N TRP G 149 -41.36 -4.46 -10.15
CA TRP G 149 -42.21 -3.56 -10.90
C TRP G 149 -41.47 -3.12 -12.15
N LYS G 150 -42.21 -2.99 -13.23
CA LYS G 150 -41.65 -2.57 -14.50
C LYS G 150 -42.65 -1.67 -15.20
N VAL G 151 -42.22 -0.46 -15.52
CA VAL G 151 -43.05 0.51 -16.20
C VAL G 151 -42.42 0.70 -17.57
N ASP G 152 -43.16 0.33 -18.62
CA ASP G 152 -42.66 0.42 -19.98
C ASP G 152 -41.34 -0.34 -20.03
N ASN G 153 -41.37 -1.55 -19.48
CA ASN G 153 -40.21 -2.42 -19.43
C ASN G 153 -39.04 -1.79 -18.71
N ALA G 154 -39.32 -0.88 -17.78
CA ALA G 154 -38.26 -0.22 -17.02
C ALA G 154 -38.34 -0.66 -15.56
N LEU G 155 -37.30 -1.35 -15.09
CA LEU G 155 -37.25 -1.83 -13.71
C LEU G 155 -37.35 -0.67 -12.73
N GLN G 156 -38.33 -0.74 -11.83
CA GLN G 156 -38.53 0.31 -10.83
C GLN G 156 -37.70 0.02 -9.58
N SER G 157 -37.38 1.05 -8.81
CA SER G 157 -36.59 0.89 -7.59
C SER G 157 -36.92 1.98 -6.60
N GLY G 158 -36.91 1.63 -5.32
CA GLY G 158 -37.19 2.60 -4.28
C GLY G 158 -38.55 3.27 -4.26
N ASN G 159 -39.50 2.81 -5.07
CA ASN G 159 -40.83 3.44 -5.07
C ASN G 159 -42.01 2.52 -4.77
N SER G 160 -41.72 1.40 -4.10
CA SER G 160 -42.77 0.46 -3.74
C SER G 160 -42.53 -0.10 -2.34
N GLN G 161 -43.52 -0.78 -1.80
CA GLN G 161 -43.41 -1.38 -0.48
C GLN G 161 -44.23 -2.65 -0.47
N GLU G 162 -43.80 -3.62 0.33
CA GLU G 162 -44.54 -4.85 0.41
C GLU G 162 -44.76 -5.37 1.81
N SER G 163 -45.80 -6.18 1.93
CA SER G 163 -46.19 -6.76 3.19
C SER G 163 -46.53 -8.22 2.91
N VAL G 164 -46.20 -9.07 3.88
CA VAL G 164 -46.47 -10.49 3.77
C VAL G 164 -47.31 -10.89 4.97
N THR G 165 -48.24 -11.81 4.75
CA THR G 165 -49.11 -12.29 5.83
C THR G 165 -48.42 -13.41 6.58
N GLU G 166 -48.95 -13.73 7.75
CA GLU G 166 -48.46 -14.84 8.56
C GLU G 166 -48.90 -16.10 7.81
N GLN G 167 -48.26 -17.23 8.09
CA GLN G 167 -48.62 -18.47 7.42
C GLN G 167 -50.06 -18.87 7.74
N ASP G 168 -50.85 -19.12 6.70
CA ASP G 168 -52.25 -19.50 6.86
C ASP G 168 -52.36 -20.75 7.72
N SER G 169 -53.23 -20.70 8.73
CA SER G 169 -53.41 -21.84 9.62
C SER G 169 -54.02 -23.05 8.90
N LYS G 170 -54.77 -22.79 7.83
CA LYS G 170 -55.40 -23.89 7.10
C LYS G 170 -54.59 -24.45 5.93
N ASP G 171 -54.20 -23.62 4.96
CA ASP G 171 -53.43 -24.15 3.84
C ASP G 171 -51.91 -23.95 3.94
N SER G 172 -51.45 -23.39 5.07
CA SER G 172 -50.04 -23.16 5.32
C SER G 172 -49.29 -22.41 4.20
N THR G 173 -49.95 -21.43 3.61
CA THR G 173 -49.35 -20.64 2.54
C THR G 173 -49.17 -19.20 2.99
N TYR G 174 -48.50 -18.41 2.17
CA TYR G 174 -48.25 -17.00 2.44
C TYR G 174 -48.86 -16.15 1.34
N SER G 175 -49.15 -14.89 1.66
CA SER G 175 -49.66 -13.96 0.67
C SER G 175 -48.85 -12.67 0.74
N LEU G 176 -48.62 -12.07 -0.43
CA LEU G 176 -47.83 -10.87 -0.48
C LEU G 176 -48.53 -9.76 -1.26
N SER G 177 -48.45 -8.57 -0.70
CA SER G 177 -49.03 -7.36 -1.26
C SER G 177 -47.92 -6.35 -1.52
N SER G 178 -47.80 -5.91 -2.77
CA SER G 178 -46.78 -4.93 -3.13
C SER G 178 -47.44 -3.71 -3.75
N THR G 179 -47.15 -2.54 -3.20
CA THR G 179 -47.72 -1.28 -3.68
C THR G 179 -46.67 -0.37 -4.32
N LEU G 180 -46.90 -0.01 -5.58
CA LEU G 180 -46.01 0.90 -6.31
C LEU G 180 -46.70 2.26 -6.22
N THR G 181 -46.03 3.25 -5.65
CA THR G 181 -46.65 4.58 -5.52
C THR G 181 -46.00 5.60 -6.45
N LEU G 182 -46.85 6.35 -7.15
CA LEU G 182 -46.40 7.36 -8.09
C LEU G 182 -47.36 8.53 -8.05
N SER G 183 -46.90 9.69 -8.52
CA SER G 183 -47.75 10.87 -8.56
C SER G 183 -48.66 10.69 -9.78
N LYS G 184 -49.82 11.33 -9.75
CA LYS G 184 -50.73 11.23 -10.88
C LYS G 184 -49.98 11.63 -12.14
N ALA G 185 -49.08 12.59 -11.99
CA ALA G 185 -48.29 13.09 -13.11
C ALA G 185 -47.41 11.99 -13.69
N ASP G 186 -46.60 11.36 -12.85
CA ASP G 186 -45.71 10.30 -13.31
C ASP G 186 -46.51 9.15 -13.88
N TYR G 187 -47.64 8.85 -13.23
CA TYR G 187 -48.51 7.78 -13.67
C TYR G 187 -49.05 8.02 -15.08
N GLU G 188 -49.49 9.25 -15.34
CA GLU G 188 -50.05 9.62 -16.63
C GLU G 188 -49.00 9.85 -17.71
N LYS G 189 -47.79 9.36 -17.49
CA LYS G 189 -46.72 9.52 -18.45
C LYS G 189 -46.45 8.21 -19.18
N HIS G 190 -46.58 7.11 -18.47
CA HIS G 190 -46.30 5.78 -19.02
C HIS G 190 -47.55 4.99 -19.44
N LYS G 191 -47.34 3.83 -20.03
CA LYS G 191 -48.45 3.01 -20.52
C LYS G 191 -48.60 1.62 -19.91
N VAL G 192 -47.55 0.81 -20.05
CA VAL G 192 -47.58 -0.55 -19.55
C VAL G 192 -47.07 -0.72 -18.13
N TYR G 193 -47.99 -1.01 -17.21
CA TYR G 193 -47.65 -1.22 -15.81
C TYR G 193 -47.68 -2.72 -15.56
N ALA G 194 -46.52 -3.28 -15.28
CA ALA G 194 -46.42 -4.71 -15.05
C ALA G 194 -45.89 -5.11 -13.68
N CYS G 195 -46.17 -6.35 -13.32
CA CYS G 195 -45.74 -6.93 -12.08
C CYS G 195 -45.08 -8.26 -12.42
N GLU G 196 -43.78 -8.37 -12.18
CA GLU G 196 -43.06 -9.60 -12.49
C GLU G 196 -42.75 -10.40 -11.21
N VAL G 197 -43.27 -11.62 -11.15
CA VAL G 197 -43.11 -12.48 -9.99
C VAL G 197 -42.21 -13.70 -10.17
N THR G 198 -41.29 -13.88 -9.23
CA THR G 198 -40.39 -15.01 -9.25
C THR G 198 -40.56 -15.83 -7.97
N HIS G 199 -40.89 -17.10 -8.15
CA HIS G 199 -41.10 -18.01 -7.03
C HIS G 199 -40.70 -19.41 -7.47
N GLN G 200 -40.20 -20.23 -6.54
CA GLN G 200 -39.79 -21.56 -6.94
C GLN G 200 -40.93 -22.35 -7.56
N GLY G 201 -42.15 -22.00 -7.19
CA GLY G 201 -43.29 -22.72 -7.73
C GLY G 201 -43.49 -22.43 -9.20
N LEU G 202 -42.76 -21.45 -9.72
CA LEU G 202 -42.87 -21.07 -11.12
C LEU G 202 -41.64 -21.45 -11.95
N SER G 203 -41.86 -22.24 -12.99
CA SER G 203 -40.77 -22.67 -13.88
C SER G 203 -39.92 -21.47 -14.23
N SER G 204 -40.56 -20.44 -14.77
CA SER G 204 -39.88 -19.21 -15.13
C SER G 204 -40.76 -18.07 -14.63
N PRO G 205 -40.17 -16.89 -14.35
CA PRO G 205 -40.94 -15.74 -13.87
C PRO G 205 -42.25 -15.49 -14.60
N VAL G 206 -43.27 -15.08 -13.84
CA VAL G 206 -44.58 -14.79 -14.42
C VAL G 206 -44.81 -13.29 -14.33
N THR G 207 -45.39 -12.72 -15.37
CA THR G 207 -45.65 -11.29 -15.39
C THR G 207 -47.13 -11.00 -15.59
N LYS G 208 -47.63 -10.02 -14.86
CA LYS G 208 -49.02 -9.57 -14.95
C LYS G 208 -48.95 -8.08 -15.26
N SER G 209 -49.74 -7.61 -16.22
CA SER G 209 -49.69 -6.20 -16.58
C SER G 209 -50.96 -5.66 -17.22
N PHE G 210 -51.07 -4.34 -17.25
CA PHE G 210 -52.21 -3.63 -17.83
C PHE G 210 -51.74 -2.31 -18.43
N ASN G 211 -52.50 -1.78 -19.38
CA ASN G 211 -52.15 -0.52 -20.02
C ASN G 211 -53.05 0.59 -19.49
N ARG G 212 -52.44 1.68 -19.01
CA ARG G 212 -53.21 2.79 -18.47
C ARG G 212 -54.27 3.27 -19.44
N GLY G 213 -55.53 3.01 -19.09
CA GLY G 213 -56.64 3.42 -19.94
C GLY G 213 -57.23 2.30 -20.77
N GLU G 214 -58.15 1.55 -20.17
CA GLU G 214 -58.79 0.43 -20.86
C GLU G 214 -60.26 0.28 -20.45
N GLN H 1 -53.69 -17.89 40.82
CA GLN H 1 -53.54 -17.60 39.36
C GLN H 1 -53.28 -16.11 39.21
N VAL H 2 -52.24 -15.75 38.47
CA VAL H 2 -51.89 -14.34 38.29
C VAL H 2 -52.35 -13.72 36.99
N GLN H 3 -53.08 -12.62 37.10
CA GLN H 3 -53.57 -11.89 35.93
C GLN H 3 -52.98 -10.49 35.96
N LEU H 4 -52.28 -10.12 34.89
CA LEU H 4 -51.66 -8.83 34.73
C LEU H 4 -52.45 -8.04 33.68
N VAL H 5 -52.96 -6.87 34.08
CA VAL H 5 -53.75 -6.02 33.18
C VAL H 5 -53.06 -4.66 33.03
N GLN H 6 -52.67 -4.35 31.79
CA GLN H 6 -51.99 -3.11 31.47
C GLN H 6 -52.94 -2.03 30.95
N SER H 7 -52.48 -0.78 31.02
CA SER H 7 -53.25 0.37 30.54
C SER H 7 -53.30 0.46 29.00
N GLY H 8 -54.22 1.28 28.49
CA GLY H 8 -54.41 1.42 27.05
C GLY H 8 -53.27 1.92 26.16
N ALA H 9 -53.47 1.77 24.85
CA ALA H 9 -52.49 2.20 23.86
C ALA H 9 -52.17 3.68 24.01
N GLU H 10 -51.00 4.10 23.56
CA GLU H 10 -50.58 5.48 23.68
C GLU H 10 -49.98 6.04 22.38
N VAL H 11 -50.15 7.35 22.19
CA VAL H 11 -49.61 8.03 21.04
C VAL H 11 -48.82 9.23 21.60
N LYS H 12 -47.50 9.16 21.49
CA LYS H 12 -46.63 10.21 22.00
C LYS H 12 -45.80 10.88 20.93
N ARG H 13 -45.37 12.11 21.19
CA ARG H 13 -44.56 12.83 20.24
C ARG H 13 -43.10 12.75 20.66
N PRO H 14 -42.19 12.80 19.68
CA PRO H 14 -40.76 12.72 19.99
C PRO H 14 -40.40 13.69 21.12
N GLY H 15 -39.61 13.21 22.07
CA GLY H 15 -39.22 14.06 23.18
C GLY H 15 -40.13 13.96 24.39
N SER H 16 -41.37 13.49 24.20
CA SER H 16 -42.29 13.38 25.33
C SER H 16 -42.00 12.14 26.16
N SER H 17 -42.82 11.90 27.16
CA SER H 17 -42.69 10.75 28.04
C SER H 17 -43.99 9.99 28.12
N VAL H 18 -43.92 8.69 28.42
CA VAL H 18 -45.12 7.88 28.52
C VAL H 18 -45.03 7.08 29.82
N THR H 19 -46.18 6.71 30.35
CA THR H 19 -46.23 5.91 31.57
C THR H 19 -47.26 4.81 31.37
N VAL H 20 -46.81 3.58 31.47
CA VAL H 20 -47.67 2.42 31.29
C VAL H 20 -47.83 1.74 32.63
N SER H 21 -49.05 1.31 32.93
CA SER H 21 -49.33 0.66 34.21
C SER H 21 -49.65 -0.83 34.06
N CYS H 22 -49.39 -1.57 35.12
CA CYS H 22 -49.59 -3.02 35.16
C CYS H 22 -50.17 -3.38 36.52
N LYS H 23 -51.43 -3.80 36.55
CA LYS H 23 -52.08 -4.17 37.80
C LYS H 23 -52.16 -5.67 37.91
N ALA H 24 -51.62 -6.21 39.00
CA ALA H 24 -51.63 -7.66 39.22
C ALA H 24 -52.73 -8.05 40.19
N SER H 25 -53.32 -9.22 39.93
CA SER H 25 -54.38 -9.74 40.77
C SER H 25 -54.25 -11.26 40.82
N GLY H 26 -53.77 -11.78 41.96
CA GLY H 26 -53.62 -13.21 42.12
C GLY H 26 -52.26 -13.67 42.64
N GLY H 27 -51.99 -13.42 43.92
CA GLY H 27 -50.71 -13.84 44.48
C GLY H 27 -49.83 -12.67 44.87
N SER H 28 -49.37 -12.45 46.10
CA SER H 28 -48.54 -11.40 46.66
C SER H 28 -47.59 -10.72 45.66
N PHE H 29 -47.96 -9.45 45.72
CA PHE H 29 -47.29 -8.53 44.82
C PHE H 29 -45.83 -8.20 45.20
N SER H 30 -45.64 -7.74 46.43
CA SER H 30 -44.33 -7.33 46.92
C SER H 30 -43.07 -8.21 46.76
N THR H 31 -43.18 -9.53 46.91
CA THR H 31 -41.98 -10.35 46.80
C THR H 31 -41.68 -11.10 45.49
N TYR H 32 -42.27 -10.65 44.39
CA TYR H 32 -41.99 -11.29 43.10
C TYR H 32 -41.54 -10.25 42.09
N ALA H 33 -40.50 -10.61 41.34
CA ALA H 33 -39.93 -9.69 40.36
C ALA H 33 -40.82 -9.46 39.17
N LEU H 34 -41.08 -8.19 38.88
CA LEU H 34 -41.91 -7.76 37.77
C LEU H 34 -41.02 -7.04 36.75
N SER H 35 -40.93 -7.57 35.53
CA SER H 35 -40.11 -6.96 34.48
C SER H 35 -40.97 -6.36 33.36
N TRP H 36 -40.33 -5.54 32.53
CA TRP H 36 -40.97 -4.91 31.38
C TRP H 36 -40.22 -5.30 30.12
N VAL H 37 -40.95 -5.84 29.15
CA VAL H 37 -40.36 -6.27 27.90
C VAL H 37 -41.08 -5.63 26.72
N ARG H 38 -40.32 -5.26 25.69
CA ARG H 38 -40.95 -4.63 24.55
C ARG H 38 -40.65 -5.37 23.27
N GLN H 39 -41.46 -5.08 22.27
CA GLN H 39 -41.33 -5.72 20.98
C GLN H 39 -41.77 -4.79 19.86
N ALA H 40 -40.80 -4.29 19.10
CA ALA H 40 -41.09 -3.40 17.99
C ALA H 40 -41.79 -4.24 16.91
N PRO H 41 -42.64 -3.62 16.09
CA PRO H 41 -43.32 -4.40 15.06
C PRO H 41 -42.36 -5.28 14.24
N GLY H 42 -42.67 -6.58 14.17
CA GLY H 42 -41.85 -7.49 13.40
C GLY H 42 -40.53 -7.89 14.04
N ARG H 43 -40.07 -7.13 15.04
CA ARG H 43 -38.81 -7.44 15.70
C ARG H 43 -38.98 -8.37 16.91
N GLY H 44 -37.86 -8.75 17.53
CA GLY H 44 -37.91 -9.66 18.66
C GLY H 44 -38.17 -9.05 20.03
N LEU H 45 -38.10 -9.89 21.06
CA LEU H 45 -38.34 -9.48 22.44
C LEU H 45 -37.11 -8.82 23.06
N GLU H 46 -37.31 -7.72 23.77
CA GLU H 46 -36.20 -7.01 24.42
C GLU H 46 -36.52 -6.65 25.87
N TRP H 47 -35.69 -7.13 26.79
CA TRP H 47 -35.87 -6.85 28.22
C TRP H 47 -35.37 -5.43 28.55
N MET H 48 -36.22 -4.64 29.20
CA MET H 48 -35.86 -3.27 29.53
C MET H 48 -35.45 -3.06 31.00
N GLY H 49 -36.05 -3.83 31.90
CA GLY H 49 -35.73 -3.67 33.30
C GLY H 49 -36.85 -4.25 34.14
N GLY H 50 -36.68 -4.23 35.45
CA GLY H 50 -37.70 -4.78 36.32
C GLY H 50 -37.68 -4.19 37.72
N VAL H 51 -38.63 -4.60 38.54
CA VAL H 51 -38.70 -4.09 39.89
C VAL H 51 -39.24 -5.10 40.88
N ILE H 52 -38.57 -5.18 42.03
CA ILE H 52 -38.98 -6.06 43.11
C ILE H 52 -39.66 -5.10 44.08
N PRO H 53 -41.00 -5.12 44.11
CA PRO H 53 -41.83 -4.27 44.97
C PRO H 53 -41.43 -4.06 46.44
N LEU H 54 -41.11 -5.13 47.16
CA LEU H 54 -40.76 -5.03 48.58
C LEU H 54 -39.89 -3.83 48.98
N LEU H 55 -38.80 -3.59 48.26
CA LEU H 55 -37.97 -2.44 48.59
C LEU H 55 -37.69 -1.64 47.33
N THR H 56 -38.60 -1.75 46.36
CA THR H 56 -38.46 -1.05 45.09
C THR H 56 -37.03 -1.22 44.61
N ILE H 57 -36.56 -2.47 44.60
CA ILE H 57 -35.22 -2.74 44.13
C ILE H 57 -35.32 -2.86 42.62
N THR H 58 -34.72 -1.89 41.93
CA THR H 58 -34.77 -1.85 40.48
C THR H 58 -33.58 -2.46 39.75
N ASN H 59 -33.77 -2.66 38.44
CA ASN H 59 -32.78 -3.25 37.57
C ASN H 59 -33.14 -2.77 36.17
N TYR H 60 -32.24 -2.02 35.55
CA TYR H 60 -32.47 -1.50 34.21
C TYR H 60 -31.38 -1.92 33.25
N ALA H 61 -31.76 -2.17 32.00
CA ALA H 61 -30.78 -2.54 30.98
C ALA H 61 -29.98 -1.26 30.65
N PRO H 62 -28.67 -1.39 30.39
CA PRO H 62 -27.81 -0.24 30.05
C PRO H 62 -28.39 0.63 28.95
N ARG H 63 -28.96 -0.02 27.94
CA ARG H 63 -29.59 0.64 26.80
C ARG H 63 -30.63 1.69 27.19
N PHE H 64 -31.30 1.48 28.31
CA PHE H 64 -32.31 2.43 28.74
C PHE H 64 -31.94 3.26 29.96
N GLN H 65 -30.85 2.90 30.62
CA GLN H 65 -30.43 3.63 31.82
C GLN H 65 -30.37 5.13 31.60
N GLY H 66 -30.89 5.87 32.58
CA GLY H 66 -30.92 7.31 32.50
C GLY H 66 -32.16 7.80 31.80
N ARG H 67 -32.96 6.89 31.29
CA ARG H 67 -34.16 7.27 30.56
C ARG H 67 -35.37 6.46 30.99
N ILE H 68 -35.17 5.59 31.97
CA ILE H 68 -36.23 4.72 32.43
C ILE H 68 -36.45 4.75 33.95
N THR H 69 -37.69 4.55 34.37
CA THR H 69 -38.04 4.54 35.78
C THR H 69 -39.16 3.53 36.01
N ILE H 70 -38.89 2.51 36.80
CA ILE H 70 -39.89 1.50 37.11
C ILE H 70 -40.21 1.64 38.59
N THR H 71 -41.48 1.81 38.90
CA THR H 71 -41.91 1.93 40.30
C THR H 71 -43.07 0.97 40.52
N ALA H 72 -43.33 0.65 41.79
CA ALA H 72 -44.42 -0.24 42.12
C ALA H 72 -45.17 0.17 43.39
N ASP H 73 -46.47 0.33 43.29
CA ASP H 73 -47.28 0.69 44.44
C ASP H 73 -47.84 -0.58 45.04
N ARG H 74 -47.30 -0.95 46.21
CA ARG H 74 -47.73 -2.16 46.89
C ARG H 74 -49.16 -2.00 47.38
N SER H 75 -49.60 -0.75 47.46
CA SER H 75 -50.96 -0.43 47.90
C SER H 75 -52.03 -0.86 46.90
N THR H 76 -51.67 -0.92 45.62
CA THR H 76 -52.64 -1.33 44.59
C THR H 76 -52.13 -2.45 43.67
N SER H 77 -51.04 -3.10 44.07
CA SER H 77 -50.48 -4.18 43.26
C SER H 77 -50.27 -3.73 41.81
N THR H 78 -49.77 -2.53 41.63
CA THR H 78 -49.53 -1.99 40.29
C THR H 78 -48.09 -1.56 40.10
N ALA H 79 -47.50 -1.92 38.97
CA ALA H 79 -46.14 -1.53 38.69
C ALA H 79 -46.27 -0.48 37.59
N TYR H 80 -45.34 0.45 37.55
CA TYR H 80 -45.39 1.51 36.56
C TYR H 80 -44.10 1.59 35.77
N LEU H 81 -44.24 1.75 34.45
CA LEU H 81 -43.11 1.90 33.55
C LEU H 81 -43.13 3.30 32.95
N GLU H 82 -42.09 4.07 33.23
CA GLU H 82 -42.00 5.42 32.69
C GLU H 82 -40.77 5.51 31.80
N LEU H 83 -40.98 5.92 30.56
CA LEU H 83 -39.90 6.06 29.60
C LEU H 83 -39.91 7.49 29.09
N ASN H 84 -38.81 8.20 29.31
CA ASN H 84 -38.69 9.60 28.90
C ASN H 84 -37.93 9.72 27.58
N SER H 85 -37.84 10.93 27.06
CA SER H 85 -37.15 11.21 25.80
C SER H 85 -37.50 10.19 24.73
N LEU H 86 -38.80 10.07 24.44
CA LEU H 86 -39.27 9.12 23.46
C LEU H 86 -38.72 9.42 22.06
N ARG H 87 -38.37 8.36 21.33
CA ARG H 87 -37.85 8.44 19.98
C ARG H 87 -38.72 7.48 19.17
N PRO H 88 -38.86 7.69 17.85
CA PRO H 88 -39.69 6.78 17.05
C PRO H 88 -39.25 5.32 17.20
N GLU H 89 -37.99 5.10 17.51
CA GLU H 89 -37.49 3.73 17.70
C GLU H 89 -38.15 3.09 18.92
N ASP H 90 -38.82 3.89 19.74
CA ASP H 90 -39.47 3.36 20.93
C ASP H 90 -40.86 2.82 20.59
N THR H 91 -41.27 3.00 19.33
CA THR H 91 -42.57 2.51 18.90
C THR H 91 -42.56 1.01 19.05
N ALA H 92 -43.43 0.50 19.92
CA ALA H 92 -43.48 -0.93 20.17
C ALA H 92 -44.61 -1.33 21.11
N VAL H 93 -44.74 -2.65 21.32
CA VAL H 93 -45.71 -3.15 22.24
C VAL H 93 -44.92 -3.42 23.51
N TYR H 94 -45.37 -2.83 24.62
CA TYR H 94 -44.68 -3.02 25.89
C TYR H 94 -45.46 -3.99 26.77
N TYR H 95 -44.79 -5.04 27.23
CA TYR H 95 -45.42 -6.04 28.09
C TYR H 95 -44.80 -6.07 29.47
N CYS H 96 -45.63 -6.17 30.49
CA CYS H 96 -45.09 -6.35 31.82
C CYS H 96 -45.12 -7.87 31.95
N ALA H 97 -44.24 -8.42 32.78
CA ALA H 97 -44.20 -9.85 32.97
C ALA H 97 -43.67 -10.16 34.36
N ARG H 98 -44.33 -11.07 35.07
CA ARG H 98 -43.88 -11.43 36.41
C ARG H 98 -43.33 -12.86 36.40
N GLU H 99 -42.31 -13.10 37.21
CA GLU H 99 -41.69 -14.42 37.30
C GLU H 99 -42.68 -15.43 37.89
N GLY H 100 -42.49 -16.70 37.57
CA GLY H 100 -43.36 -17.74 38.08
C GLY H 100 -42.88 -18.35 39.39
N THR H 101 -43.62 -19.34 39.89
CA THR H 101 -43.26 -20.02 41.13
C THR H 101 -43.22 -21.53 40.92
N THR H 102 -42.47 -22.21 41.79
CA THR H 102 -42.29 -23.66 41.70
C THR H 102 -43.51 -24.53 41.95
N GLY H 103 -43.78 -25.42 40.99
CA GLY H 103 -44.90 -26.34 41.09
C GLY H 103 -46.27 -25.70 41.21
N TRP H 104 -46.85 -25.79 42.41
CA TRP H 104 -48.17 -25.25 42.68
C TRP H 104 -48.10 -23.90 43.37
N GLY H 105 -49.27 -23.33 43.66
CA GLY H 105 -49.34 -22.05 44.33
C GLY H 105 -48.54 -20.94 43.69
N TRP H 106 -48.49 -19.79 44.34
CA TRP H 106 -47.78 -18.63 43.84
C TRP H 106 -46.91 -18.01 44.94
N LEU H 107 -47.20 -18.39 46.18
CA LEU H 107 -46.44 -17.91 47.32
C LEU H 107 -45.27 -18.87 47.50
N GLY H 108 -44.99 -19.60 46.44
CA GLY H 108 -43.90 -20.56 46.45
C GLY H 108 -42.58 -19.96 46.03
N LYS H 109 -41.61 -20.84 45.75
CA LYS H 109 -40.29 -20.39 45.35
C LYS H 109 -40.30 -19.77 43.96
N PRO H 110 -39.72 -18.57 43.82
CA PRO H 110 -39.65 -17.85 42.55
C PRO H 110 -38.72 -18.60 41.60
N ILE H 111 -38.93 -18.45 40.29
CA ILE H 111 -38.09 -19.13 39.32
C ILE H 111 -37.34 -18.22 38.35
N GLY H 112 -37.57 -16.92 38.44
CA GLY H 112 -36.89 -15.99 37.55
C GLY H 112 -37.58 -15.80 36.21
N ALA H 113 -37.74 -16.88 35.45
CA ALA H 113 -38.38 -16.83 34.12
C ALA H 113 -39.77 -16.21 34.20
N PHE H 114 -40.20 -15.60 33.10
CA PHE H 114 -41.49 -14.94 33.05
C PHE H 114 -42.66 -15.88 32.74
N ALA H 115 -43.42 -16.20 33.78
CA ALA H 115 -44.56 -17.09 33.66
C ALA H 115 -45.86 -16.35 33.39
N HIS H 116 -45.93 -15.11 33.84
CA HIS H 116 -47.15 -14.31 33.67
C HIS H 116 -46.88 -13.07 32.85
N TRP H 117 -47.76 -12.82 31.88
CA TRP H 117 -47.61 -11.66 31.02
C TRP H 117 -48.88 -10.84 30.91
N GLY H 118 -48.72 -9.53 30.72
CA GLY H 118 -49.88 -8.67 30.55
C GLY H 118 -50.33 -8.77 29.11
N GLN H 119 -51.46 -8.16 28.75
CA GLN H 119 -51.93 -8.25 27.37
C GLN H 119 -51.13 -7.37 26.42
N GLY H 120 -50.28 -6.51 26.98
CA GLY H 120 -49.48 -5.65 26.13
C GLY H 120 -50.07 -4.27 25.89
N THR H 121 -49.19 -3.31 25.65
CA THR H 121 -49.61 -1.94 25.41
C THR H 121 -48.83 -1.40 24.23
N LEU H 122 -49.54 -0.98 23.18
CA LEU H 122 -48.91 -0.42 22.01
C LEU H 122 -48.58 1.05 22.26
N VAL H 123 -47.32 1.40 22.06
CA VAL H 123 -46.90 2.77 22.24
C VAL H 123 -46.26 3.23 20.94
N THR H 124 -46.92 4.18 20.29
CA THR H 124 -46.44 4.73 19.03
C THR H 124 -45.82 6.09 19.27
N VAL H 125 -44.56 6.25 18.87
CA VAL H 125 -43.89 7.53 19.02
C VAL H 125 -43.71 8.14 17.65
N SER H 126 -44.49 9.19 17.36
CA SER H 126 -44.43 9.85 16.07
C SER H 126 -44.83 11.31 16.15
N SER H 127 -44.50 12.06 15.10
CA SER H 127 -44.83 13.48 15.04
C SER H 127 -46.04 13.68 14.11
N ALA H 128 -46.58 12.56 13.62
CA ALA H 128 -47.74 12.60 12.74
C ALA H 128 -48.98 12.92 13.58
N SER H 129 -50.05 13.34 12.90
CA SER H 129 -51.30 13.68 13.56
C SER H 129 -52.36 12.65 13.22
N THR H 130 -53.21 12.33 14.19
CA THR H 130 -54.29 11.37 13.99
C THR H 130 -54.99 11.70 12.68
N LYS H 131 -55.14 10.71 11.81
CA LYS H 131 -55.80 10.94 10.54
C LYS H 131 -56.53 9.68 10.10
N GLY H 132 -57.79 9.84 9.70
CA GLY H 132 -58.57 8.71 9.23
C GLY H 132 -58.08 8.28 7.86
N PRO H 133 -58.27 7.01 7.48
CA PRO H 133 -57.81 6.56 6.17
C PRO H 133 -58.79 6.80 5.03
N SER H 134 -58.23 6.91 3.83
CA SER H 134 -59.03 7.07 2.63
C SER H 134 -59.08 5.61 2.17
N VAL H 135 -60.21 5.20 1.59
CA VAL H 135 -60.36 3.82 1.14
C VAL H 135 -60.66 3.72 -0.35
N PHE H 136 -59.72 3.18 -1.11
CA PHE H 136 -59.88 3.03 -2.56
C PHE H 136 -60.11 1.57 -2.91
N PRO H 137 -60.98 1.31 -3.90
CA PRO H 137 -61.25 -0.07 -4.29
C PRO H 137 -60.14 -0.70 -5.12
N LEU H 138 -60.06 -2.02 -5.02
CA LEU H 138 -59.11 -2.79 -5.79
C LEU H 138 -60.07 -3.62 -6.65
N ALA H 139 -60.55 -2.97 -7.71
CA ALA H 139 -61.50 -3.57 -8.64
C ALA H 139 -60.99 -4.82 -9.34
N PRO H 140 -61.82 -5.87 -9.40
CA PRO H 140 -61.44 -7.14 -10.04
C PRO H 140 -61.13 -6.98 -11.53
N SER H 141 -60.01 -7.56 -11.95
CA SER H 141 -59.54 -7.49 -13.33
C SER H 141 -60.56 -7.98 -14.35
N SER H 142 -60.34 -7.57 -15.60
CA SER H 142 -61.21 -7.94 -16.71
C SER H 142 -60.69 -9.21 -17.38
N LYS H 143 -59.36 -9.31 -17.45
CA LYS H 143 -58.69 -10.46 -18.06
C LYS H 143 -59.07 -11.81 -17.43
N SER H 144 -59.29 -11.81 -16.12
CA SER H 144 -59.65 -13.03 -15.41
C SER H 144 -61.13 -13.02 -15.00
N THR H 145 -62.01 -12.96 -16.00
CA THR H 145 -63.45 -12.93 -15.75
C THR H 145 -64.19 -14.12 -16.38
N SER H 146 -63.53 -14.82 -17.30
CA SER H 146 -64.12 -15.97 -17.98
C SER H 146 -64.17 -17.23 -17.11
N GLY H 147 -63.79 -17.09 -15.84
CA GLY H 147 -63.82 -18.23 -14.95
C GLY H 147 -62.66 -18.27 -13.97
N GLY H 148 -62.61 -19.34 -13.17
CA GLY H 148 -61.56 -19.49 -12.19
C GLY H 148 -61.79 -18.63 -10.96
N THR H 149 -60.71 -18.01 -10.49
CA THR H 149 -60.75 -17.16 -9.31
C THR H 149 -60.60 -15.70 -9.68
N ALA H 150 -61.27 -14.84 -8.93
CA ALA H 150 -61.19 -13.40 -9.14
C ALA H 150 -60.67 -12.82 -7.84
N ALA H 151 -59.87 -11.77 -7.93
CA ALA H 151 -59.32 -11.13 -6.74
C ALA H 151 -59.76 -9.68 -6.69
N LEU H 152 -60.26 -9.27 -5.55
CA LEU H 152 -60.68 -7.89 -5.36
C LEU H 152 -60.23 -7.50 -3.96
N GLY H 153 -60.29 -6.21 -3.65
CA GLY H 153 -59.85 -5.77 -2.33
C GLY H 153 -60.02 -4.30 -2.11
N CYS H 154 -59.43 -3.82 -1.02
CA CYS H 154 -59.51 -2.42 -0.65
C CYS H 154 -58.16 -1.91 -0.22
N LEU H 155 -57.80 -0.73 -0.71
CA LEU H 155 -56.54 -0.12 -0.34
C LEU H 155 -56.92 0.91 0.71
N VAL H 156 -56.37 0.72 1.91
CA VAL H 156 -56.63 1.60 3.05
C VAL H 156 -55.34 2.40 3.20
N LYS H 157 -55.36 3.64 2.70
CA LYS H 157 -54.17 4.48 2.72
C LYS H 157 -54.18 5.77 3.54
N ASP H 158 -52.98 6.18 3.95
CA ASP H 158 -52.74 7.39 4.71
C ASP H 158 -53.49 7.59 6.03
N TYR H 159 -53.32 6.67 6.97
CA TYR H 159 -53.96 6.82 8.27
C TYR H 159 -52.89 6.78 9.36
N PHE H 160 -53.28 7.25 10.55
CA PHE H 160 -52.41 7.28 11.72
C PHE H 160 -53.28 7.51 12.96
N PRO H 161 -53.01 6.77 14.05
CA PRO H 161 -51.95 5.76 14.14
C PRO H 161 -52.57 4.38 13.93
N GLU H 162 -51.80 3.34 14.18
CA GLU H 162 -52.33 1.98 14.07
C GLU H 162 -53.22 1.85 15.33
N PRO H 163 -54.19 0.93 15.32
CA PRO H 163 -54.56 -0.02 14.28
C PRO H 163 -55.81 0.38 13.53
N VAL H 164 -56.17 -0.47 12.58
CA VAL H 164 -57.37 -0.29 11.79
C VAL H 164 -57.84 -1.70 11.55
N THR H 165 -59.14 -1.90 11.37
CA THR H 165 -59.66 -3.24 11.12
C THR H 165 -60.47 -3.26 9.84
N VAL H 166 -60.41 -4.39 9.16
CA VAL H 166 -61.12 -4.54 7.91
C VAL H 166 -61.90 -5.83 7.97
N SER H 167 -63.16 -5.76 7.57
CA SER H 167 -63.98 -6.95 7.53
C SER H 167 -64.66 -6.85 6.19
N TRP H 168 -65.28 -7.94 5.75
CA TRP H 168 -65.98 -7.91 4.47
C TRP H 168 -67.43 -8.33 4.69
N ASN H 169 -68.33 -7.65 4.00
CA ASN H 169 -69.76 -7.92 4.10
C ASN H 169 -70.18 -8.13 5.55
N SER H 170 -69.73 -7.21 6.40
CA SER H 170 -70.04 -7.22 7.83
C SER H 170 -69.71 -8.54 8.51
N GLY H 171 -68.56 -9.10 8.17
CA GLY H 171 -68.15 -10.37 8.76
C GLY H 171 -68.69 -11.59 8.06
N ALA H 172 -69.62 -11.40 7.14
CA ALA H 172 -70.20 -12.51 6.41
C ALA H 172 -69.19 -13.23 5.51
N LEU H 173 -68.23 -12.48 4.97
CA LEU H 173 -67.23 -13.06 4.07
C LEU H 173 -65.85 -13.16 4.74
N THR H 174 -65.37 -14.36 5.01
CA THR H 174 -64.07 -14.55 5.65
C THR H 174 -63.13 -15.49 4.92
N SER H 175 -63.68 -16.46 4.20
CA SER H 175 -62.84 -17.40 3.47
C SER H 175 -62.13 -16.67 2.35
N GLY H 176 -60.84 -16.90 2.19
CA GLY H 176 -60.11 -16.24 1.12
C GLY H 176 -59.69 -14.81 1.40
N VAL H 177 -60.08 -14.29 2.55
CA VAL H 177 -59.72 -12.93 2.91
C VAL H 177 -58.29 -12.85 3.44
N HIS H 178 -57.57 -11.81 3.01
CA HIS H 178 -56.19 -11.57 3.46
C HIS H 178 -56.02 -10.08 3.73
N THR H 179 -55.89 -9.70 4.99
CA THR H 179 -55.65 -8.31 5.33
C THR H 179 -54.17 -8.25 5.70
N PHE H 180 -53.40 -7.55 4.88
CA PHE H 180 -51.96 -7.41 5.08
C PHE H 180 -51.52 -6.43 6.14
N PRO H 181 -50.39 -6.71 6.79
CA PRO H 181 -49.89 -5.81 7.83
C PRO H 181 -49.66 -4.43 7.20
N ALA H 182 -49.89 -3.39 7.96
CA ALA H 182 -49.67 -2.04 7.45
C ALA H 182 -48.19 -1.79 7.23
N VAL H 183 -47.89 -0.81 6.40
CA VAL H 183 -46.51 -0.41 6.15
C VAL H 183 -46.47 1.07 6.44
N LEU H 184 -45.42 1.50 7.14
CA LEU H 184 -45.25 2.90 7.49
C LEU H 184 -44.58 3.60 6.30
N GLN H 185 -45.26 4.60 5.73
CA GLN H 185 -44.71 5.33 4.60
C GLN H 185 -43.80 6.43 5.13
N SER H 186 -42.88 6.91 4.30
CA SER H 186 -41.96 7.96 4.72
C SER H 186 -42.72 9.23 5.09
N SER H 187 -44.00 9.28 4.72
CA SER H 187 -44.86 10.41 5.04
C SER H 187 -45.23 10.31 6.52
N GLY H 188 -44.86 9.20 7.14
CA GLY H 188 -45.18 9.00 8.54
C GLY H 188 -46.58 8.43 8.74
N LEU H 189 -47.27 8.15 7.62
CA LEU H 189 -48.61 7.59 7.67
C LEU H 189 -48.61 6.12 7.25
N TYR H 190 -49.55 5.36 7.82
CA TYR H 190 -49.68 3.93 7.54
C TYR H 190 -50.55 3.64 6.32
N SER H 191 -50.29 2.48 5.72
CA SER H 191 -51.04 2.04 4.57
C SER H 191 -51.08 0.52 4.59
N LEU H 192 -52.23 -0.02 4.20
CA LEU H 192 -52.39 -1.47 4.14
C LEU H 192 -53.48 -1.77 3.14
N SER H 193 -53.52 -3.01 2.67
CA SER H 193 -54.55 -3.41 1.74
C SER H 193 -55.20 -4.66 2.31
N SER H 194 -56.45 -4.88 1.91
CA SER H 194 -57.20 -6.05 2.34
C SER H 194 -57.82 -6.62 1.08
N VAL H 195 -57.51 -7.88 0.78
CA VAL H 195 -58.06 -8.48 -0.41
C VAL H 195 -58.84 -9.75 -0.11
N VAL H 196 -59.53 -10.25 -1.13
CA VAL H 196 -60.28 -11.47 -1.01
C VAL H 196 -60.49 -12.04 -2.40
N THR H 197 -60.21 -13.32 -2.53
CA THR H 197 -60.38 -14.00 -3.80
C THR H 197 -61.73 -14.69 -3.75
N VAL H 198 -62.42 -14.70 -4.89
CA VAL H 198 -63.74 -15.30 -4.94
C VAL H 198 -63.97 -15.93 -6.30
N PRO H 199 -65.00 -16.77 -6.42
CA PRO H 199 -65.30 -17.41 -7.70
C PRO H 199 -65.57 -16.30 -8.67
N SER H 200 -64.95 -16.35 -9.85
CA SER H 200 -65.18 -15.34 -10.87
C SER H 200 -66.66 -15.31 -11.27
N SER H 201 -67.31 -16.45 -11.17
CA SER H 201 -68.73 -16.56 -11.53
C SER H 201 -69.63 -15.78 -10.57
N SER H 202 -69.11 -15.40 -9.41
CA SER H 202 -69.92 -14.64 -8.46
C SER H 202 -69.80 -13.12 -8.61
N LEU H 203 -68.88 -12.67 -9.47
CA LEU H 203 -68.67 -11.24 -9.70
C LEU H 203 -69.87 -10.46 -10.20
N GLY H 204 -70.70 -11.08 -11.04
CA GLY H 204 -71.84 -10.35 -11.54
C GLY H 204 -73.11 -10.52 -10.72
N THR H 205 -73.01 -11.21 -9.59
CA THR H 205 -74.20 -11.47 -8.79
C THR H 205 -74.07 -11.22 -7.29
N GLN H 206 -72.85 -11.17 -6.78
CA GLN H 206 -72.63 -10.95 -5.35
C GLN H 206 -71.93 -9.63 -5.12
N THR H 207 -72.48 -8.81 -4.23
CA THR H 207 -71.84 -7.54 -3.94
C THR H 207 -70.80 -7.75 -2.84
N TYR H 208 -69.71 -7.01 -2.94
CA TYR H 208 -68.63 -7.10 -1.97
C TYR H 208 -68.39 -5.72 -1.39
N ILE H 209 -68.39 -5.65 -0.07
CA ILE H 209 -68.15 -4.38 0.61
C ILE H 209 -67.15 -4.56 1.73
N CYS H 210 -66.08 -3.76 1.72
CA CYS H 210 -65.11 -3.85 2.79
C CYS H 210 -65.49 -2.80 3.84
N ASN H 211 -65.58 -3.25 5.08
CA ASN H 211 -65.92 -2.38 6.18
C ASN H 211 -64.63 -2.00 6.88
N VAL H 212 -64.24 -0.73 6.73
CA VAL H 212 -63.01 -0.23 7.31
C VAL H 212 -63.31 0.60 8.55
N ASN H 213 -62.63 0.27 9.63
CA ASN H 213 -62.82 0.98 10.88
C ASN H 213 -61.47 1.42 11.46
N HIS H 214 -61.39 2.69 11.84
CA HIS H 214 -60.17 3.26 12.42
C HIS H 214 -60.62 4.06 13.64
N LYS H 215 -60.71 3.39 14.78
CA LYS H 215 -61.17 4.02 16.01
C LYS H 215 -60.41 5.28 16.45
N PRO H 216 -59.06 5.25 16.42
CA PRO H 216 -58.28 6.42 16.84
C PRO H 216 -58.80 7.75 16.26
N SER H 217 -59.41 7.68 15.09
CA SER H 217 -59.94 8.89 14.46
C SER H 217 -61.46 8.84 14.42
N ASN H 218 -62.03 7.75 14.92
CA ASN H 218 -63.48 7.59 14.95
C ASN H 218 -64.03 7.54 13.52
N THR H 219 -63.32 6.86 12.63
CA THR H 219 -63.75 6.75 11.24
C THR H 219 -64.33 5.36 10.98
N LYS H 220 -65.39 5.32 10.19
CA LYS H 220 -66.05 4.05 9.82
C LYS H 220 -66.39 4.17 8.34
N VAL H 221 -65.78 3.32 7.52
CA VAL H 221 -66.04 3.38 6.10
C VAL H 221 -66.50 2.08 5.45
N ASP H 222 -67.52 2.18 4.62
CA ASP H 222 -68.03 1.03 3.89
C ASP H 222 -67.80 1.36 2.42
N LYS H 223 -66.98 0.55 1.77
CA LYS H 223 -66.66 0.76 0.36
C LYS H 223 -67.04 -0.44 -0.51
N LYS H 224 -67.99 -0.23 -1.42
CA LYS H 224 -68.43 -1.29 -2.31
C LYS H 224 -67.36 -1.42 -3.40
N VAL H 225 -67.03 -2.65 -3.75
CA VAL H 225 -66.02 -2.89 -4.77
C VAL H 225 -66.59 -3.72 -5.91
N GLU H 226 -66.76 -3.09 -7.07
CA GLU H 226 -67.30 -3.78 -8.23
C GLU H 226 -66.41 -3.68 -9.45
N PRO H 227 -66.67 -4.51 -10.47
CA PRO H 227 -65.87 -4.51 -11.70
C PRO H 227 -65.83 -3.15 -12.37
N ASN I 1 14.28 8.77 -22.20
CA ASN I 1 15.67 8.85 -21.65
C ASN I 1 15.70 8.19 -20.28
N TRP I 2 16.60 7.23 -20.11
CA TRP I 2 16.75 6.53 -18.83
C TRP I 2 17.02 7.56 -17.73
N PHE I 3 17.88 8.52 -18.04
CA PHE I 3 18.25 9.57 -17.08
C PHE I 3 17.12 10.48 -16.59
N ASP I 4 15.94 10.35 -17.17
CA ASP I 4 14.77 11.15 -16.75
C ASP I 4 13.85 10.40 -15.80
N ILE I 5 14.00 9.08 -15.74
CA ILE I 5 13.10 8.28 -14.91
C ILE I 5 13.02 8.61 -13.42
N THR I 6 14.15 8.89 -12.79
CA THR I 6 14.13 9.19 -11.36
C THR I 6 13.39 10.48 -11.07
N ASN I 7 13.32 11.35 -12.07
CA ASN I 7 12.61 12.60 -11.87
C ASN I 7 11.11 12.33 -11.80
N AIB I 8 10.60 11.58 -12.77
CA AIB I 8 9.17 11.24 -12.81
C AIB I 8 8.86 10.53 -11.49
O AIB I 8 7.81 10.72 -10.90
CB1 AIB I 8 8.89 10.30 -13.99
CB2 AIB I 8 8.33 12.50 -12.94
N LEU I 9 9.81 9.73 -11.04
CA LEU I 9 9.66 8.96 -9.81
C LEU I 9 9.63 9.88 -8.58
N TRP I 10 10.46 10.92 -8.63
CA TRP I 10 10.57 11.88 -7.55
C TRP I 10 9.32 12.76 -7.46
N ARG I 11 8.69 13.01 -8.60
CA ARG I 11 7.50 13.85 -8.64
C ARG I 11 6.25 13.10 -8.19
N ARG I 12 6.39 11.79 -8.03
CA ARG I 12 5.27 10.97 -7.58
C ARG I 12 5.08 11.19 -6.09
N ASN J 1 17.24 -1.91 -22.37
CA ASN J 1 16.20 -1.80 -23.45
C ASN J 1 14.88 -1.33 -22.87
N TRP J 2 14.28 -0.33 -23.51
CA TRP J 2 13.00 0.19 -23.06
C TRP J 2 11.94 -0.90 -23.08
N PHE J 3 11.99 -1.74 -24.11
CA PHE J 3 11.02 -2.82 -24.26
C PHE J 3 11.07 -3.90 -23.20
N ASP J 4 12.09 -3.88 -22.36
CA ASP J 4 12.21 -4.87 -21.30
C ASP J 4 11.77 -4.30 -19.96
N ILE J 5 11.44 -3.02 -19.95
CA ILE J 5 11.04 -2.36 -18.71
C ILE J 5 9.77 -2.92 -18.06
N THR J 6 8.69 -3.03 -18.83
CA THR J 6 7.43 -3.53 -18.28
C THR J 6 7.62 -4.87 -17.59
N ASN J 7 8.51 -5.70 -18.12
CA ASN J 7 8.76 -7.00 -17.52
C ASN J 7 9.48 -6.79 -16.18
N AIB J 8 10.52 -5.97 -16.19
CA AIB J 8 11.27 -5.67 -14.97
C AIB J 8 10.25 -5.30 -13.91
O AIB J 8 10.24 -5.85 -12.81
CB1 AIB J 8 12.22 -4.51 -15.22
CB2 AIB J 8 12.07 -6.88 -14.53
N LEU J 9 9.37 -4.35 -14.24
CA LEU J 9 8.35 -3.87 -13.32
C LEU J 9 7.31 -4.90 -12.97
N TRP J 10 6.99 -5.78 -13.92
CA TRP J 10 6.00 -6.81 -13.72
C TRP J 10 6.48 -7.80 -12.66
N ARG J 11 7.76 -8.15 -12.73
CA ARG J 11 8.34 -9.09 -11.77
C ARG J 11 8.48 -8.51 -10.37
N ARG J 12 8.37 -7.19 -10.24
CA ARG J 12 8.47 -6.55 -8.93
C ARG J 12 7.34 -7.04 -8.02
N ASN K 1 -29.65 -0.77 41.37
CA ASN K 1 -28.28 -0.72 41.96
C ASN K 1 -28.29 -1.29 43.37
N TRP K 2 -27.47 -2.31 43.57
CA TRP K 2 -27.33 -2.95 44.86
C TRP K 2 -27.07 -1.89 45.93
N PHE K 3 -26.21 -0.94 45.59
CA PHE K 3 -25.85 0.11 46.53
C PHE K 3 -26.96 1.02 47.03
N ASP K 4 -28.14 0.95 46.41
CA ASP K 4 -29.26 1.79 46.83
C ASP K 4 -30.20 1.06 47.78
N ILE K 5 -30.06 -0.26 47.86
CA ILE K 5 -30.96 -1.04 48.69
C ILE K 5 -31.03 -0.69 50.17
N THR K 6 -29.89 -0.40 50.81
CA THR K 6 -29.92 -0.07 52.23
C THR K 6 -30.65 1.23 52.52
N ASN K 7 -30.76 2.10 51.53
CA ASN K 7 -31.47 3.36 51.72
C ASN K 7 -32.99 3.13 51.79
N AIB K 8 -33.49 2.30 50.87
CA AIB K 8 -34.91 1.97 50.82
C AIB K 8 -35.25 1.28 52.13
O AIB K 8 -36.29 1.53 52.74
CB1 AIB K 8 -35.16 1.02 49.65
CB2 AIB K 8 -35.76 3.22 50.65
N LEU K 9 -34.34 0.41 52.57
CA LEU K 9 -34.48 -0.35 53.80
C LEU K 9 -34.48 0.57 55.02
N TRP K 10 -33.78 1.70 54.90
CA TRP K 10 -33.69 2.66 55.98
C TRP K 10 -34.92 3.58 56.00
N ARG K 11 -35.37 4.00 54.82
CA ARG K 11 -36.54 4.87 54.74
C ARG K 11 -37.78 4.15 55.25
N ARG K 12 -37.73 2.83 55.27
CA ARG K 12 -38.86 2.05 55.77
C ARG K 12 -38.51 1.52 57.15
N ASN L 1 -26.68 -11.38 41.09
CA ASN L 1 -27.72 -11.33 40.03
C ASN L 1 -29.05 -10.91 40.61
N TRP L 2 -29.60 -9.83 40.09
CA TRP L 2 -30.89 -9.30 40.52
C TRP L 2 -31.98 -10.38 40.48
N PHE L 3 -31.90 -11.27 39.51
CA PHE L 3 -32.90 -12.32 39.35
C PHE L 3 -32.87 -13.40 40.42
N ASP L 4 -31.89 -13.32 41.31
CA ASP L 4 -31.79 -14.30 42.40
C ASP L 4 -32.24 -13.67 43.70
N ILE L 5 -32.54 -12.37 43.65
CA ILE L 5 -32.95 -11.67 44.85
C ILE L 5 -34.24 -12.20 45.48
N THR L 6 -35.32 -12.29 44.71
CA THR L 6 -36.58 -12.78 45.29
C THR L 6 -36.42 -14.13 45.97
N ASN L 7 -35.49 -14.95 45.48
CA ASN L 7 -35.25 -16.25 46.07
C ASN L 7 -34.55 -16.07 47.42
N AIB L 8 -33.47 -15.30 47.42
CA AIB L 8 -32.72 -15.03 48.64
C AIB L 8 -33.72 -14.54 49.68
O AIB L 8 -33.66 -14.93 50.85
CB1 AIB L 8 -31.68 -13.94 48.39
CB2 AIB L 8 -32.04 -16.29 49.13
N LEU L 9 -34.65 -13.69 49.23
CA LEU L 9 -35.66 -13.14 50.11
C LEU L 9 -36.72 -14.15 50.51
N TRP L 10 -37.09 -15.02 49.57
CA TRP L 10 -38.09 -16.05 49.82
C TRP L 10 -37.59 -16.97 50.93
N ARG L 11 -36.29 -17.24 50.94
CA ARG L 11 -35.71 -18.12 51.95
C ARG L 11 -35.69 -17.50 53.35
N ARG L 12 -35.75 -16.18 53.42
CA ARG L 12 -35.76 -15.51 54.72
C ARG L 12 -37.04 -15.89 55.46
#